data_4NCA
#
_entry.id   4NCA
#
_cell.length_a   110.950
_cell.length_b   117.561
_cell.length_c   160.380
_cell.angle_alpha   90.000
_cell.angle_beta   90.000
_cell.angle_gamma   90.000
#
_symmetry.space_group_name_H-M   'P 21 21 21'
#
loop_
_entity.id
_entity.type
_entity.pdbx_description
1 polymer Argonaute
2 polymer "5'-D(P*TP*GP*AP*GP*GP*TP*AP*GP*TP*AP*GP*GP*TP*TP*GP*TP*AP*TP*AP*GP*T)-3'"
3 polymer "5'-D(P*TP*AP*CP*TP*AP*CP*CP*TP*CP*G)-3'"
4 polymer "5'-D(*AP*CP*AP*AP*CP*C)-3'"
5 non-polymer "THYMIDINE-5'-PHOSPHATE"
6 non-polymer 'MAGNESIUM ION'
7 water water
#
loop_
_entity_poly.entity_id
_entity_poly.type
_entity_poly.pdbx_seq_one_letter_code
_entity_poly.pdbx_strand_id
1 'polypeptide(L)'
;MNHLGKTEVFLNRFALRPLNPEELRPWRLEVVLDPPPGREEVYPLLAQVARRAGGVTVRMGDGLASWSPPEVLVLEGTLA
RMGQTYAYRLYPKGRRPLDPKDPGERSVLSALARRLLQERLRRLEGVWVEGLAVYRREHARGPGWRVLGGAVLDLWVSDS
GAFLLEVDPAYRILCEMSLEAWLAQGHPLPKRVRNAYDRRTWELLRLGEEDPKELPLPGGLSLLDYHASKGRLQGREGGR
VAWVADPKDPRKPIPHLTGLLVPVLTLEDLHEEEGSLALSLPWEERRRRTREIASWIGRRLGLGTPEAVRAQAYRLSIPK
LMGRRAVSKPADALRVGFYRAQETALALLRLDGAQGWPEFLRRALLRAFGASGASLRLHTLHAHPSQGLAFREALRKAKE
EGVQAVLVLTPPMAWEDRNRLKALLLREGLPSQILNVPLREEERHRWENALLGLLAKAGLQVVALSGAYPAELAVGFDAG
GRESFRFGGAACAVGGDGGHLLWTLPEAQAGERIPQEVVWDLLEETLWAFRRKAGRLPSRVLLLRDGRVPQDEFALALEA
LAREGIAYDLVSVRKSGGGRVYPVQGRLADGLYVPLEDKTFLLLTVHRDFRGTPRPLKLVHEAGDTPLEALAHQIFHLTR
LYPASGFAFPRLPAPLHLADRLVKEVGRLGIRHLKEVDREKLFFV
;
A,B
2 'polydeoxyribonucleotide'
;(DT)(DG)(DA)(DG)(DG)(DT)(DA)(DG)(DT)(DA)(DG)(DG)(DT)(DT)(DG)(DT)(DA)(DT)(DA)(DG)
(DT)
;
C,E
3 'polydeoxyribonucleotide' (DT)(DA)(DC)(DT)(DA)(DC)(DC)(DT)(DC)(DG) D,F
4 'polydeoxyribonucleotide' (DA)(DC)(DA)(DA)(DC)(DC) G,H
#
# COMPACT_ATOMS: atom_id res chain seq x y z
N HIS A 3 -27.25 -32.67 -16.09
CA HIS A 3 -26.26 -32.77 -17.16
C HIS A 3 -26.86 -33.49 -18.37
N LEU A 4 -26.24 -33.29 -19.54
CA LEU A 4 -26.73 -33.95 -20.75
C LEU A 4 -25.70 -34.91 -21.34
N GLY A 5 -25.07 -35.70 -20.47
CA GLY A 5 -24.19 -36.76 -20.91
C GLY A 5 -22.90 -36.85 -20.12
N LYS A 6 -22.58 -38.05 -19.66
CA LYS A 6 -21.27 -38.29 -19.07
C LYS A 6 -20.35 -38.85 -20.14
N THR A 7 -19.13 -38.33 -20.19
CA THR A 7 -18.15 -38.77 -21.16
C THR A 7 -16.85 -39.09 -20.42
N GLU A 8 -15.80 -39.37 -21.18
CA GLU A 8 -14.54 -39.75 -20.58
C GLU A 8 -13.43 -38.90 -21.16
N VAL A 9 -12.48 -38.48 -20.33
CA VAL A 9 -11.38 -37.66 -20.82
C VAL A 9 -10.03 -38.16 -20.33
N PHE A 10 -8.97 -37.77 -21.05
CA PHE A 10 -7.62 -37.88 -20.56
C PHE A 10 -7.23 -36.61 -19.85
N LEU A 11 -6.51 -36.75 -18.74
CA LEU A 11 -5.78 -35.62 -18.17
C LEU A 11 -4.38 -35.66 -18.78
N ASN A 12 -3.62 -34.58 -18.64
CA ASN A 12 -2.24 -34.62 -19.08
C ASN A 12 -1.37 -35.23 -17.98
N ARG A 13 -1.87 -36.32 -17.40
CA ARG A 13 -1.15 -37.12 -16.42
C ARG A 13 -0.88 -38.51 -16.96
N PHE A 14 0.15 -39.15 -16.43
CA PHE A 14 0.53 -40.48 -16.88
C PHE A 14 0.97 -41.34 -15.71
N ALA A 15 0.42 -42.55 -15.63
CA ALA A 15 0.83 -43.50 -14.60
C ALA A 15 2.12 -44.19 -15.02
N LEU A 16 3.10 -44.17 -14.11
CA LEU A 16 4.38 -44.82 -14.36
C LEU A 16 4.59 -45.95 -13.36
N ARG A 17 5.82 -46.46 -13.26
CA ARG A 17 6.10 -47.65 -12.45
C ARG A 17 5.70 -47.46 -11.00
N PRO A 18 5.36 -48.56 -10.33
CA PRO A 18 5.13 -48.50 -8.88
C PRO A 18 6.41 -48.15 -8.16
N LEU A 19 6.30 -47.50 -7.01
CA LEU A 19 7.48 -47.23 -6.18
C LEU A 19 8.03 -48.56 -5.68
N ASN A 20 9.35 -48.75 -5.79
CA ASN A 20 9.99 -49.97 -5.29
C ASN A 20 9.96 -49.97 -3.77
N PRO A 21 10.18 -51.14 -3.13
CA PRO A 21 10.07 -51.20 -1.67
C PRO A 21 11.07 -50.33 -0.90
N GLU A 22 12.15 -49.91 -1.56
CA GLU A 22 13.09 -48.99 -0.92
C GLU A 22 12.52 -47.57 -0.90
N GLU A 23 11.90 -47.18 -2.00
CA GLU A 23 11.28 -45.86 -2.14
C GLU A 23 10.11 -45.65 -1.16
N LEU A 24 9.49 -46.75 -0.73
CA LEU A 24 8.37 -46.67 0.22
C LEU A 24 8.87 -46.49 1.64
N ARG A 25 10.14 -46.85 1.88
CA ARG A 25 10.75 -46.69 3.20
C ARG A 25 11.94 -45.72 3.16
N PRO A 26 11.66 -44.41 3.08
CA PRO A 26 12.75 -43.44 3.02
C PRO A 26 13.51 -43.31 4.33
N TRP A 27 14.78 -42.92 4.23
CA TRP A 27 15.60 -42.62 5.40
C TRP A 27 15.11 -41.35 6.06
N ARG A 28 15.13 -41.33 7.39
CA ARG A 28 14.74 -40.15 8.13
C ARG A 28 15.97 -39.53 8.76
N LEU A 29 16.09 -38.21 8.65
CA LEU A 29 17.24 -37.51 9.23
C LEU A 29 16.80 -36.34 10.10
N GLU A 30 17.41 -36.24 11.27
CA GLU A 30 17.23 -35.11 12.17
C GLU A 30 18.22 -34.03 11.75
N VAL A 31 17.77 -32.77 11.76
CA VAL A 31 18.60 -31.65 11.36
C VAL A 31 19.07 -30.85 12.58
N VAL A 32 20.38 -30.61 12.69
CA VAL A 32 20.91 -29.79 13.77
C VAL A 32 21.68 -28.59 13.21
N LEU A 33 21.19 -27.39 13.53
CA LEU A 33 21.78 -26.14 13.07
C LEU A 33 22.43 -25.37 14.22
N ASP A 34 23.59 -24.78 13.95
CA ASP A 34 24.29 -23.93 14.91
C ASP A 34 24.74 -22.68 14.20
N PRO A 35 24.15 -21.53 14.55
CA PRO A 35 23.16 -21.35 15.61
C PRO A 35 21.78 -21.82 15.18
N PRO A 36 20.91 -22.18 16.14
CA PRO A 36 19.53 -22.47 15.78
C PRO A 36 18.89 -21.24 15.14
N PRO A 37 18.19 -21.42 14.01
CA PRO A 37 17.64 -20.29 13.24
C PRO A 37 16.53 -19.60 13.98
N GLY A 38 16.13 -18.41 13.54
CA GLY A 38 14.97 -17.75 14.13
C GLY A 38 13.66 -18.27 13.57
N ARG A 39 12.55 -17.77 14.10
CA ARG A 39 11.20 -18.15 13.68
C ARG A 39 10.99 -18.12 12.16
N GLU A 40 11.45 -17.06 11.51
CA GLU A 40 11.18 -16.87 10.09
C GLU A 40 12.26 -17.47 9.21
N GLU A 41 13.23 -18.14 9.81
CA GLU A 41 14.37 -18.68 9.08
C GLU A 41 14.31 -20.21 8.96
N VAL A 42 13.57 -20.83 9.87
CA VAL A 42 13.54 -22.28 10.01
C VAL A 42 13.17 -23.02 8.71
N TYR A 43 12.14 -22.57 8.01
CA TYR A 43 11.68 -23.27 6.81
C TYR A 43 12.59 -23.05 5.59
N PRO A 44 12.95 -21.79 5.29
CA PRO A 44 13.92 -21.66 4.19
C PRO A 44 15.25 -22.37 4.46
N LEU A 45 15.66 -22.40 5.73
CA LEU A 45 16.89 -23.09 6.08
C LEU A 45 16.74 -24.61 5.96
N LEU A 46 15.54 -25.10 6.27
CA LEU A 46 15.27 -26.52 6.14
C LEU A 46 15.26 -26.96 4.68
N ALA A 47 14.64 -26.15 3.83
CA ALA A 47 14.66 -26.41 2.39
C ALA A 47 16.09 -26.36 1.84
N GLN A 48 16.83 -25.35 2.29
CA GLN A 48 18.21 -25.19 1.84
C GLN A 48 19.09 -26.36 2.27
N VAL A 49 18.91 -26.84 3.49
CA VAL A 49 19.72 -27.95 3.99
C VAL A 49 19.30 -29.23 3.26
N ALA A 50 18.02 -29.32 2.91
CA ALA A 50 17.53 -30.45 2.14
C ALA A 50 18.21 -30.48 0.77
N ARG A 51 18.51 -29.29 0.24
CA ARG A 51 19.21 -29.20 -1.04
C ARG A 51 20.73 -29.45 -0.91
N ARG A 52 21.32 -28.97 0.19
CA ARG A 52 22.75 -29.11 0.40
C ARG A 52 23.14 -30.54 0.73
N ALA A 53 22.20 -31.27 1.32
CA ALA A 53 22.40 -32.68 1.64
C ALA A 53 22.75 -33.48 0.39
N GLY A 54 22.12 -33.13 -0.73
CA GLY A 54 22.34 -33.84 -1.98
C GLY A 54 21.35 -34.99 -2.11
N GLY A 55 21.69 -35.98 -2.94
CA GLY A 55 20.82 -37.11 -3.18
C GLY A 55 19.42 -36.68 -3.57
N VAL A 56 18.43 -37.45 -3.15
CA VAL A 56 17.04 -37.05 -3.29
C VAL A 56 16.46 -36.92 -1.88
N THR A 57 16.66 -35.75 -1.26
CA THR A 57 16.11 -35.52 0.07
C THR A 57 15.22 -34.29 0.06
N VAL A 58 14.21 -34.31 0.92
CA VAL A 58 13.25 -33.22 1.01
C VAL A 58 12.95 -32.97 2.48
N ARG A 59 12.28 -31.87 2.77
CA ARG A 59 11.87 -31.60 4.14
C ARG A 59 10.75 -32.57 4.55
N MET A 60 10.85 -33.13 5.74
CA MET A 60 9.78 -33.91 6.33
C MET A 60 9.56 -33.40 7.75
N GLY A 61 8.52 -32.59 7.93
CA GLY A 61 8.26 -31.97 9.22
C GLY A 61 9.39 -31.07 9.62
N ASP A 62 9.99 -31.35 10.77
CA ASP A 62 11.11 -30.56 11.27
C ASP A 62 12.44 -31.13 10.80
N GLY A 63 12.38 -32.26 10.09
CA GLY A 63 13.59 -32.92 9.63
C GLY A 63 13.64 -33.17 8.13
N LEU A 64 14.23 -34.30 7.75
CA LEU A 64 14.44 -34.63 6.35
C LEU A 64 14.04 -36.08 6.03
N ALA A 65 13.56 -36.29 4.81
CA ALA A 65 13.36 -37.64 4.29
C ALA A 65 14.21 -37.81 3.03
N SER A 66 14.80 -38.99 2.85
CA SER A 66 15.70 -39.20 1.71
C SER A 66 15.54 -40.57 1.05
N TRP A 67 15.72 -40.61 -0.27
CA TRP A 67 15.79 -41.87 -1.01
C TRP A 67 17.24 -42.28 -1.22
N SER A 68 18.15 -41.46 -0.70
CA SER A 68 19.56 -41.82 -0.64
C SER A 68 19.93 -42.13 0.80
N PRO A 69 20.66 -43.21 1.04
CA PRO A 69 21.15 -43.50 2.39
C PRO A 69 22.09 -42.40 2.87
N PRO A 70 22.14 -42.15 4.19
CA PRO A 70 22.87 -41.01 4.76
C PRO A 70 24.36 -40.98 4.42
N GLU A 71 24.97 -42.15 4.20
CA GLU A 71 26.40 -42.22 3.95
C GLU A 71 26.79 -41.61 2.60
N VAL A 72 25.85 -41.55 1.66
CA VAL A 72 26.09 -40.86 0.39
C VAL A 72 25.36 -39.51 0.35
N LEU A 73 25.19 -38.90 1.52
CA LEU A 73 24.67 -37.54 1.61
C LEU A 73 25.75 -36.61 2.17
N VAL A 74 25.62 -35.32 1.93
CA VAL A 74 26.51 -34.34 2.56
C VAL A 74 25.96 -34.02 3.96
N LEU A 75 26.30 -34.88 4.92
CA LEU A 75 25.69 -34.83 6.26
C LEU A 75 26.15 -33.62 7.09
N GLU A 76 27.37 -33.15 6.84
CA GLU A 76 27.89 -32.00 7.56
C GLU A 76 28.25 -30.90 6.58
N GLY A 77 28.01 -29.65 6.98
CA GLY A 77 28.41 -28.55 6.11
C GLY A 77 28.01 -27.19 6.64
N THR A 78 27.95 -26.22 5.74
CA THR A 78 27.57 -24.87 6.13
C THR A 78 26.59 -24.25 5.14
N LEU A 79 25.63 -23.52 5.68
CA LEU A 79 24.66 -22.77 4.90
C LEU A 79 24.97 -21.29 5.01
N ALA A 80 24.64 -20.54 3.96
CA ALA A 80 24.62 -19.08 4.04
C ALA A 80 23.20 -18.61 3.78
N ARG A 81 22.72 -17.72 4.64
CA ARG A 81 21.35 -17.22 4.54
C ARG A 81 21.31 -15.75 4.93
N MET A 82 20.98 -14.89 3.97
CA MET A 82 20.88 -13.46 4.19
C MET A 82 22.10 -12.90 4.90
N GLY A 83 23.27 -13.44 4.59
CA GLY A 83 24.50 -12.99 5.19
C GLY A 83 25.01 -13.85 6.33
N GLN A 84 24.12 -14.38 7.15
CA GLN A 84 24.55 -15.17 8.30
C GLN A 84 24.94 -16.61 7.90
N THR A 85 25.99 -17.11 8.54
CA THR A 85 26.46 -18.47 8.30
C THR A 85 25.94 -19.43 9.36
N TYR A 86 25.48 -20.59 8.91
CA TYR A 86 25.03 -21.64 9.81
C TYR A 86 25.85 -22.91 9.58
N ALA A 87 26.24 -23.58 10.67
CA ALA A 87 26.82 -24.91 10.56
C ALA A 87 25.69 -25.92 10.68
N TYR A 88 25.70 -26.94 9.82
CA TYR A 88 24.66 -27.96 9.90
C TYR A 88 25.24 -29.36 9.98
N ARG A 89 24.53 -30.21 10.73
CA ARG A 89 24.81 -31.63 10.75
C ARG A 89 23.52 -32.45 10.75
N LEU A 90 23.50 -33.50 9.94
CA LEU A 90 22.34 -34.37 9.82
C LEU A 90 22.59 -35.70 10.54
N TYR A 91 21.67 -36.08 11.41
CA TYR A 91 21.78 -37.32 12.15
C TYR A 91 20.79 -38.35 11.61
N PRO A 92 21.30 -39.51 11.16
CA PRO A 92 20.44 -40.59 10.68
C PRO A 92 19.48 -41.07 11.77
N LYS A 93 18.20 -41.22 11.44
CA LYS A 93 17.23 -41.68 12.43
C LYS A 93 16.44 -42.86 11.89
N GLY A 94 17.15 -43.81 11.29
CA GLY A 94 16.52 -44.98 10.71
C GLY A 94 15.70 -44.62 9.48
N ARG A 95 14.90 -45.56 9.00
CA ARG A 95 14.05 -45.27 7.86
C ARG A 95 12.62 -45.69 8.16
N ARG A 96 11.67 -44.85 7.74
CA ARG A 96 10.27 -45.10 8.09
C ARG A 96 9.40 -45.23 6.85
N PRO A 97 8.58 -46.30 6.81
CA PRO A 97 7.65 -46.55 5.71
C PRO A 97 6.58 -45.48 5.60
N LEU A 98 6.28 -45.06 4.38
CA LEU A 98 5.20 -44.11 4.14
C LEU A 98 4.06 -44.81 3.40
N ASP A 99 2.83 -44.53 3.84
CA ASP A 99 1.65 -45.13 3.22
C ASP A 99 0.98 -44.15 2.28
N PRO A 100 0.98 -44.46 0.97
CA PRO A 100 0.33 -43.64 -0.05
C PRO A 100 -1.17 -43.49 0.19
N LYS A 101 -1.76 -44.45 0.91
CA LYS A 101 -3.17 -44.36 1.29
C LYS A 101 -3.38 -43.19 2.25
N ASP A 102 -2.36 -42.87 3.03
CA ASP A 102 -2.39 -41.73 3.93
C ASP A 102 -1.89 -40.48 3.20
N PRO A 103 -2.63 -39.37 3.33
CA PRO A 103 -2.38 -38.10 2.61
C PRO A 103 -1.02 -37.45 2.87
N GLY A 104 -0.65 -37.25 4.13
CA GLY A 104 0.60 -36.57 4.46
C GLY A 104 1.84 -37.32 4.03
N GLU A 105 1.86 -38.62 4.32
CA GLU A 105 2.96 -39.48 3.93
C GLU A 105 3.08 -39.50 2.40
N ARG A 106 1.94 -39.56 1.73
CA ARG A 106 1.91 -39.48 0.26
C ARG A 106 2.48 -38.14 -0.20
N SER A 107 2.26 -37.10 0.60
CA SER A 107 2.79 -35.77 0.28
C SER A 107 4.33 -35.78 0.35
N VAL A 108 4.87 -36.50 1.33
CA VAL A 108 6.32 -36.64 1.43
C VAL A 108 6.87 -37.43 0.24
N LEU A 109 6.24 -38.57 -0.05
CA LEU A 109 6.63 -39.38 -1.20
C LEU A 109 6.59 -38.57 -2.50
N SER A 110 5.61 -37.67 -2.60
CA SER A 110 5.44 -36.85 -3.80
C SER A 110 6.51 -35.77 -3.91
N ALA A 111 6.88 -35.17 -2.78
CA ALA A 111 7.98 -34.22 -2.79
C ALA A 111 9.29 -34.90 -3.20
N LEU A 112 9.50 -36.10 -2.66
CA LEU A 112 10.64 -36.91 -3.05
C LEU A 112 10.61 -37.22 -4.53
N ALA A 113 9.43 -37.53 -5.06
CA ALA A 113 9.26 -37.81 -6.49
C ALA A 113 9.62 -36.60 -7.35
N ARG A 114 9.21 -35.42 -6.87
CA ARG A 114 9.49 -34.18 -7.56
C ARG A 114 10.99 -33.92 -7.62
N ARG A 115 11.67 -34.12 -6.49
CA ARG A 115 13.12 -33.95 -6.45
C ARG A 115 13.82 -34.99 -7.32
N LEU A 116 13.24 -36.19 -7.36
CA LEU A 116 13.70 -37.26 -8.23
C LEU A 116 13.71 -36.78 -9.67
N LEU A 117 12.57 -36.22 -10.09
CA LEU A 117 12.42 -35.74 -11.45
C LEU A 117 13.44 -34.64 -11.75
N GLN A 118 13.54 -33.64 -10.87
CA GLN A 118 14.53 -32.57 -11.01
C GLN A 118 15.93 -33.13 -11.22
N GLU A 119 16.34 -33.97 -10.29
CA GLU A 119 17.69 -34.52 -10.26
C GLU A 119 18.02 -35.35 -11.49
N ARG A 120 17.12 -36.22 -11.91
CA ARG A 120 17.38 -37.03 -13.10
C ARG A 120 17.38 -36.16 -14.37
N LEU A 121 16.51 -35.15 -14.40
CA LEU A 121 16.54 -34.19 -15.50
C LEU A 121 17.89 -33.50 -15.59
N ARG A 122 18.48 -33.18 -14.43
CA ARG A 122 19.76 -32.47 -14.37
C ARG A 122 20.89 -33.17 -15.12
N ARG A 123 20.86 -34.50 -15.17
CA ARG A 123 21.94 -35.25 -15.78
C ARG A 123 21.60 -35.77 -17.18
N LEU A 124 20.61 -35.16 -17.81
CA LEU A 124 20.33 -35.42 -19.22
C LEU A 124 21.32 -34.63 -20.08
N GLU A 125 21.58 -35.14 -21.27
CA GLU A 125 22.42 -34.45 -22.24
C GLU A 125 21.91 -34.75 -23.64
N GLY A 126 21.87 -33.74 -24.51
CA GLY A 126 22.19 -32.37 -24.13
C GLY A 126 20.94 -31.53 -24.23
N VAL A 127 20.15 -31.54 -23.17
CA VAL A 127 18.85 -30.89 -23.17
C VAL A 127 18.89 -29.63 -22.32
N TRP A 128 18.22 -28.57 -22.76
CA TRP A 128 18.13 -27.35 -21.97
C TRP A 128 17.18 -27.57 -20.80
N VAL A 129 17.73 -27.77 -19.60
CA VAL A 129 16.91 -27.96 -18.42
C VAL A 129 16.83 -26.68 -17.60
N GLU A 130 15.60 -26.29 -17.24
CA GLU A 130 15.36 -25.11 -16.42
C GLU A 130 14.33 -25.48 -15.35
N GLY A 131 14.82 -25.82 -14.16
CA GLY A 131 13.96 -26.24 -13.07
C GLY A 131 13.27 -27.56 -13.40
N LEU A 132 11.97 -27.50 -13.63
CA LEU A 132 11.20 -28.68 -14.00
C LEU A 132 10.81 -28.66 -15.47
N ALA A 133 11.36 -27.70 -16.20
CA ALA A 133 11.12 -27.64 -17.64
C ALA A 133 12.30 -28.24 -18.39
N VAL A 134 12.01 -28.97 -19.47
CA VAL A 134 13.06 -29.49 -20.33
C VAL A 134 12.75 -29.15 -21.78
N TYR A 135 13.73 -28.55 -22.47
CA TYR A 135 13.53 -28.17 -23.85
C TYR A 135 14.52 -28.91 -24.74
N ARG A 136 14.00 -29.69 -25.66
CA ARG A 136 14.83 -30.53 -26.53
C ARG A 136 14.99 -29.91 -27.90
N ARG A 137 13.94 -30.03 -28.70
CA ARG A 137 13.93 -29.50 -30.06
C ARG A 137 14.17 -28.00 -30.10
N GLU A 138 14.57 -27.51 -31.26
CA GLU A 138 14.54 -26.09 -31.53
C GLU A 138 13.35 -25.82 -32.45
N HIS A 139 12.44 -24.98 -31.97
CA HIS A 139 11.21 -24.68 -32.70
C HIS A 139 11.46 -23.62 -33.77
N ALA A 140 12.28 -22.63 -33.43
CA ALA A 140 12.58 -21.54 -34.34
C ALA A 140 13.90 -20.85 -33.99
N ARG A 141 14.59 -20.35 -35.01
CA ARG A 141 15.85 -19.64 -34.81
C ARG A 141 15.79 -18.27 -35.46
N GLY A 142 16.84 -17.48 -35.27
CA GLY A 142 16.93 -16.15 -35.85
C GLY A 142 18.26 -15.50 -35.55
N PRO A 143 18.50 -14.30 -36.12
CA PRO A 143 19.75 -13.56 -35.89
C PRO A 143 19.94 -13.22 -34.41
N GLY A 144 20.67 -14.07 -33.70
CA GLY A 144 20.97 -13.82 -32.30
C GLY A 144 19.93 -14.30 -31.31
N TRP A 145 18.86 -14.90 -31.83
CA TRP A 145 17.79 -15.41 -30.98
C TRP A 145 17.29 -16.77 -31.45
N ARG A 146 16.85 -17.58 -30.50
CA ARG A 146 16.24 -18.87 -30.84
C ARG A 146 15.12 -19.19 -29.88
N VAL A 147 14.20 -20.05 -30.32
CA VAL A 147 13.11 -20.49 -29.47
C VAL A 147 13.15 -22.01 -29.34
N LEU A 148 13.18 -22.50 -28.11
CA LEU A 148 13.22 -23.93 -27.85
C LEU A 148 11.83 -24.48 -27.57
N GLY A 149 11.64 -25.75 -27.90
CA GLY A 149 10.40 -26.45 -27.61
C GLY A 149 10.66 -27.59 -26.65
N GLY A 150 9.76 -27.77 -25.69
CA GLY A 150 9.90 -28.82 -24.70
C GLY A 150 8.65 -29.00 -23.88
N ALA A 151 8.80 -29.16 -22.58
CA ALA A 151 7.66 -29.34 -21.70
C ALA A 151 7.96 -28.93 -20.26
N VAL A 152 6.92 -28.45 -19.58
CA VAL A 152 6.94 -28.32 -18.13
C VAL A 152 6.47 -29.64 -17.55
N LEU A 153 7.19 -30.13 -16.55
CA LEU A 153 6.93 -31.45 -15.99
C LEU A 153 6.60 -31.38 -14.51
N ASP A 154 6.02 -32.46 -14.00
CA ASP A 154 5.84 -32.62 -12.57
C ASP A 154 5.72 -34.11 -12.25
N LEU A 155 6.10 -34.50 -11.05
CA LEU A 155 6.10 -35.91 -10.67
C LEU A 155 5.64 -36.05 -9.23
N TRP A 156 4.52 -36.74 -9.03
CA TRP A 156 4.11 -37.03 -7.66
C TRP A 156 3.73 -38.50 -7.51
N VAL A 157 3.06 -38.83 -6.42
CA VAL A 157 2.77 -40.22 -6.10
C VAL A 157 1.28 -40.46 -5.89
N SER A 158 0.70 -41.40 -6.64
CA SER A 158 -0.69 -41.81 -6.49
C SER A 158 -0.92 -42.51 -5.15
N ASP A 159 -2.18 -42.64 -4.75
CA ASP A 159 -2.51 -43.31 -3.48
C ASP A 159 -2.33 -44.83 -3.60
N SER A 160 -2.14 -45.33 -4.82
CA SER A 160 -1.88 -46.74 -5.06
C SER A 160 -0.37 -47.02 -5.02
N GLY A 161 0.41 -45.96 -4.86
CA GLY A 161 1.86 -46.10 -4.73
C GLY A 161 2.62 -46.16 -6.05
N ALA A 162 2.25 -45.31 -7.00
CA ALA A 162 2.93 -45.28 -8.29
C ALA A 162 3.24 -43.84 -8.69
N PHE A 163 4.20 -43.68 -9.60
CA PHE A 163 4.58 -42.35 -10.06
C PHE A 163 3.55 -41.77 -11.04
N LEU A 164 3.12 -40.53 -10.78
CA LEU A 164 2.26 -39.81 -11.70
C LEU A 164 3.01 -38.65 -12.31
N LEU A 165 3.09 -38.66 -13.64
CA LEU A 165 3.85 -37.69 -14.42
C LEU A 165 2.91 -36.71 -15.11
N GLU A 166 3.01 -35.44 -14.74
CA GLU A 166 2.28 -34.40 -15.45
C GLU A 166 3.19 -33.78 -16.50
N VAL A 167 2.67 -33.67 -17.71
CA VAL A 167 3.43 -33.15 -18.84
C VAL A 167 2.63 -32.10 -19.60
N ASP A 168 3.21 -30.94 -19.83
CA ASP A 168 2.57 -29.93 -20.65
C ASP A 168 3.58 -29.22 -21.53
N PRO A 169 3.46 -29.42 -22.86
CA PRO A 169 4.35 -28.81 -23.85
C PRO A 169 4.52 -27.32 -23.63
N ALA A 170 5.75 -26.83 -23.78
CA ALA A 170 6.06 -25.44 -23.46
C ALA A 170 7.16 -24.92 -24.37
N TYR A 171 7.16 -23.61 -24.61
CA TYR A 171 8.21 -22.98 -25.40
C TYR A 171 9.06 -22.05 -24.54
N ARG A 172 10.27 -21.76 -25.01
CA ARG A 172 11.23 -20.96 -24.26
C ARG A 172 12.00 -20.03 -25.19
N ILE A 173 11.94 -18.73 -24.95
CA ILE A 173 12.65 -17.78 -25.79
C ILE A 173 14.04 -17.47 -25.23
N LEU A 174 15.07 -17.63 -26.06
CA LEU A 174 16.45 -17.41 -25.61
C LEU A 174 17.22 -16.47 -26.54
N CYS A 175 17.91 -15.51 -25.92
CA CYS A 175 18.83 -14.64 -26.64
C CYS A 175 20.24 -15.17 -26.52
N GLU A 176 21.01 -15.09 -27.59
CA GLU A 176 22.36 -15.65 -27.61
C GLU A 176 23.44 -14.58 -27.60
N MET A 177 23.06 -13.35 -27.97
CA MET A 177 24.03 -12.27 -28.09
C MET A 177 23.75 -11.12 -27.13
N SER A 178 24.81 -10.41 -26.73
CA SER A 178 24.69 -9.29 -25.81
C SER A 178 23.92 -8.12 -26.44
N LEU A 179 23.62 -7.11 -25.63
CA LEU A 179 22.85 -5.96 -26.07
C LEU A 179 23.54 -5.24 -27.22
N GLU A 180 24.85 -5.05 -27.08
CA GLU A 180 25.69 -4.47 -28.13
C GLU A 180 25.53 -5.25 -29.43
N ALA A 181 25.80 -6.55 -29.37
CA ALA A 181 25.68 -7.44 -30.52
C ALA A 181 24.27 -7.42 -31.09
N TRP A 182 23.27 -7.32 -30.22
CA TRP A 182 21.87 -7.29 -30.63
C TRP A 182 21.56 -6.06 -31.48
N LEU A 183 22.00 -4.90 -31.01
CA LEU A 183 21.79 -3.64 -31.74
C LEU A 183 22.54 -3.63 -33.07
N ALA A 184 23.58 -4.46 -33.17
CA ALA A 184 24.40 -4.54 -34.37
C ALA A 184 23.75 -5.37 -35.48
N GLN A 185 22.44 -5.57 -35.38
CA GLN A 185 21.70 -6.32 -36.39
C GLN A 185 20.49 -5.52 -36.86
N GLY A 186 20.46 -4.25 -36.50
CA GLY A 186 19.35 -3.38 -36.89
C GLY A 186 18.11 -3.63 -36.06
N HIS A 187 18.28 -4.39 -34.97
CA HIS A 187 17.18 -4.66 -34.05
C HIS A 187 16.87 -3.44 -33.19
N PRO A 188 15.57 -3.15 -32.98
CA PRO A 188 15.15 -2.03 -32.15
C PRO A 188 15.44 -2.26 -30.66
N LEU A 189 15.33 -1.19 -29.86
CA LEU A 189 15.57 -1.28 -28.43
C LEU A 189 14.55 -2.17 -27.72
N PRO A 190 15.02 -3.22 -27.05
CA PRO A 190 14.16 -4.09 -26.25
C PRO A 190 13.60 -3.36 -25.03
N LYS A 191 12.42 -3.76 -24.56
CA LYS A 191 11.80 -3.10 -23.42
C LYS A 191 12.42 -3.55 -22.10
N ARG A 192 13.18 -4.63 -22.14
CA ARG A 192 13.80 -5.17 -20.93
C ARG A 192 15.18 -5.75 -21.23
N VAL A 193 16.01 -5.85 -20.19
CA VAL A 193 17.39 -6.25 -20.33
C VAL A 193 17.91 -6.73 -18.97
N ARG A 194 18.91 -7.62 -18.98
CA ARG A 194 19.47 -8.11 -17.71
C ARG A 194 21.00 -8.11 -17.72
N ASN A 195 21.59 -8.05 -16.53
CA ASN A 195 23.04 -8.15 -16.41
C ASN A 195 23.52 -9.53 -16.85
N ALA A 196 24.78 -9.62 -17.25
CA ALA A 196 25.35 -10.91 -17.65
C ALA A 196 25.97 -11.62 -16.44
N TYR A 197 26.31 -10.84 -15.41
CA TYR A 197 26.97 -11.37 -14.22
C TYR A 197 26.00 -11.91 -13.17
N ASP A 198 24.77 -11.39 -13.15
CA ASP A 198 23.73 -11.94 -12.29
C ASP A 198 22.40 -12.00 -13.04
N ARG A 199 21.31 -12.28 -12.31
CA ARG A 199 20.01 -12.45 -12.96
C ARG A 199 19.15 -11.20 -12.87
N ARG A 200 19.71 -10.15 -12.29
CA ARG A 200 18.99 -8.88 -12.14
C ARG A 200 18.65 -8.28 -13.50
N THR A 201 17.45 -7.72 -13.61
CA THR A 201 16.98 -7.15 -14.87
C THR A 201 16.74 -5.65 -14.75
N TRP A 202 16.71 -4.98 -15.89
CA TRP A 202 16.47 -3.54 -15.94
C TRP A 202 15.49 -3.21 -17.04
N GLU A 203 15.00 -1.97 -17.04
CA GLU A 203 14.24 -1.47 -18.17
C GLU A 203 15.11 -0.54 -18.99
N LEU A 204 15.29 -0.86 -20.27
CA LEU A 204 16.15 -0.06 -21.14
C LEU A 204 15.44 1.17 -21.69
N LEU A 205 16.00 2.34 -21.41
CA LEU A 205 15.49 3.59 -21.96
C LEU A 205 16.34 4.05 -23.15
N ARG A 206 17.02 5.17 -22.98
CA ARG A 206 17.84 5.74 -24.05
C ARG A 206 19.13 4.96 -24.28
N LEU A 207 20.07 5.61 -24.95
CA LEU A 207 21.35 5.00 -25.30
C LEU A 207 22.39 6.10 -25.50
N GLY A 208 22.88 6.65 -24.41
CA GLY A 208 23.80 7.78 -24.44
C GLY A 208 25.09 7.57 -25.22
N GLU A 209 25.79 8.67 -25.47
CA GLU A 209 27.02 8.62 -26.24
C GLU A 209 28.21 9.12 -25.44
N GLU A 210 28.04 9.21 -24.13
CA GLU A 210 29.13 9.60 -23.24
C GLU A 210 30.09 8.45 -23.01
N ASP A 211 31.37 8.76 -22.87
CA ASP A 211 32.39 7.72 -22.71
C ASP A 211 32.33 7.13 -21.31
N PRO A 212 32.32 5.79 -21.23
CA PRO A 212 32.26 5.04 -19.98
C PRO A 212 33.50 5.21 -19.10
N LYS A 213 34.60 5.66 -19.71
CA LYS A 213 35.84 5.91 -18.97
C LYS A 213 35.91 7.35 -18.47
N GLU A 214 34.87 8.11 -18.76
CA GLU A 214 34.76 9.49 -18.28
C GLU A 214 33.32 9.79 -17.87
N LEU A 215 32.77 8.95 -17.00
CA LEU A 215 31.40 9.11 -16.54
C LEU A 215 31.32 9.02 -15.02
N PRO A 216 30.90 10.13 -14.38
CA PRO A 216 30.83 10.26 -12.93
C PRO A 216 29.84 9.28 -12.29
N LEU A 217 30.36 8.24 -11.64
CA LEU A 217 29.52 7.29 -10.93
C LEU A 217 29.41 7.68 -9.46
N PRO A 218 28.19 7.58 -8.90
CA PRO A 218 27.88 7.95 -7.52
C PRO A 218 28.77 7.22 -6.51
N GLY A 219 30.07 7.53 -6.53
CA GLY A 219 31.02 6.84 -5.68
C GLY A 219 32.45 7.27 -5.96
N GLY A 220 32.65 7.99 -7.06
CA GLY A 220 33.96 8.49 -7.40
C GLY A 220 34.52 7.96 -8.70
N LEU A 221 34.58 6.64 -8.83
CA LEU A 221 35.15 6.02 -10.02
C LEU A 221 34.23 6.14 -11.22
N SER A 222 34.73 5.73 -12.39
CA SER A 222 33.93 5.75 -13.61
C SER A 222 33.22 4.42 -13.80
N LEU A 223 32.15 4.44 -14.59
CA LEU A 223 31.40 3.23 -14.96
C LEU A 223 32.32 2.08 -15.35
N LEU A 224 33.16 2.37 -16.34
CA LEU A 224 34.04 1.40 -16.96
C LEU A 224 34.89 0.63 -15.95
N ASP A 225 35.76 1.32 -15.23
CA ASP A 225 36.66 0.65 -14.29
C ASP A 225 35.95 0.26 -13.00
N TYR A 226 34.73 0.75 -12.80
CA TYR A 226 33.90 0.20 -11.74
C TYR A 226 33.58 -1.25 -12.07
N HIS A 227 33.08 -1.48 -13.28
CA HIS A 227 32.80 -2.84 -13.72
C HIS A 227 34.06 -3.67 -13.93
N ALA A 228 35.15 -3.00 -14.30
CA ALA A 228 36.43 -3.67 -14.53
C ALA A 228 37.01 -4.16 -13.22
N SER A 229 36.80 -3.40 -12.15
CA SER A 229 37.25 -3.80 -10.81
C SER A 229 36.58 -5.10 -10.40
N LYS A 230 35.29 -5.23 -10.72
CA LYS A 230 34.54 -6.44 -10.42
C LYS A 230 34.91 -7.58 -11.36
N GLY A 231 35.72 -7.27 -12.37
CA GLY A 231 36.14 -8.26 -13.36
C GLY A 231 34.97 -8.79 -14.17
N ARG A 232 34.22 -7.88 -14.76
CA ARG A 232 33.03 -8.23 -15.52
C ARG A 232 33.28 -8.17 -17.02
N LEU A 233 34.12 -7.23 -17.44
CA LEU A 233 34.40 -7.01 -18.86
C LEU A 233 35.76 -7.53 -19.27
N GLN A 234 36.31 -8.49 -18.52
CA GLN A 234 37.57 -9.11 -18.90
C GLN A 234 37.36 -10.03 -20.10
N GLY A 235 36.59 -11.09 -19.91
CA GLY A 235 36.21 -11.95 -21.02
C GLY A 235 35.24 -11.25 -21.94
N ARG A 236 34.48 -10.31 -21.39
CA ARG A 236 33.55 -9.50 -22.15
C ARG A 236 34.25 -8.29 -22.77
N GLU A 237 33.45 -7.29 -23.13
CA GLU A 237 33.95 -6.02 -23.65
C GLU A 237 32.85 -4.98 -23.58
N GLY A 238 33.05 -3.96 -22.73
CA GLY A 238 32.07 -2.90 -22.59
C GLY A 238 31.89 -2.11 -23.88
N GLY A 239 30.63 -1.96 -24.29
CA GLY A 239 30.33 -1.20 -25.50
C GLY A 239 29.92 0.22 -25.18
N ARG A 240 28.74 0.62 -25.65
CA ARG A 240 28.22 1.97 -25.41
C ARG A 240 27.65 2.13 -24.02
N VAL A 241 27.06 3.29 -23.78
CA VAL A 241 26.40 3.57 -22.50
C VAL A 241 24.89 3.41 -22.66
N ALA A 242 24.30 2.60 -21.80
CA ALA A 242 22.86 2.36 -21.82
C ALA A 242 22.19 2.92 -20.58
N TRP A 243 21.21 3.81 -20.79
CA TRP A 243 20.47 4.38 -19.67
C TRP A 243 19.30 3.48 -19.30
N VAL A 244 19.53 2.60 -18.33
CA VAL A 244 18.48 1.71 -17.85
C VAL A 244 17.77 2.34 -16.67
N ALA A 245 16.79 1.64 -16.13
CA ALA A 245 16.07 2.10 -14.95
C ALA A 245 15.55 0.91 -14.17
N ASP A 246 15.47 1.05 -12.85
CA ASP A 246 14.93 0.00 -11.99
C ASP A 246 13.45 -0.23 -12.33
N PRO A 247 13.03 -1.49 -12.33
CA PRO A 247 11.62 -1.81 -12.58
C PRO A 247 10.76 -1.36 -11.40
N LYS A 248 11.38 -1.23 -10.23
CA LYS A 248 10.69 -0.78 -9.02
C LYS A 248 11.12 0.65 -8.64
N ASP A 249 11.78 1.33 -9.58
CA ASP A 249 12.20 2.72 -9.40
C ASP A 249 12.61 3.31 -10.75
N PRO A 250 11.63 3.57 -11.60
CA PRO A 250 11.88 4.07 -12.95
C PRO A 250 12.13 5.57 -12.99
N ARG A 251 12.00 6.22 -11.83
CA ARG A 251 12.18 7.66 -11.73
C ARG A 251 13.63 8.05 -11.44
N LYS A 252 14.54 7.12 -11.69
CA LYS A 252 15.97 7.35 -11.48
C LYS A 252 16.79 6.63 -12.54
N PRO A 253 17.12 7.34 -13.63
CA PRO A 253 17.94 6.76 -14.71
C PRO A 253 19.30 6.31 -14.21
N ILE A 254 19.85 5.26 -14.80
CA ILE A 254 21.11 4.68 -14.36
C ILE A 254 21.99 4.34 -15.56
N PRO A 255 23.28 4.72 -15.49
CA PRO A 255 24.24 4.37 -16.54
C PRO A 255 24.53 2.87 -16.55
N HIS A 256 24.79 2.30 -17.73
CA HIS A 256 25.20 0.90 -17.83
C HIS A 256 25.94 0.66 -19.13
N LEU A 257 26.52 -0.52 -19.28
CA LEU A 257 27.31 -0.86 -20.47
C LEU A 257 26.63 -1.92 -21.35
N THR A 258 26.40 -1.56 -22.60
CA THR A 258 25.76 -2.43 -23.59
C THR A 258 26.45 -3.79 -23.74
N GLY A 259 27.73 -3.84 -23.41
CA GLY A 259 28.49 -5.08 -23.50
C GLY A 259 28.25 -5.99 -22.32
N LEU A 260 27.72 -5.42 -21.24
CA LEU A 260 27.46 -6.17 -20.02
C LEU A 260 25.97 -6.45 -19.85
N LEU A 261 25.20 -6.10 -20.87
CA LEU A 261 23.76 -6.32 -20.84
C LEU A 261 23.34 -7.37 -21.87
N VAL A 262 22.27 -8.09 -21.56
CA VAL A 262 21.69 -9.08 -22.46
C VAL A 262 20.19 -8.85 -22.52
N PRO A 263 19.67 -8.58 -23.73
CA PRO A 263 18.23 -8.30 -23.88
C PRO A 263 17.38 -9.50 -23.47
N VAL A 264 16.28 -9.24 -22.76
CA VAL A 264 15.33 -10.29 -22.43
C VAL A 264 14.20 -10.24 -23.46
N LEU A 265 14.16 -11.24 -24.34
CA LEU A 265 13.33 -11.17 -25.53
C LEU A 265 11.87 -11.58 -25.30
N THR A 266 10.96 -10.71 -25.73
CA THR A 266 9.53 -11.01 -25.69
C THR A 266 8.98 -11.09 -27.12
N LEU A 267 7.70 -11.45 -27.24
CA LEU A 267 7.08 -11.60 -28.55
C LEU A 267 7.05 -10.28 -29.33
N GLU A 268 7.19 -9.16 -28.62
CA GLU A 268 7.21 -7.85 -29.28
C GLU A 268 8.65 -7.41 -29.57
N ASP A 269 9.58 -8.33 -29.41
CA ASP A 269 10.97 -8.11 -29.84
C ASP A 269 11.26 -9.01 -31.03
N LEU A 270 10.27 -9.83 -31.39
CA LEU A 270 10.38 -10.75 -32.51
C LEU A 270 9.28 -10.48 -33.54
N HIS A 271 8.46 -9.45 -33.31
CA HIS A 271 7.41 -9.09 -34.26
C HIS A 271 8.03 -8.49 -35.52
N GLU A 272 9.27 -8.03 -35.42
CA GLU A 272 10.01 -7.54 -36.57
C GLU A 272 10.15 -8.64 -37.63
N GLU A 273 10.74 -9.76 -37.24
CA GLU A 273 10.85 -10.93 -38.11
C GLU A 273 9.49 -11.42 -38.55
N GLU A 274 8.47 -11.17 -37.71
CA GLU A 274 7.10 -11.59 -37.95
C GLU A 274 7.03 -13.10 -38.23
N GLY A 275 7.51 -13.49 -39.42
CA GLY A 275 7.61 -14.88 -39.80
C GLY A 275 6.36 -15.69 -39.54
N SER A 276 6.32 -16.30 -38.35
CA SER A 276 5.14 -17.01 -37.89
C SER A 276 5.04 -16.87 -36.37
N LEU A 277 5.84 -17.67 -35.67
CA LEU A 277 5.89 -17.69 -34.22
C LEU A 277 4.50 -17.78 -33.58
N ALA A 278 3.79 -18.84 -33.93
CA ALA A 278 2.56 -19.19 -33.25
C ALA A 278 2.87 -20.21 -32.18
N LEU A 279 2.76 -19.81 -30.92
CA LEU A 279 3.17 -20.67 -29.81
C LEU A 279 1.97 -21.32 -29.14
N SER A 280 0.77 -20.95 -29.59
CA SER A 280 -0.43 -21.68 -29.21
C SER A 280 -0.49 -22.99 -29.97
N LEU A 281 -0.91 -24.06 -29.31
CA LEU A 281 -1.03 -25.35 -29.99
C LEU A 281 -2.48 -25.80 -30.11
N PRO A 282 -2.87 -26.23 -31.32
CA PRO A 282 -4.12 -26.97 -31.50
C PRO A 282 -4.13 -28.18 -30.57
N TRP A 283 -5.24 -28.45 -29.89
CA TRP A 283 -5.23 -29.43 -28.80
C TRP A 283 -4.84 -30.84 -29.25
N GLU A 284 -5.10 -31.20 -30.51
CA GLU A 284 -4.71 -32.51 -31.01
C GLU A 284 -3.19 -32.64 -31.01
N GLU A 285 -2.53 -31.60 -31.51
CA GLU A 285 -1.08 -31.54 -31.56
C GLU A 285 -0.47 -31.50 -30.17
N ARG A 286 -1.10 -30.77 -29.27
CA ARG A 286 -0.58 -30.65 -27.91
C ARG A 286 -0.71 -31.98 -27.17
N ARG A 287 -1.83 -32.67 -27.37
CA ARG A 287 -2.03 -34.01 -26.81
C ARG A 287 -0.98 -34.99 -27.36
N ARG A 288 -0.74 -34.91 -28.67
CA ARG A 288 0.28 -35.73 -29.30
C ARG A 288 1.67 -35.51 -28.68
N ARG A 289 2.09 -34.24 -28.65
CA ARG A 289 3.37 -33.86 -28.05
C ARG A 289 3.46 -34.30 -26.59
N THR A 290 2.34 -34.20 -25.88
CA THR A 290 2.27 -34.61 -24.49
C THR A 290 2.54 -36.10 -24.36
N ARG A 291 1.93 -36.90 -25.22
CA ARG A 291 2.16 -38.34 -25.20
C ARG A 291 3.62 -38.70 -25.55
N GLU A 292 4.12 -38.13 -26.64
CA GLU A 292 5.49 -38.37 -27.09
C GLU A 292 6.52 -38.03 -25.99
N ILE A 293 6.38 -36.83 -25.42
CA ILE A 293 7.25 -36.39 -24.34
C ILE A 293 7.11 -37.27 -23.10
N ALA A 294 5.89 -37.66 -22.76
CA ALA A 294 5.67 -38.55 -21.62
C ALA A 294 6.42 -39.86 -21.79
N SER A 295 6.34 -40.41 -23.00
CA SER A 295 7.05 -41.65 -23.30
C SER A 295 8.57 -41.45 -23.20
N TRP A 296 9.09 -40.39 -23.83
CA TRP A 296 10.53 -40.09 -23.77
C TRP A 296 11.03 -40.00 -22.32
N ILE A 297 10.31 -39.25 -21.50
CA ILE A 297 10.68 -39.05 -20.11
C ILE A 297 10.64 -40.35 -19.33
N GLY A 298 9.56 -41.11 -19.49
CA GLY A 298 9.45 -42.38 -18.81
C GLY A 298 10.56 -43.34 -19.20
N ARG A 299 11.03 -43.19 -20.43
CA ARG A 299 12.06 -44.06 -20.99
C ARG A 299 13.45 -43.71 -20.50
N ARG A 300 13.82 -42.43 -20.57
CA ARG A 300 15.15 -41.97 -20.17
C ARG A 300 15.36 -42.00 -18.66
N LEU A 301 14.28 -41.98 -17.89
CA LEU A 301 14.37 -41.90 -16.43
C LEU A 301 14.16 -43.25 -15.75
N GLY A 302 13.91 -44.29 -16.53
CA GLY A 302 13.70 -45.62 -15.98
C GLY A 302 12.47 -45.70 -15.11
N LEU A 303 11.36 -45.16 -15.61
CA LEU A 303 10.11 -45.12 -14.86
C LEU A 303 9.04 -45.94 -15.54
N GLY A 304 9.36 -46.46 -16.73
CA GLY A 304 8.45 -47.34 -17.44
C GLY A 304 7.70 -46.64 -18.57
N THR A 305 6.73 -47.34 -19.15
CA THR A 305 5.89 -46.78 -20.20
C THR A 305 4.65 -46.11 -19.59
N PRO A 306 4.37 -44.87 -20.00
CA PRO A 306 3.24 -44.08 -19.49
C PRO A 306 1.87 -44.64 -19.88
N GLU A 307 0.93 -44.63 -18.94
CA GLU A 307 -0.45 -44.94 -19.26
C GLU A 307 -1.28 -43.68 -19.01
N ALA A 308 -1.84 -43.12 -20.07
CA ALA A 308 -2.63 -41.90 -19.95
C ALA A 308 -3.78 -42.12 -18.97
N VAL A 309 -3.89 -41.23 -17.98
CA VAL A 309 -4.92 -41.39 -16.97
C VAL A 309 -6.27 -40.89 -17.49
N ARG A 310 -7.35 -41.51 -17.03
CA ARG A 310 -8.68 -41.16 -17.48
C ARG A 310 -9.55 -40.66 -16.33
N ALA A 311 -10.47 -39.77 -16.66
CA ALA A 311 -11.39 -39.20 -15.69
C ALA A 311 -12.79 -39.14 -16.27
N GLN A 312 -13.78 -39.38 -15.42
CA GLN A 312 -15.17 -39.24 -15.82
C GLN A 312 -15.53 -37.77 -15.89
N ALA A 313 -15.98 -37.31 -17.06
CA ALA A 313 -16.41 -35.93 -17.21
C ALA A 313 -17.91 -35.86 -17.43
N TYR A 314 -18.49 -34.69 -17.22
CA TYR A 314 -19.92 -34.50 -17.47
C TYR A 314 -20.18 -33.27 -18.33
N ARG A 315 -20.98 -33.44 -19.38
CA ARG A 315 -21.34 -32.31 -20.23
C ARG A 315 -22.43 -31.53 -19.51
N LEU A 316 -22.21 -30.23 -19.36
CA LEU A 316 -23.15 -29.37 -18.65
C LEU A 316 -24.20 -28.81 -19.60
N SER A 317 -25.37 -28.49 -19.05
CA SER A 317 -26.46 -27.92 -19.84
C SER A 317 -26.00 -26.61 -20.48
N ILE A 318 -26.46 -26.38 -21.71
CA ILE A 318 -26.12 -25.15 -22.41
C ILE A 318 -26.85 -23.98 -21.74
N PRO A 319 -26.10 -22.93 -21.42
CA PRO A 319 -26.67 -21.70 -20.84
C PRO A 319 -27.64 -21.02 -21.80
N LYS A 320 -28.72 -20.46 -21.26
CA LYS A 320 -29.70 -19.77 -22.11
C LYS A 320 -29.54 -18.26 -21.98
N LEU A 321 -28.87 -17.68 -22.98
CA LEU A 321 -28.60 -16.24 -23.01
C LEU A 321 -29.78 -15.46 -23.54
N MET A 322 -30.09 -14.34 -22.87
CA MET A 322 -31.27 -13.55 -23.21
C MET A 322 -30.99 -12.07 -23.37
N GLY A 323 -31.36 -11.52 -24.51
CA GLY A 323 -31.55 -10.09 -24.63
C GLY A 323 -33.02 -9.87 -24.34
N ARG A 324 -33.70 -9.12 -25.21
CA ARG A 324 -35.16 -9.09 -25.15
C ARG A 324 -35.67 -10.48 -25.51
N ARG A 325 -35.03 -11.08 -26.52
CA ARG A 325 -35.26 -12.48 -26.89
C ARG A 325 -34.00 -13.30 -26.64
N ALA A 326 -34.04 -14.58 -27.00
CA ALA A 326 -32.88 -15.44 -26.87
C ALA A 326 -31.79 -15.02 -27.86
N VAL A 327 -30.54 -15.03 -27.39
CA VAL A 327 -29.39 -14.72 -28.23
C VAL A 327 -28.34 -15.81 -28.08
N SER A 328 -27.46 -15.92 -29.07
CA SER A 328 -26.34 -16.86 -28.97
C SER A 328 -25.09 -16.13 -28.50
N LYS A 329 -25.07 -14.82 -28.71
CA LYS A 329 -23.95 -13.97 -28.31
C LYS A 329 -24.48 -12.60 -27.89
N PRO A 330 -23.78 -11.92 -26.96
CA PRO A 330 -24.23 -10.62 -26.45
C PRO A 330 -24.42 -9.57 -27.54
N ALA A 331 -23.64 -9.66 -28.61
CA ALA A 331 -23.76 -8.71 -29.72
C ALA A 331 -25.16 -8.71 -30.37
N ASP A 332 -25.84 -9.86 -30.32
CA ASP A 332 -27.17 -9.99 -30.94
C ASP A 332 -28.24 -9.15 -30.23
N ALA A 333 -27.92 -8.64 -29.05
CA ALA A 333 -28.86 -7.76 -28.36
C ALA A 333 -28.98 -6.44 -29.10
N LEU A 334 -27.96 -6.13 -29.92
CA LEU A 334 -27.97 -4.91 -30.73
C LEU A 334 -29.06 -4.96 -31.81
N ARG A 335 -29.45 -6.17 -32.19
CA ARG A 335 -30.48 -6.36 -33.22
C ARG A 335 -31.82 -6.74 -32.60
N VAL A 336 -31.77 -7.59 -31.58
CA VAL A 336 -32.97 -8.11 -30.94
C VAL A 336 -33.53 -7.17 -29.88
N GLY A 337 -32.64 -6.57 -29.10
CA GLY A 337 -33.03 -5.72 -28.00
C GLY A 337 -32.37 -6.18 -26.70
N PHE A 338 -32.25 -5.25 -25.76
CA PHE A 338 -31.59 -5.55 -24.49
C PHE A 338 -32.55 -6.25 -23.53
N TYR A 339 -31.98 -6.92 -22.54
CA TYR A 339 -32.78 -7.60 -21.52
C TYR A 339 -33.57 -6.60 -20.70
N ARG A 340 -32.98 -5.43 -20.47
CA ARG A 340 -33.62 -4.35 -19.74
C ARG A 340 -33.01 -3.02 -20.18
N ALA A 341 -33.85 -2.02 -20.43
CA ALA A 341 -33.36 -0.73 -20.89
C ALA A 341 -34.27 0.43 -20.49
N GLN A 342 -33.76 1.33 -19.66
CA GLN A 342 -34.45 2.58 -19.39
C GLN A 342 -34.07 3.57 -20.49
N GLU A 343 -34.68 4.75 -20.49
CA GLU A 343 -34.28 5.74 -21.48
C GLU A 343 -32.89 6.23 -21.10
N THR A 344 -31.99 6.25 -22.09
CA THR A 344 -30.61 6.60 -21.80
C THR A 344 -30.14 7.79 -22.62
N ALA A 345 -29.11 8.47 -22.11
CA ALA A 345 -28.50 9.59 -22.81
C ALA A 345 -26.99 9.36 -22.93
N LEU A 346 -26.52 9.20 -24.17
CA LEU A 346 -25.10 9.01 -24.42
C LEU A 346 -24.51 10.29 -25.00
N ALA A 347 -23.28 10.63 -24.65
CA ALA A 347 -22.63 11.78 -25.28
C ALA A 347 -21.50 11.31 -26.18
N LEU A 348 -21.17 12.12 -27.20
CA LEU A 348 -20.05 11.81 -28.07
C LEU A 348 -18.94 12.85 -27.94
N LEU A 349 -17.71 12.37 -27.74
CA LEU A 349 -16.54 13.23 -27.68
C LEU A 349 -15.59 12.91 -28.83
N ARG A 350 -15.50 13.83 -29.77
CA ARG A 350 -14.60 13.68 -30.91
C ARG A 350 -13.27 14.36 -30.65
N LEU A 351 -12.18 13.61 -30.82
CA LEU A 351 -10.84 14.16 -30.64
C LEU A 351 -10.09 14.20 -31.97
N ASP A 352 -10.75 13.74 -33.02
CA ASP A 352 -10.17 13.71 -34.37
C ASP A 352 -10.50 14.98 -35.16
N GLY A 353 -11.21 15.91 -34.52
CA GLY A 353 -11.58 17.15 -35.16
C GLY A 353 -12.72 16.99 -36.14
N ALA A 354 -13.31 15.79 -36.17
CA ALA A 354 -14.41 15.50 -37.08
C ALA A 354 -15.75 15.86 -36.44
N GLN A 355 -16.81 15.79 -37.22
CA GLN A 355 -18.10 16.30 -36.78
C GLN A 355 -18.81 15.32 -35.85
N GLY A 356 -20.15 15.31 -35.89
CA GLY A 356 -20.93 14.56 -34.92
C GLY A 356 -20.87 13.04 -35.00
N TRP A 357 -22.01 12.41 -34.72
CA TRP A 357 -22.11 10.96 -34.73
C TRP A 357 -21.95 10.36 -36.12
N PRO A 358 -21.07 9.35 -36.26
CA PRO A 358 -21.03 8.56 -37.49
C PRO A 358 -22.39 7.93 -37.76
N GLU A 359 -22.88 8.03 -38.99
CA GLU A 359 -24.24 7.62 -39.30
C GLU A 359 -24.57 6.17 -38.92
N PHE A 360 -23.61 5.27 -39.09
CA PHE A 360 -23.89 3.86 -38.84
C PHE A 360 -23.93 3.53 -37.35
N LEU A 361 -23.13 4.23 -36.55
CA LEU A 361 -23.18 4.08 -35.10
C LEU A 361 -24.53 4.56 -34.56
N ARG A 362 -24.93 5.74 -35.01
CA ARG A 362 -26.23 6.31 -34.70
C ARG A 362 -27.37 5.38 -35.10
N ARG A 363 -27.24 4.81 -36.29
CA ARG A 363 -28.26 3.92 -36.85
C ARG A 363 -28.37 2.64 -36.03
N ALA A 364 -27.22 2.10 -35.62
CA ALA A 364 -27.20 0.88 -34.83
C ALA A 364 -27.79 1.11 -33.44
N LEU A 365 -27.42 2.22 -32.82
CA LEU A 365 -27.96 2.55 -31.50
C LEU A 365 -29.48 2.74 -31.57
N LEU A 366 -29.92 3.52 -32.56
CA LEU A 366 -31.35 3.74 -32.75
C LEU A 366 -32.07 2.41 -32.98
N ARG A 367 -31.45 1.53 -33.76
CA ARG A 367 -31.97 0.20 -34.03
C ARG A 367 -32.15 -0.61 -32.75
N ALA A 368 -31.09 -0.71 -31.96
CA ALA A 368 -31.10 -1.50 -30.74
C ALA A 368 -32.09 -0.97 -29.70
N PHE A 369 -32.17 0.34 -29.57
CA PHE A 369 -33.10 0.94 -28.62
C PHE A 369 -34.54 0.86 -29.12
N GLY A 370 -34.70 0.85 -30.43
CA GLY A 370 -36.00 0.65 -31.04
C GLY A 370 -36.49 -0.74 -30.71
N ALA A 371 -35.63 -1.73 -30.93
CA ALA A 371 -35.96 -3.10 -30.61
C ALA A 371 -36.18 -3.30 -29.11
N SER A 372 -35.55 -2.48 -28.29
CA SER A 372 -35.69 -2.61 -26.83
C SER A 372 -36.92 -1.87 -26.31
N GLY A 373 -37.50 -1.02 -27.16
CA GLY A 373 -38.63 -0.22 -26.75
C GLY A 373 -38.23 0.84 -25.73
N ALA A 374 -37.00 1.35 -25.85
CA ALA A 374 -36.50 2.36 -24.93
C ALA A 374 -36.06 3.62 -25.68
N SER A 375 -36.19 4.77 -25.04
CA SER A 375 -35.88 6.05 -25.68
C SER A 375 -34.39 6.39 -25.59
N LEU A 376 -33.85 6.99 -26.64
CA LEU A 376 -32.42 7.31 -26.69
C LEU A 376 -32.17 8.79 -26.95
N ARG A 377 -31.15 9.33 -26.29
CA ARG A 377 -30.72 10.71 -26.54
C ARG A 377 -29.24 10.74 -26.89
N LEU A 378 -28.93 11.16 -28.12
CA LEU A 378 -27.54 11.31 -28.53
C LEU A 378 -27.09 12.77 -28.41
N HIS A 379 -26.31 13.05 -27.37
CA HIS A 379 -25.67 14.35 -27.18
C HIS A 379 -24.30 14.38 -27.84
N THR A 380 -23.83 15.58 -28.15
CA THR A 380 -22.47 15.75 -28.65
C THR A 380 -21.72 16.75 -27.77
N LEU A 381 -20.55 16.35 -27.30
CA LEU A 381 -19.69 17.23 -26.50
C LEU A 381 -18.90 18.19 -27.38
N HIS A 382 -19.29 19.46 -27.37
CA HIS A 382 -18.56 20.47 -28.12
C HIS A 382 -17.52 21.11 -27.22
N ALA A 383 -16.45 20.36 -26.96
CA ALA A 383 -15.39 20.79 -26.07
C ALA A 383 -14.19 19.87 -26.23
N HIS A 384 -13.02 20.34 -25.82
CA HIS A 384 -11.79 19.59 -26.00
C HIS A 384 -10.94 19.72 -24.75
N PRO A 385 -10.21 18.65 -24.40
CA PRO A 385 -9.37 18.65 -23.20
C PRO A 385 -8.31 19.75 -23.17
N SER A 386 -7.94 20.29 -24.34
CA SER A 386 -6.91 21.32 -24.39
C SER A 386 -7.45 22.70 -24.04
N GLN A 387 -8.73 22.76 -23.66
CA GLN A 387 -9.31 24.01 -23.15
C GLN A 387 -8.93 24.20 -21.68
N GLY A 388 -8.54 23.11 -21.02
CA GLY A 388 -8.24 23.14 -19.60
C GLY A 388 -9.48 22.89 -18.78
N LEU A 389 -9.62 23.62 -17.67
CA LEU A 389 -10.74 23.42 -16.74
C LEU A 389 -12.10 23.66 -17.39
N ALA A 390 -12.11 24.52 -18.41
CA ALA A 390 -13.34 24.80 -19.14
C ALA A 390 -13.96 23.51 -19.67
N PHE A 391 -13.09 22.57 -20.07
CA PHE A 391 -13.55 21.26 -20.52
C PHE A 391 -14.32 20.56 -19.41
N ARG A 392 -13.77 20.60 -18.20
CA ARG A 392 -14.42 20.01 -17.04
C ARG A 392 -15.79 20.62 -16.82
N GLU A 393 -15.87 21.94 -16.99
CA GLU A 393 -17.15 22.64 -16.90
C GLU A 393 -18.15 22.06 -17.91
N ALA A 394 -17.68 21.86 -19.14
CA ALA A 394 -18.51 21.26 -20.17
C ALA A 394 -19.03 19.89 -19.73
N LEU A 395 -18.14 19.07 -19.18
CA LEU A 395 -18.51 17.75 -18.71
C LEU A 395 -19.59 17.83 -17.65
N ARG A 396 -19.43 18.76 -16.71
CA ARG A 396 -20.40 18.92 -15.62
C ARG A 396 -21.76 19.28 -16.20
N LYS A 397 -21.78 20.20 -17.16
CA LYS A 397 -23.04 20.56 -17.82
C LYS A 397 -23.67 19.35 -18.51
N ALA A 398 -22.86 18.55 -19.18
CA ALA A 398 -23.37 17.35 -19.84
C ALA A 398 -24.00 16.37 -18.83
N LYS A 399 -23.30 16.13 -17.72
CA LYS A 399 -23.80 15.24 -16.69
C LYS A 399 -25.11 15.76 -16.11
N GLU A 400 -25.20 17.07 -15.93
CA GLU A 400 -26.40 17.68 -15.39
C GLU A 400 -27.60 17.54 -16.33
N GLU A 401 -27.33 17.43 -17.63
CA GLU A 401 -28.40 17.30 -18.61
C GLU A 401 -28.82 15.84 -18.80
N GLY A 402 -28.21 14.94 -18.03
CA GLY A 402 -28.64 13.56 -18.02
C GLY A 402 -27.74 12.56 -18.74
N VAL A 403 -26.65 13.04 -19.32
CA VAL A 403 -25.69 12.13 -19.97
C VAL A 403 -25.17 11.11 -18.96
N GLN A 404 -25.17 9.84 -19.34
CA GLN A 404 -24.81 8.76 -18.44
C GLN A 404 -23.42 8.21 -18.73
N ALA A 405 -23.02 8.27 -20.00
CA ALA A 405 -21.71 7.80 -20.42
C ALA A 405 -21.32 8.47 -21.74
N VAL A 406 -20.02 8.55 -22.02
CA VAL A 406 -19.65 9.14 -23.30
C VAL A 406 -18.73 8.22 -24.09
N LEU A 407 -18.94 8.22 -25.41
CA LEU A 407 -18.09 7.51 -26.35
C LEU A 407 -17.04 8.47 -26.89
N VAL A 408 -15.78 8.08 -26.83
CA VAL A 408 -14.67 8.93 -27.24
C VAL A 408 -14.05 8.42 -28.53
N LEU A 409 -14.29 9.14 -29.62
CA LEU A 409 -13.68 8.81 -30.90
C LEU A 409 -12.33 9.50 -30.99
N THR A 410 -11.27 8.71 -31.09
CA THR A 410 -9.93 9.30 -31.10
C THR A 410 -8.92 8.40 -31.78
N PRO A 411 -7.85 8.98 -32.36
CA PRO A 411 -6.75 8.11 -32.77
C PRO A 411 -6.13 7.46 -31.55
N PRO A 412 -5.40 6.35 -31.72
CA PRO A 412 -4.74 5.67 -30.60
C PRO A 412 -4.06 6.63 -29.64
N MET A 413 -4.50 6.61 -28.38
CA MET A 413 -3.91 7.43 -27.34
C MET A 413 -2.78 6.71 -26.64
N ALA A 414 -1.80 7.46 -26.14
CA ALA A 414 -0.80 6.90 -25.26
C ALA A 414 -1.44 6.51 -23.93
N TRP A 415 -0.82 5.56 -23.22
CA TRP A 415 -1.35 5.09 -21.94
C TRP A 415 -1.69 6.22 -20.97
N GLU A 416 -0.74 7.12 -20.74
CA GLU A 416 -0.91 8.20 -19.78
C GLU A 416 -2.10 9.10 -20.14
N ASP A 417 -2.25 9.40 -21.42
CA ASP A 417 -3.29 10.32 -21.86
C ASP A 417 -4.67 9.64 -21.80
N ARG A 418 -4.68 8.35 -22.10
CA ARG A 418 -5.89 7.54 -21.99
C ARG A 418 -6.36 7.49 -20.53
N ASN A 419 -5.44 7.12 -19.66
CA ASN A 419 -5.71 7.05 -18.22
C ASN A 419 -6.16 8.39 -17.65
N ARG A 420 -5.48 9.46 -18.04
CA ARG A 420 -5.79 10.79 -17.52
C ARG A 420 -7.16 11.26 -17.99
N LEU A 421 -7.45 11.04 -19.27
CA LEU A 421 -8.76 11.41 -19.81
C LEU A 421 -9.89 10.64 -19.12
N LYS A 422 -9.74 9.32 -19.04
CA LYS A 422 -10.77 8.50 -18.39
C LYS A 422 -10.97 8.89 -16.92
N ALA A 423 -9.87 9.12 -16.20
CA ALA A 423 -9.96 9.56 -14.80
C ALA A 423 -10.70 10.88 -14.67
N LEU A 424 -10.33 11.84 -15.53
CA LEU A 424 -11.01 13.14 -15.54
C LEU A 424 -12.51 12.99 -15.75
N LEU A 425 -12.91 12.24 -16.78
CA LEU A 425 -14.33 12.05 -17.05
C LEU A 425 -14.99 11.39 -15.84
N LEU A 426 -14.28 10.44 -15.22
CA LEU A 426 -14.77 9.75 -14.03
C LEU A 426 -15.07 10.70 -12.88
N ARG A 427 -14.19 11.66 -12.62
CA ARG A 427 -14.39 12.59 -11.51
C ARG A 427 -15.64 13.46 -11.70
N GLU A 428 -16.15 13.51 -12.93
CA GLU A 428 -17.42 14.19 -13.18
C GLU A 428 -18.54 13.17 -13.34
N GLY A 429 -18.28 11.93 -12.94
CA GLY A 429 -19.30 10.89 -12.93
C GLY A 429 -19.61 10.28 -14.29
N LEU A 430 -18.71 10.45 -15.24
CA LEU A 430 -18.95 10.02 -16.61
C LEU A 430 -18.00 8.91 -17.06
N PRO A 431 -18.50 7.67 -17.13
CA PRO A 431 -17.67 6.60 -17.69
C PRO A 431 -17.53 6.76 -19.19
N SER A 432 -16.42 6.24 -19.73
CA SER A 432 -16.04 6.49 -21.10
C SER A 432 -15.72 5.22 -21.85
N GLN A 433 -16.15 5.14 -23.11
CA GLN A 433 -15.76 4.05 -23.99
C GLN A 433 -14.91 4.58 -25.15
N ILE A 434 -13.70 4.07 -25.32
CA ILE A 434 -12.86 4.60 -26.38
C ILE A 434 -12.97 3.78 -27.67
N LEU A 435 -13.21 4.49 -28.78
CA LEU A 435 -13.19 3.87 -30.10
C LEU A 435 -12.16 4.61 -30.97
N ASN A 436 -11.24 3.84 -31.54
CA ASN A 436 -10.13 4.42 -32.30
C ASN A 436 -10.57 4.86 -33.70
N VAL A 437 -10.11 6.04 -34.11
CA VAL A 437 -10.83 6.82 -35.11
C VAL A 437 -10.50 6.56 -36.59
N PRO A 438 -9.37 5.92 -36.89
CA PRO A 438 -9.46 5.37 -38.24
C PRO A 438 -10.49 4.24 -38.19
N LEU A 439 -11.73 4.53 -38.59
CA LEU A 439 -12.84 3.60 -38.41
C LEU A 439 -13.74 3.47 -39.62
N ARG A 440 -13.84 2.26 -40.16
CA ARG A 440 -14.75 1.97 -41.26
C ARG A 440 -15.92 1.11 -40.77
N GLU A 441 -17.07 1.24 -41.42
CA GLU A 441 -18.28 0.51 -41.02
C GLU A 441 -18.11 -1.01 -41.13
N GLU A 442 -17.13 -1.43 -41.92
CA GLU A 442 -16.87 -2.87 -42.11
C GLU A 442 -16.19 -3.48 -40.89
N GLU A 443 -15.72 -2.63 -39.99
CA GLU A 443 -15.06 -3.09 -38.77
C GLU A 443 -16.07 -3.31 -37.65
N ARG A 444 -17.13 -4.06 -37.97
CA ARG A 444 -18.30 -4.13 -37.10
C ARG A 444 -18.03 -4.82 -35.76
N HIS A 445 -17.05 -5.70 -35.71
CA HIS A 445 -16.73 -6.37 -34.45
C HIS A 445 -16.21 -5.35 -33.44
N ARG A 446 -15.27 -4.53 -33.88
CA ARG A 446 -14.64 -3.52 -33.04
C ARG A 446 -15.67 -2.51 -32.51
N TRP A 447 -16.48 -1.94 -33.39
CA TRP A 447 -17.39 -0.88 -32.93
C TRP A 447 -18.69 -1.44 -32.32
N GLU A 448 -19.04 -2.69 -32.60
CA GLU A 448 -20.17 -3.28 -31.88
C GLU A 448 -19.73 -3.59 -30.47
N ASN A 449 -18.48 -4.03 -30.30
CA ASN A 449 -17.96 -4.22 -28.95
C ASN A 449 -17.81 -2.90 -28.22
N ALA A 450 -17.33 -1.88 -28.92
CA ALA A 450 -17.25 -0.54 -28.32
C ALA A 450 -18.64 -0.10 -27.88
N LEU A 451 -19.63 -0.36 -28.74
CA LEU A 451 -21.03 -0.03 -28.45
C LEU A 451 -21.52 -0.74 -27.20
N LEU A 452 -21.27 -2.04 -27.12
CA LEU A 452 -21.66 -2.87 -25.99
C LEU A 452 -21.03 -2.37 -24.68
N GLY A 453 -19.72 -2.09 -24.72
CA GLY A 453 -19.04 -1.51 -23.57
C GLY A 453 -19.68 -0.21 -23.15
N LEU A 454 -19.91 0.67 -24.13
CA LEU A 454 -20.58 1.95 -23.92
C LEU A 454 -21.90 1.76 -23.17
N LEU A 455 -22.68 0.78 -23.61
CA LEU A 455 -23.99 0.54 -23.02
C LEU A 455 -23.89 -0.03 -21.61
N ALA A 456 -22.93 -0.93 -21.40
CA ALA A 456 -22.67 -1.46 -20.07
C ALA A 456 -22.26 -0.34 -19.11
N LYS A 457 -21.57 0.67 -19.67
CA LYS A 457 -21.10 1.80 -18.88
C LYS A 457 -22.21 2.81 -18.60
N ALA A 458 -23.28 2.77 -19.38
CA ALA A 458 -24.42 3.65 -19.14
C ALA A 458 -25.36 3.05 -18.10
N GLY A 459 -25.10 1.80 -17.73
CA GLY A 459 -25.89 1.14 -16.71
C GLY A 459 -26.90 0.14 -17.23
N LEU A 460 -26.95 -0.05 -18.55
CA LEU A 460 -27.89 -1.00 -19.14
C LEU A 460 -27.46 -2.43 -18.89
N GLN A 461 -28.43 -3.33 -18.87
CA GLN A 461 -28.16 -4.75 -18.92
C GLN A 461 -28.54 -5.26 -20.29
N VAL A 462 -27.53 -5.62 -21.08
CA VAL A 462 -27.76 -6.00 -22.47
C VAL A 462 -28.23 -7.46 -22.54
N VAL A 463 -27.72 -8.30 -21.64
CA VAL A 463 -28.13 -9.71 -21.62
C VAL A 463 -28.33 -10.25 -20.20
N ALA A 464 -28.94 -11.42 -20.11
CA ALA A 464 -29.18 -12.10 -18.83
C ALA A 464 -29.34 -13.60 -19.05
N LEU A 465 -29.29 -14.36 -17.96
CA LEU A 465 -29.44 -15.81 -18.04
C LEU A 465 -30.88 -16.23 -17.75
N SER A 466 -31.32 -17.29 -18.43
CA SER A 466 -32.60 -17.90 -18.10
C SER A 466 -32.37 -19.31 -17.57
N GLY A 467 -32.79 -19.55 -16.33
CA GLY A 467 -32.59 -20.84 -15.70
C GLY A 467 -32.92 -20.81 -14.22
N ALA A 468 -32.82 -21.97 -13.57
CA ALA A 468 -32.99 -22.05 -12.13
C ALA A 468 -31.62 -22.24 -11.49
N TYR A 469 -31.21 -21.28 -10.66
CA TYR A 469 -29.90 -21.36 -10.04
C TYR A 469 -30.01 -21.38 -8.52
N PRO A 470 -29.10 -22.12 -7.86
CA PRO A 470 -29.06 -22.22 -6.39
C PRO A 470 -28.85 -20.88 -5.73
N ALA A 471 -27.92 -20.10 -6.26
CA ALA A 471 -27.64 -18.78 -5.71
C ALA A 471 -28.34 -17.68 -6.51
N GLU A 472 -28.93 -16.74 -5.78
CA GLU A 472 -29.72 -15.66 -6.37
C GLU A 472 -28.85 -14.42 -6.51
N LEU A 473 -27.70 -14.48 -5.86
CA LEU A 473 -26.71 -13.41 -5.90
C LEU A 473 -25.35 -14.06 -6.05
N ALA A 474 -24.56 -13.60 -7.02
CA ALA A 474 -23.21 -14.16 -7.20
C ALA A 474 -22.20 -13.03 -7.11
N VAL A 475 -21.20 -13.17 -6.25
CA VAL A 475 -20.23 -12.09 -6.16
C VAL A 475 -18.79 -12.62 -6.24
N GLY A 476 -17.97 -11.90 -7.00
CA GLY A 476 -16.58 -12.26 -7.17
C GLY A 476 -15.65 -11.30 -6.45
N PHE A 477 -14.55 -11.84 -5.94
CA PHE A 477 -13.53 -11.09 -5.20
C PHE A 477 -12.17 -11.25 -5.86
N ASP A 478 -11.41 -10.17 -5.96
CA ASP A 478 -10.07 -10.25 -6.51
C ASP A 478 -9.16 -9.15 -5.95
N ALA A 479 -7.87 -9.28 -6.18
CA ALA A 479 -6.91 -8.26 -5.81
C ALA A 479 -6.10 -7.87 -7.03
N GLY A 480 -5.87 -6.58 -7.21
CA GLY A 480 -5.13 -6.11 -8.38
C GLY A 480 -4.29 -4.90 -8.09
N GLY A 481 -3.57 -4.41 -9.09
CA GLY A 481 -2.69 -3.26 -8.89
C GLY A 481 -1.23 -3.66 -9.03
N ARG A 482 -0.45 -2.80 -9.69
CA ARG A 482 0.94 -3.11 -9.97
C ARG A 482 1.88 -2.29 -9.10
N GLU A 483 1.64 -2.28 -7.79
CA GLU A 483 2.48 -1.54 -6.85
C GLU A 483 2.82 -2.38 -5.62
N SER A 484 3.47 -1.74 -4.65
CA SER A 484 3.77 -2.37 -3.38
C SER A 484 2.47 -2.68 -2.62
N PHE A 485 1.45 -1.86 -2.84
CA PHE A 485 0.11 -2.11 -2.30
C PHE A 485 -0.85 -2.54 -3.41
N ARG A 486 -1.96 -3.15 -3.03
CA ARG A 486 -2.98 -3.57 -3.99
C ARG A 486 -4.36 -3.06 -3.63
N PHE A 487 -5.32 -3.31 -4.51
CA PHE A 487 -6.72 -3.04 -4.22
C PHE A 487 -7.47 -4.36 -4.19
N GLY A 488 -8.18 -4.60 -3.10
CA GLY A 488 -9.07 -5.74 -2.97
C GLY A 488 -10.46 -5.26 -3.33
N GLY A 489 -11.10 -5.96 -4.26
CA GLY A 489 -12.39 -5.53 -4.76
C GLY A 489 -13.38 -6.64 -5.03
N ALA A 490 -14.65 -6.26 -5.11
CA ALA A 490 -15.73 -7.20 -5.35
C ALA A 490 -16.70 -6.67 -6.40
N ALA A 491 -17.24 -7.58 -7.21
CA ALA A 491 -18.29 -7.22 -8.15
C ALA A 491 -19.40 -8.25 -8.03
N CYS A 492 -20.60 -7.96 -8.54
CA CYS A 492 -21.69 -8.91 -8.38
C CYS A 492 -22.73 -8.94 -9.49
N ALA A 493 -23.32 -10.12 -9.66
CA ALA A 493 -24.52 -10.31 -10.47
C ALA A 493 -25.70 -10.57 -9.53
N VAL A 494 -26.68 -9.67 -9.55
CA VAL A 494 -27.84 -9.83 -8.66
C VAL A 494 -29.04 -10.32 -9.47
N GLY A 495 -29.84 -11.18 -8.83
CA GLY A 495 -30.95 -11.83 -9.50
C GLY A 495 -30.50 -13.15 -10.07
N GLY A 496 -31.38 -14.15 -10.06
CA GLY A 496 -31.06 -15.46 -10.61
C GLY A 496 -30.72 -15.35 -12.09
N ASP A 497 -31.29 -14.35 -12.74
CA ASP A 497 -31.04 -14.10 -14.16
C ASP A 497 -29.71 -13.39 -14.39
N GLY A 498 -29.14 -12.84 -13.32
CA GLY A 498 -27.94 -12.02 -13.43
C GLY A 498 -28.29 -10.70 -14.09
N GLY A 499 -29.55 -10.30 -13.98
CA GLY A 499 -30.05 -9.10 -14.64
C GLY A 499 -29.58 -7.79 -14.05
N HIS A 500 -28.67 -7.84 -13.09
CA HIS A 500 -28.07 -6.64 -12.53
C HIS A 500 -26.58 -6.86 -12.23
N LEU A 501 -25.73 -6.05 -12.84
CA LEU A 501 -24.30 -6.12 -12.60
C LEU A 501 -23.83 -4.88 -11.86
N LEU A 502 -23.21 -5.07 -10.70
CA LEU A 502 -22.72 -3.94 -9.89
C LEU A 502 -21.26 -4.13 -9.56
N TRP A 503 -20.59 -3.02 -9.24
CA TRP A 503 -19.26 -3.04 -8.65
C TRP A 503 -19.33 -2.32 -7.30
N THR A 504 -18.32 -2.55 -6.46
CA THR A 504 -18.26 -1.90 -5.16
C THR A 504 -16.91 -1.20 -4.99
N LEU A 505 -16.89 -0.13 -4.21
CA LEU A 505 -15.67 0.63 -3.95
C LEU A 505 -14.60 -0.26 -3.33
N PRO A 506 -13.47 -0.44 -4.03
CA PRO A 506 -12.39 -1.28 -3.51
C PRO A 506 -11.73 -0.72 -2.25
N GLU A 507 -10.85 -1.51 -1.64
CA GLU A 507 -10.09 -1.07 -0.49
C GLU A 507 -8.61 -1.32 -0.74
N ALA A 508 -7.76 -0.40 -0.31
CA ALA A 508 -6.31 -0.60 -0.39
C ALA A 508 -5.90 -1.67 0.63
N GLN A 509 -4.92 -2.49 0.27
CA GLN A 509 -4.44 -3.55 1.14
C GLN A 509 -2.96 -3.85 0.87
N ALA A 510 -2.26 -4.42 1.85
CA ALA A 510 -0.82 -4.64 1.73
C ALA A 510 -0.48 -5.67 0.65
N GLY A 511 -1.18 -6.81 0.66
CA GLY A 511 -0.89 -7.88 -0.27
C GLY A 511 -2.09 -8.47 -0.97
N GLU A 512 -2.04 -9.78 -1.19
CA GLU A 512 -3.08 -10.50 -1.90
C GLU A 512 -4.27 -10.81 -1.00
N ARG A 513 -3.98 -11.10 0.27
CA ARG A 513 -5.02 -11.39 1.23
C ARG A 513 -5.92 -10.18 1.45
N ILE A 514 -7.23 -10.41 1.39
CA ILE A 514 -8.21 -9.36 1.69
C ILE A 514 -8.64 -9.46 3.15
N PRO A 515 -8.47 -8.36 3.91
CA PRO A 515 -8.83 -8.35 5.33
C PRO A 515 -10.27 -8.78 5.54
N GLN A 516 -10.52 -9.56 6.59
CA GLN A 516 -11.85 -10.13 6.85
C GLN A 516 -12.96 -9.09 6.87
N GLU A 517 -12.69 -7.97 7.53
CA GLU A 517 -13.66 -6.89 7.64
C GLU A 517 -13.97 -6.34 6.24
N VAL A 518 -12.96 -6.24 5.40
CA VAL A 518 -13.14 -5.75 4.04
C VAL A 518 -13.98 -6.71 3.19
N VAL A 519 -13.66 -8.00 3.28
CA VAL A 519 -14.46 -9.03 2.60
C VAL A 519 -15.92 -8.86 2.98
N TRP A 520 -16.17 -8.79 4.29
CA TRP A 520 -17.54 -8.65 4.76
C TRP A 520 -18.20 -7.38 4.25
N ASP A 521 -17.50 -6.26 4.31
CA ASP A 521 -18.08 -4.97 3.94
C ASP A 521 -18.47 -4.92 2.46
N LEU A 522 -17.58 -5.41 1.60
CA LEU A 522 -17.90 -5.51 0.19
C LEU A 522 -19.11 -6.41 -0.03
N LEU A 523 -19.12 -7.56 0.66
CA LEU A 523 -20.25 -8.47 0.55
C LEU A 523 -21.56 -7.80 0.98
N GLU A 524 -21.48 -6.98 2.03
CA GLU A 524 -22.66 -6.29 2.56
C GLU A 524 -23.16 -5.25 1.56
N GLU A 525 -22.22 -4.66 0.84
CA GLU A 525 -22.59 -3.74 -0.22
C GLU A 525 -23.36 -4.47 -1.33
N THR A 526 -22.90 -5.67 -1.69
CA THR A 526 -23.61 -6.44 -2.71
C THR A 526 -24.98 -6.93 -2.23
N LEU A 527 -25.05 -7.38 -0.98
CA LEU A 527 -26.32 -7.73 -0.36
C LEU A 527 -27.27 -6.53 -0.40
N TRP A 528 -26.72 -5.33 -0.21
CA TRP A 528 -27.54 -4.13 -0.16
C TRP A 528 -28.03 -3.78 -1.55
N ALA A 529 -27.19 -4.05 -2.56
CA ALA A 529 -27.61 -3.91 -3.95
C ALA A 529 -28.81 -4.82 -4.21
N PHE A 530 -28.66 -6.09 -3.82
CA PHE A 530 -29.78 -7.03 -3.96
C PHE A 530 -31.02 -6.51 -3.23
N ARG A 531 -30.86 -6.03 -2.01
CA ARG A 531 -31.99 -5.51 -1.23
C ARG A 531 -32.68 -4.38 -1.97
N ARG A 532 -31.88 -3.50 -2.57
CA ARG A 532 -32.41 -2.34 -3.27
C ARG A 532 -33.09 -2.70 -4.60
N LYS A 533 -32.70 -3.81 -5.22
CA LYS A 533 -33.34 -4.21 -6.48
C LYS A 533 -34.54 -5.14 -6.28
N ALA A 534 -34.41 -6.09 -5.36
CA ALA A 534 -35.42 -7.12 -5.17
C ALA A 534 -36.39 -6.82 -4.03
N GLY A 535 -36.01 -5.93 -3.13
CA GLY A 535 -36.88 -5.58 -2.02
C GLY A 535 -36.92 -6.67 -0.97
N ARG A 536 -35.89 -7.50 -0.95
CA ARG A 536 -35.74 -8.58 0.02
C ARG A 536 -34.28 -9.00 0.10
N LEU A 537 -33.94 -9.85 1.07
CA LEU A 537 -32.61 -10.45 1.12
C LEU A 537 -32.60 -11.69 0.25
N PRO A 538 -31.43 -12.01 -0.35
CA PRO A 538 -31.36 -13.24 -1.16
C PRO A 538 -31.35 -14.48 -0.27
N SER A 539 -31.92 -15.58 -0.74
CA SER A 539 -31.94 -16.81 0.04
C SER A 539 -30.56 -17.48 0.08
N ARG A 540 -29.79 -17.28 -0.98
CA ARG A 540 -28.48 -17.92 -1.09
C ARG A 540 -27.54 -17.08 -1.95
N VAL A 541 -26.28 -16.99 -1.52
CA VAL A 541 -25.25 -16.28 -2.28
C VAL A 541 -24.12 -17.22 -2.69
N LEU A 542 -23.60 -17.02 -3.90
CA LEU A 542 -22.43 -17.74 -4.38
C LEU A 542 -21.21 -16.84 -4.30
N LEU A 543 -20.27 -17.21 -3.44
CA LEU A 543 -19.04 -16.46 -3.23
C LEU A 543 -17.92 -17.04 -4.10
N LEU A 544 -17.37 -16.22 -4.98
CA LEU A 544 -16.32 -16.65 -5.90
C LEU A 544 -15.02 -15.89 -5.63
N ARG A 545 -13.98 -16.60 -5.19
CA ARG A 545 -12.67 -15.99 -4.98
C ARG A 545 -11.71 -16.26 -6.13
N ASP A 546 -11.12 -15.20 -6.70
CA ASP A 546 -10.05 -15.39 -7.66
C ASP A 546 -8.87 -16.05 -6.95
N GLY A 547 -8.47 -17.24 -7.41
CA GLY A 547 -7.34 -17.94 -6.83
C GLY A 547 -7.64 -18.69 -5.54
N ARG A 548 -6.61 -18.90 -4.74
CA ARG A 548 -6.75 -19.57 -3.45
C ARG A 548 -7.47 -18.67 -2.45
N VAL A 549 -8.18 -19.28 -1.50
CA VAL A 549 -8.76 -18.54 -0.39
C VAL A 549 -7.81 -18.60 0.80
N PRO A 550 -7.14 -17.48 1.11
CA PRO A 550 -6.27 -17.43 2.30
C PRO A 550 -7.01 -17.85 3.56
N GLN A 551 -6.33 -18.53 4.48
CA GLN A 551 -6.98 -19.06 5.67
C GLN A 551 -7.80 -18.00 6.41
N ASP A 552 -9.08 -18.33 6.65
CA ASP A 552 -10.01 -17.54 7.46
C ASP A 552 -10.38 -16.18 6.86
N GLU A 553 -9.99 -15.94 5.61
CA GLU A 553 -10.31 -14.69 4.92
C GLU A 553 -11.81 -14.39 4.91
N PHE A 554 -12.62 -15.43 4.75
CA PHE A 554 -14.06 -15.26 4.69
C PHE A 554 -14.77 -15.60 6.00
N ALA A 555 -13.99 -15.87 7.05
CA ALA A 555 -14.57 -16.30 8.34
C ALA A 555 -15.64 -15.33 8.86
N LEU A 556 -15.25 -14.07 9.03
CA LEU A 556 -16.16 -13.04 9.51
C LEU A 556 -17.40 -12.89 8.62
N ALA A 557 -17.18 -12.86 7.30
CA ALA A 557 -18.26 -12.70 6.35
C ALA A 557 -19.21 -13.90 6.38
N LEU A 558 -18.65 -15.09 6.56
CA LEU A 558 -19.47 -16.30 6.63
C LEU A 558 -20.32 -16.33 7.91
N GLU A 559 -19.72 -15.90 9.02
CA GLU A 559 -20.47 -15.85 10.26
C GLU A 559 -21.58 -14.80 10.16
N ALA A 560 -21.26 -13.70 9.49
CA ALA A 560 -22.24 -12.63 9.29
C ALA A 560 -23.40 -13.13 8.44
N LEU A 561 -23.07 -13.88 7.40
CA LEU A 561 -24.10 -14.47 6.55
C LEU A 561 -24.99 -15.42 7.35
N ALA A 562 -24.36 -16.26 8.17
CA ALA A 562 -25.10 -17.20 9.00
C ALA A 562 -26.08 -16.49 9.92
N ARG A 563 -25.61 -15.44 10.58
CA ARG A 563 -26.45 -14.65 11.48
C ARG A 563 -27.69 -14.05 10.79
N GLU A 564 -27.54 -13.67 9.53
CA GLU A 564 -28.64 -13.04 8.79
C GLU A 564 -29.56 -14.06 8.16
N GLY A 565 -29.21 -15.34 8.30
CA GLY A 565 -30.01 -16.43 7.75
C GLY A 565 -29.90 -16.55 6.25
N ILE A 566 -28.75 -16.17 5.71
CA ILE A 566 -28.48 -16.29 4.28
C ILE A 566 -27.54 -17.46 4.01
N ALA A 567 -27.97 -18.39 3.16
CA ALA A 567 -27.12 -19.55 2.83
C ALA A 567 -25.98 -19.10 1.94
N TYR A 568 -24.92 -19.90 1.86
CA TYR A 568 -23.77 -19.50 1.04
C TYR A 568 -23.00 -20.68 0.48
N ASP A 569 -22.25 -20.42 -0.58
CA ASP A 569 -21.19 -21.31 -1.03
C ASP A 569 -19.95 -20.48 -1.33
N LEU A 570 -18.80 -20.91 -0.80
CA LEU A 570 -17.52 -20.29 -1.12
C LEU A 570 -16.78 -21.18 -2.10
N VAL A 571 -16.43 -20.65 -3.27
CA VAL A 571 -15.67 -21.44 -4.24
C VAL A 571 -14.37 -20.73 -4.61
N SER A 572 -13.25 -21.42 -4.44
CA SER A 572 -11.97 -20.96 -4.93
C SER A 572 -11.87 -21.28 -6.42
N VAL A 573 -11.59 -20.26 -7.23
CA VAL A 573 -11.46 -20.43 -8.67
C VAL A 573 -10.04 -20.16 -9.15
N ARG A 574 -9.35 -21.22 -9.56
CA ARG A 574 -7.94 -21.12 -9.90
C ARG A 574 -7.72 -21.20 -11.40
N LYS A 575 -7.06 -20.16 -11.92
CA LYS A 575 -6.83 -19.98 -13.34
C LYS A 575 -5.72 -20.89 -13.86
N SER A 576 -4.84 -21.32 -12.96
CA SER A 576 -3.79 -22.28 -13.31
C SER A 576 -3.81 -23.47 -12.37
N GLY A 577 -3.06 -24.51 -12.70
CA GLY A 577 -2.98 -25.69 -11.85
C GLY A 577 -4.04 -26.73 -12.16
N GLY A 578 -4.90 -26.43 -13.13
CA GLY A 578 -5.95 -27.36 -13.51
C GLY A 578 -5.48 -28.38 -14.52
N GLY A 579 -4.26 -28.19 -15.04
CA GLY A 579 -3.72 -29.07 -16.04
C GLY A 579 -4.47 -28.96 -17.37
N ARG A 580 -4.54 -30.06 -18.10
CA ARG A 580 -5.23 -30.09 -19.38
C ARG A 580 -6.25 -31.23 -19.41
N VAL A 581 -7.29 -31.06 -20.23
CA VAL A 581 -8.19 -32.18 -20.48
C VAL A 581 -8.32 -32.40 -21.99
N TYR A 582 -8.38 -33.67 -22.38
CA TYR A 582 -8.51 -34.04 -23.79
C TYR A 582 -9.61 -35.08 -23.95
N PRO A 583 -10.38 -35.00 -25.03
CA PRO A 583 -11.40 -36.02 -25.25
C PRO A 583 -10.79 -37.39 -25.56
N VAL A 584 -11.27 -38.43 -24.90
CA VAL A 584 -10.96 -39.80 -25.31
C VAL A 584 -11.62 -40.03 -26.66
N GLN A 585 -12.85 -39.50 -26.78
CA GLN A 585 -13.67 -39.62 -27.98
C GLN A 585 -13.19 -38.71 -29.10
N GLY A 586 -14.12 -38.10 -29.82
CA GLY A 586 -13.80 -37.27 -30.96
C GLY A 586 -13.47 -35.83 -30.63
N ARG A 587 -14.49 -35.01 -30.43
CA ARG A 587 -14.29 -33.57 -30.31
C ARG A 587 -14.11 -33.08 -28.88
N LEU A 588 -13.49 -31.91 -28.77
CA LEU A 588 -13.33 -31.23 -27.48
C LEU A 588 -14.27 -30.03 -27.42
N ALA A 589 -15.23 -30.09 -26.52
CA ALA A 589 -16.19 -29.00 -26.36
C ALA A 589 -16.09 -28.42 -24.94
N ASP A 590 -16.51 -27.18 -24.77
CA ASP A 590 -16.53 -26.59 -23.42
C ASP A 590 -17.85 -26.91 -22.72
N GLY A 591 -17.95 -26.53 -21.45
CA GLY A 591 -19.08 -26.91 -20.63
C GLY A 591 -18.75 -28.23 -19.97
N LEU A 592 -17.45 -28.48 -19.80
CA LEU A 592 -17.00 -29.78 -19.32
C LEU A 592 -16.75 -29.74 -17.81
N TYR A 593 -17.34 -30.70 -17.10
CA TYR A 593 -17.23 -30.75 -15.64
C TYR A 593 -16.55 -32.03 -15.16
N VAL A 594 -15.36 -31.92 -14.59
CA VAL A 594 -14.56 -33.08 -14.23
C VAL A 594 -14.27 -33.18 -12.73
N PRO A 595 -15.14 -33.87 -11.99
CA PRO A 595 -14.89 -34.04 -10.55
C PRO A 595 -13.66 -34.90 -10.27
N LEU A 596 -12.77 -34.42 -9.40
CA LEU A 596 -11.53 -35.12 -9.08
C LEU A 596 -11.52 -35.61 -7.65
N GLU A 597 -11.07 -34.74 -6.76
CA GLU A 597 -11.11 -35.01 -5.33
C GLU A 597 -12.51 -34.68 -4.83
N ASP A 598 -12.74 -34.80 -3.53
CA ASP A 598 -13.98 -34.31 -2.96
C ASP A 598 -13.82 -32.81 -2.73
N LYS A 599 -14.89 -32.07 -3.04
CA LYS A 599 -14.94 -30.61 -2.94
C LYS A 599 -14.04 -29.90 -3.96
N THR A 600 -13.39 -30.65 -4.85
CA THR A 600 -12.57 -30.01 -5.89
C THR A 600 -12.75 -30.65 -7.26
N PHE A 601 -12.90 -29.82 -8.28
CA PHE A 601 -13.22 -30.29 -9.63
C PHE A 601 -12.64 -29.38 -10.70
N LEU A 602 -12.59 -29.87 -11.94
CA LEU A 602 -12.13 -29.06 -13.07
C LEU A 602 -13.33 -28.58 -13.86
N LEU A 603 -13.19 -27.43 -14.52
CA LEU A 603 -14.27 -26.87 -15.32
C LEU A 603 -13.72 -26.23 -16.59
N LEU A 604 -14.01 -26.87 -17.73
CA LEU A 604 -13.71 -26.29 -19.02
C LEU A 604 -14.87 -25.38 -19.43
N THR A 605 -14.65 -24.07 -19.32
CA THR A 605 -15.70 -23.07 -19.53
C THR A 605 -15.75 -22.56 -20.95
N VAL A 606 -14.59 -22.34 -21.55
CA VAL A 606 -14.51 -21.77 -22.89
C VAL A 606 -13.49 -22.50 -23.75
N HIS A 607 -13.81 -22.64 -25.04
CA HIS A 607 -12.90 -23.25 -25.99
C HIS A 607 -13.28 -22.90 -27.42
N ARG A 608 -12.32 -22.32 -28.14
CA ARG A 608 -12.45 -22.10 -29.56
C ARG A 608 -11.36 -22.88 -30.26
N ASP A 609 -11.67 -23.47 -31.41
CA ASP A 609 -10.69 -24.30 -32.11
C ASP A 609 -9.52 -23.48 -32.65
N PHE A 610 -9.81 -22.28 -33.12
CA PHE A 610 -8.78 -21.40 -33.66
C PHE A 610 -7.86 -20.87 -32.56
N ARG A 611 -8.35 -20.89 -31.33
CA ARG A 611 -7.50 -20.63 -30.18
C ARG A 611 -6.65 -21.86 -29.96
N GLY A 612 -5.73 -21.80 -29.00
CA GLY A 612 -4.90 -22.94 -28.70
C GLY A 612 -5.65 -24.04 -27.97
N THR A 613 -4.97 -24.67 -27.03
CA THR A 613 -5.58 -25.67 -26.17
C THR A 613 -6.17 -24.98 -24.95
N PRO A 614 -7.43 -25.29 -24.61
CA PRO A 614 -8.05 -24.63 -23.46
C PRO A 614 -7.34 -24.95 -22.14
N ARG A 615 -7.34 -24.00 -21.22
CA ARG A 615 -6.83 -24.24 -19.88
C ARG A 615 -8.01 -24.25 -18.90
N PRO A 616 -8.44 -25.44 -18.49
CA PRO A 616 -9.60 -25.55 -17.60
C PRO A 616 -9.35 -24.91 -16.25
N LEU A 617 -10.39 -24.34 -15.65
CA LEU A 617 -10.29 -23.80 -14.32
C LEU A 617 -10.25 -24.93 -13.30
N LYS A 618 -9.54 -24.73 -12.19
CA LYS A 618 -9.56 -25.69 -11.10
C LYS A 618 -10.31 -25.06 -9.94
N LEU A 619 -11.35 -25.72 -9.46
CA LEU A 619 -12.21 -25.12 -8.45
C LEU A 619 -12.23 -25.95 -7.18
N VAL A 620 -12.21 -25.28 -6.04
CA VAL A 620 -12.36 -25.97 -4.77
C VAL A 620 -13.53 -25.40 -4.00
N HIS A 621 -14.48 -26.27 -3.64
CA HIS A 621 -15.63 -25.87 -2.83
C HIS A 621 -15.19 -25.74 -1.38
N GLU A 622 -14.86 -24.52 -0.96
CA GLU A 622 -14.28 -24.29 0.36
C GLU A 622 -15.32 -24.30 1.48
N ALA A 623 -16.55 -23.96 1.15
CA ALA A 623 -17.61 -23.89 2.16
C ALA A 623 -18.99 -23.92 1.52
N GLY A 624 -19.96 -24.49 2.22
CA GLY A 624 -21.31 -24.59 1.72
C GLY A 624 -21.71 -26.04 1.50
N ASP A 625 -23.00 -26.29 1.32
CA ASP A 625 -23.49 -27.66 1.12
C ASP A 625 -24.13 -27.91 -0.25
N THR A 626 -23.96 -26.97 -1.19
CA THR A 626 -24.46 -27.14 -2.55
C THR A 626 -23.64 -28.18 -3.30
N PRO A 627 -24.32 -29.15 -3.94
CA PRO A 627 -23.66 -30.19 -4.74
C PRO A 627 -22.69 -29.60 -5.77
N LEU A 628 -21.54 -30.24 -5.97
CA LEU A 628 -20.55 -29.76 -6.93
C LEU A 628 -21.15 -29.48 -8.30
N GLU A 629 -22.03 -30.37 -8.75
CA GLU A 629 -22.62 -30.26 -10.09
C GLU A 629 -23.39 -28.96 -10.23
N ALA A 630 -24.11 -28.57 -9.18
CA ALA A 630 -24.89 -27.33 -9.24
C ALA A 630 -23.97 -26.10 -9.29
N LEU A 631 -22.90 -26.12 -8.50
CA LEU A 631 -21.92 -25.03 -8.51
C LEU A 631 -21.26 -24.90 -9.88
N ALA A 632 -20.80 -26.03 -10.41
CA ALA A 632 -20.19 -26.07 -11.74
C ALA A 632 -21.16 -25.53 -12.79
N HIS A 633 -22.41 -25.97 -12.70
CA HIS A 633 -23.47 -25.50 -13.59
C HIS A 633 -23.57 -23.97 -13.55
N GLN A 634 -23.75 -23.41 -12.36
CA GLN A 634 -24.00 -21.98 -12.23
C GLN A 634 -22.78 -21.14 -12.61
N ILE A 635 -21.58 -21.62 -12.29
CA ILE A 635 -20.37 -20.90 -12.62
C ILE A 635 -20.15 -20.90 -14.14
N PHE A 636 -20.33 -22.09 -14.73
CA PHE A 636 -20.26 -22.21 -16.18
C PHE A 636 -21.23 -21.27 -16.88
N HIS A 637 -22.48 -21.23 -16.42
CA HIS A 637 -23.44 -20.33 -17.05
C HIS A 637 -23.09 -18.85 -16.81
N LEU A 638 -22.68 -18.52 -15.59
CA LEU A 638 -22.27 -17.15 -15.24
C LEU A 638 -21.16 -16.64 -16.15
N THR A 639 -20.35 -17.58 -16.64
CA THR A 639 -19.30 -17.22 -17.59
C THR A 639 -19.88 -16.57 -18.86
N ARG A 640 -21.14 -16.86 -19.15
CA ARG A 640 -21.78 -16.39 -20.37
C ARG A 640 -22.53 -15.08 -20.17
N LEU A 641 -22.42 -14.52 -18.98
CA LEU A 641 -23.22 -13.37 -18.57
C LEU A 641 -22.54 -12.02 -18.87
N TYR A 642 -21.29 -12.06 -19.30
CA TYR A 642 -20.51 -10.84 -19.53
C TYR A 642 -21.01 -10.08 -20.77
N PRO A 643 -21.32 -8.78 -20.59
CA PRO A 643 -21.98 -7.95 -21.62
C PRO A 643 -21.05 -7.17 -22.55
N ALA A 644 -19.78 -7.00 -22.19
CA ALA A 644 -18.90 -6.13 -22.97
C ALA A 644 -18.02 -6.87 -23.98
N SER A 645 -18.23 -8.19 -24.08
CA SER A 645 -17.59 -8.99 -25.12
C SER A 645 -18.66 -9.67 -25.98
N GLY A 646 -18.88 -9.16 -27.17
CA GLY A 646 -20.00 -9.58 -27.98
C GLY A 646 -19.86 -10.87 -28.78
N PHE A 647 -18.65 -11.41 -28.86
CA PHE A 647 -18.40 -12.55 -29.75
C PHE A 647 -17.61 -13.67 -29.10
N ALA A 648 -17.17 -13.45 -27.86
CA ALA A 648 -16.36 -14.45 -27.16
C ALA A 648 -16.55 -14.37 -25.65
N PHE A 649 -16.91 -15.48 -25.03
CA PHE A 649 -17.18 -15.49 -23.59
C PHE A 649 -15.87 -15.61 -22.81
N PRO A 650 -15.77 -14.90 -21.68
CA PRO A 650 -14.60 -14.98 -20.80
C PRO A 650 -14.48 -16.35 -20.14
N ARG A 651 -13.28 -16.77 -19.77
CA ARG A 651 -13.11 -18.06 -19.09
C ARG A 651 -13.68 -18.03 -17.68
N LEU A 652 -13.65 -16.84 -17.08
CA LEU A 652 -14.11 -16.67 -15.71
C LEU A 652 -15.59 -16.32 -15.65
N PRO A 653 -16.27 -16.76 -14.58
CA PRO A 653 -17.66 -16.33 -14.36
C PRO A 653 -17.73 -14.81 -14.28
N ALA A 654 -18.79 -14.22 -14.83
CA ALA A 654 -18.88 -12.76 -14.98
C ALA A 654 -18.47 -11.96 -13.74
N PRO A 655 -18.93 -12.35 -12.53
CA PRO A 655 -18.53 -11.55 -11.38
C PRO A 655 -17.02 -11.50 -11.14
N LEU A 656 -16.31 -12.59 -11.43
CA LEU A 656 -14.88 -12.61 -11.23
C LEU A 656 -14.16 -11.80 -12.32
N HIS A 657 -14.63 -11.92 -13.55
CA HIS A 657 -14.07 -11.18 -14.68
C HIS A 657 -14.21 -9.69 -14.41
N LEU A 658 -15.42 -9.32 -13.97
CA LEU A 658 -15.75 -7.95 -13.60
C LEU A 658 -14.88 -7.45 -12.45
N ALA A 659 -14.83 -8.22 -11.37
CA ALA A 659 -13.98 -7.86 -10.22
C ALA A 659 -12.55 -7.59 -10.66
N ASP A 660 -12.03 -8.49 -11.50
CA ASP A 660 -10.68 -8.39 -12.02
C ASP A 660 -10.44 -7.10 -12.79
N ARG A 661 -11.28 -6.82 -13.77
CA ARG A 661 -11.12 -5.58 -14.52
C ARG A 661 -11.31 -4.34 -13.63
N LEU A 662 -12.14 -4.48 -12.60
CA LEU A 662 -12.39 -3.37 -11.66
C LEU A 662 -11.12 -3.02 -10.88
N VAL A 663 -10.54 -4.00 -10.19
CA VAL A 663 -9.33 -3.73 -9.42
C VAL A 663 -8.12 -3.41 -10.31
N LYS A 664 -8.14 -3.92 -11.54
CA LYS A 664 -7.10 -3.58 -12.50
C LYS A 664 -7.17 -2.08 -12.85
N GLU A 665 -8.37 -1.63 -13.23
CA GLU A 665 -8.57 -0.23 -13.59
C GLU A 665 -8.35 0.72 -12.42
N VAL A 666 -8.81 0.35 -11.23
CA VAL A 666 -8.58 1.17 -10.05
C VAL A 666 -7.08 1.24 -9.81
N GLY A 667 -6.43 0.10 -9.97
CA GLY A 667 -4.97 0.03 -9.87
C GLY A 667 -4.27 0.99 -10.82
N ARG A 668 -4.84 1.19 -12.01
CA ARG A 668 -4.24 2.08 -13.01
C ARG A 668 -4.54 3.56 -12.81
N LEU A 669 -5.80 3.89 -12.57
CA LEU A 669 -6.23 5.29 -12.51
C LEU A 669 -6.15 5.83 -11.09
N GLY A 670 -6.30 4.95 -10.10
CA GLY A 670 -6.39 5.35 -8.71
C GLY A 670 -7.85 5.33 -8.27
N ILE A 671 -8.09 5.31 -6.97
CA ILE A 671 -9.44 5.18 -6.44
C ILE A 671 -10.12 6.54 -6.21
N ARG A 672 -9.34 7.62 -6.30
CA ARG A 672 -9.81 8.96 -5.94
C ARG A 672 -10.88 9.52 -6.90
N HIS A 673 -11.06 8.86 -8.04
CA HIS A 673 -11.95 9.36 -9.09
C HIS A 673 -13.37 8.79 -9.00
N LEU A 674 -13.57 7.81 -8.13
CA LEU A 674 -14.76 6.97 -8.21
C LEU A 674 -15.96 7.38 -7.36
N LYS A 675 -15.89 8.54 -6.71
CA LYS A 675 -16.94 8.92 -5.77
C LYS A 675 -18.31 9.13 -6.42
N GLU A 676 -18.35 9.81 -7.56
CA GLU A 676 -19.62 10.13 -8.23
C GLU A 676 -20.02 9.15 -9.34
N VAL A 677 -19.31 8.03 -9.47
CA VAL A 677 -19.67 7.04 -10.48
C VAL A 677 -20.66 6.01 -9.93
N ASP A 678 -21.79 5.83 -10.61
CA ASP A 678 -22.80 4.87 -10.16
C ASP A 678 -22.27 3.43 -10.18
N ARG A 679 -22.61 2.67 -9.14
CA ARG A 679 -22.22 1.27 -9.04
C ARG A 679 -22.77 0.41 -10.17
N GLU A 680 -23.87 0.86 -10.77
CA GLU A 680 -24.52 0.12 -11.84
C GLU A 680 -23.76 0.26 -13.16
N LYS A 681 -22.97 1.33 -13.25
CA LYS A 681 -22.24 1.65 -14.47
C LYS A 681 -20.85 0.99 -14.49
N LEU A 682 -20.67 0.05 -15.40
CA LEU A 682 -19.44 -0.73 -15.43
C LEU A 682 -18.32 0.04 -16.16
N PHE A 683 -17.81 1.10 -15.51
CA PHE A 683 -16.83 2.00 -16.13
C PHE A 683 -15.52 1.33 -16.56
N PHE A 684 -15.27 0.14 -16.03
CA PHE A 684 -13.97 -0.51 -16.18
C PHE A 684 -13.94 -1.59 -17.25
N VAL A 685 -15.02 -1.74 -18.01
CA VAL A 685 -15.01 -2.80 -19.04
C VAL A 685 -14.33 -2.29 -20.31
N LEU B 4 2.92 44.75 12.72
CA LEU B 4 2.41 45.19 14.01
C LEU B 4 3.56 45.47 14.97
N GLY B 5 4.76 45.59 14.44
CA GLY B 5 5.89 46.04 15.25
C GLY B 5 6.89 44.96 15.64
N LYS B 6 7.97 45.40 16.28
CA LYS B 6 9.12 44.55 16.55
C LYS B 6 9.29 44.22 18.03
N THR B 7 9.62 42.95 18.29
CA THR B 7 10.16 42.54 19.58
C THR B 7 11.39 41.68 19.30
N GLU B 8 12.15 41.37 20.34
CA GLU B 8 13.25 40.45 20.19
C GLU B 8 12.93 39.18 20.95
N VAL B 9 13.43 38.04 20.45
CA VAL B 9 13.25 36.79 21.16
C VAL B 9 14.56 36.02 21.24
N PHE B 10 14.73 35.25 22.30
CA PHE B 10 15.82 34.29 22.36
C PHE B 10 15.40 33.01 21.64
N LEU B 11 16.35 32.38 20.98
CA LEU B 11 16.16 31.03 20.50
C LEU B 11 16.93 30.13 21.46
N ASN B 12 16.60 28.84 21.49
CA ASN B 12 17.40 27.91 22.29
C ASN B 12 18.67 27.55 21.52
N ARG B 13 19.29 28.58 20.95
CA ARG B 13 20.57 28.49 20.27
C ARG B 13 21.57 29.40 20.98
N PHE B 14 22.84 29.03 20.91
CA PHE B 14 23.88 29.78 21.60
C PHE B 14 25.10 29.93 20.70
N ALA B 15 25.61 31.16 20.62
CA ALA B 15 26.86 31.40 19.91
C ALA B 15 28.01 30.94 20.80
N LEU B 16 28.94 30.22 20.20
CA LEU B 16 30.12 29.73 20.94
C LEU B 16 31.39 30.18 20.24
N ARG B 17 32.53 29.61 20.65
CA ARG B 17 33.81 30.09 20.16
C ARG B 17 33.94 29.95 18.65
N PRO B 18 34.74 30.85 18.04
CA PRO B 18 35.12 30.69 16.63
C PRO B 18 35.90 29.40 16.44
N LEU B 19 35.93 28.87 15.22
CA LEU B 19 36.68 27.68 14.96
C LEU B 19 38.17 28.02 14.87
N ASN B 20 39.02 27.28 15.57
CA ASN B 20 40.46 27.51 15.53
C ASN B 20 41.04 27.06 14.19
N PRO B 21 42.22 27.58 13.80
CA PRO B 21 42.82 27.30 12.48
C PRO B 21 42.85 25.82 12.09
N GLU B 22 43.00 24.94 13.07
CA GLU B 22 43.02 23.50 12.83
C GLU B 22 41.67 23.01 12.32
N GLU B 23 40.60 23.43 12.99
CA GLU B 23 39.24 23.03 12.64
C GLU B 23 38.83 23.54 11.25
N LEU B 24 39.32 24.72 10.88
CA LEU B 24 39.05 25.25 9.54
C LEU B 24 39.77 24.46 8.46
N ARG B 25 40.81 23.72 8.85
CA ARG B 25 41.59 22.93 7.90
C ARG B 25 41.67 21.47 8.32
N PRO B 26 40.56 20.73 8.18
CA PRO B 26 40.56 19.31 8.56
C PRO B 26 41.37 18.43 7.63
N TRP B 27 41.83 17.29 8.13
CA TRP B 27 42.46 16.28 7.30
C TRP B 27 41.46 15.72 6.31
N ARG B 28 41.87 15.58 5.04
CA ARG B 28 41.04 14.87 4.08
C ARG B 28 41.61 13.48 3.86
N LEU B 29 40.74 12.48 3.75
CA LEU B 29 41.19 11.11 3.55
C LEU B 29 40.43 10.46 2.40
N GLU B 30 41.16 10.02 1.38
CA GLU B 30 40.53 9.30 0.29
C GLU B 30 40.25 7.87 0.75
N VAL B 31 39.14 7.28 0.30
CA VAL B 31 38.78 5.94 0.75
C VAL B 31 38.88 4.91 -0.38
N VAL B 32 39.29 3.71 -0.03
CA VAL B 32 39.29 2.60 -0.98
C VAL B 32 38.56 1.40 -0.40
N LEU B 33 37.45 1.04 -1.03
CA LEU B 33 36.66 -0.10 -0.62
C LEU B 33 36.83 -1.25 -1.62
N ASP B 34 36.90 -2.48 -1.10
CA ASP B 34 37.07 -3.66 -1.94
C ASP B 34 36.21 -4.79 -1.41
N PRO B 35 35.16 -5.15 -2.17
CA PRO B 35 34.78 -4.61 -3.48
C PRO B 35 34.15 -3.22 -3.41
N PRO B 36 34.23 -2.46 -4.52
CA PRO B 36 33.49 -1.21 -4.61
C PRO B 36 31.99 -1.46 -4.51
N PRO B 37 31.28 -0.64 -3.73
CA PRO B 37 29.85 -0.85 -3.49
C PRO B 37 28.98 -0.40 -4.66
N GLY B 38 27.76 -0.91 -4.76
CA GLY B 38 26.82 -0.45 -5.76
C GLY B 38 26.20 0.88 -5.36
N ARG B 39 25.39 1.45 -6.24
CA ARG B 39 24.73 2.73 -6.02
C ARG B 39 23.97 2.81 -4.69
N GLU B 40 23.40 1.68 -4.27
CA GLU B 40 22.54 1.64 -3.10
C GLU B 40 23.32 1.59 -1.79
N GLU B 41 24.61 1.32 -1.88
CA GLU B 41 25.41 1.05 -0.69
C GLU B 41 26.68 1.90 -0.59
N VAL B 42 26.73 3.00 -1.32
CA VAL B 42 27.92 3.85 -1.32
C VAL B 42 27.94 4.82 -0.13
N TYR B 43 26.85 5.55 0.07
CA TYR B 43 26.74 6.49 1.19
C TYR B 43 26.83 5.80 2.56
N PRO B 44 25.99 4.77 2.82
CA PRO B 44 26.08 4.17 4.15
C PRO B 44 27.42 3.50 4.41
N LEU B 45 28.10 3.08 3.35
CA LEU B 45 29.43 2.49 3.49
C LEU B 45 30.47 3.54 3.80
N LEU B 46 30.33 4.71 3.17
CA LEU B 46 31.21 5.84 3.47
C LEU B 46 31.06 6.28 4.92
N ALA B 47 29.80 6.46 5.35
CA ALA B 47 29.53 6.81 6.74
C ALA B 47 30.04 5.73 7.70
N GLN B 48 29.89 4.48 7.30
CA GLN B 48 30.36 3.35 8.10
C GLN B 48 31.89 3.37 8.24
N VAL B 49 32.57 3.73 7.15
CA VAL B 49 34.02 3.91 7.16
C VAL B 49 34.41 5.03 8.12
N ALA B 50 33.67 6.14 8.08
CA ALA B 50 33.95 7.27 8.96
C ALA B 50 33.80 6.88 10.43
N ARG B 51 32.70 6.21 10.76
CA ARG B 51 32.46 5.79 12.14
C ARG B 51 33.47 4.72 12.59
N ARG B 52 33.90 3.88 11.65
CA ARG B 52 34.90 2.84 11.96
C ARG B 52 36.28 3.43 12.23
N ALA B 53 36.66 4.43 11.43
CA ALA B 53 37.95 5.11 11.59
C ALA B 53 38.09 5.68 13.00
N GLY B 54 37.00 6.18 13.55
CA GLY B 54 36.99 6.68 14.91
C GLY B 54 37.28 8.17 15.00
N GLY B 55 37.48 8.66 16.22
CA GLY B 55 37.73 10.07 16.45
C GLY B 55 36.59 10.95 15.96
N VAL B 56 36.92 12.14 15.49
CA VAL B 56 35.92 13.04 14.92
C VAL B 56 36.05 13.05 13.40
N THR B 57 35.38 12.09 12.76
CA THR B 57 35.53 11.86 11.33
C THR B 57 34.17 11.70 10.66
N VAL B 58 33.95 12.44 9.57
CA VAL B 58 32.69 12.37 8.83
C VAL B 58 32.95 12.23 7.33
N ARG B 59 31.90 11.91 6.58
CA ARG B 59 31.99 11.77 5.13
C ARG B 59 32.06 13.13 4.43
N MET B 60 32.97 13.26 3.48
CA MET B 60 32.99 14.44 2.62
C MET B 60 33.10 14.00 1.17
N GLY B 61 31.98 14.08 0.45
CA GLY B 61 31.93 13.66 -0.94
C GLY B 61 32.25 12.19 -1.11
N ASP B 62 33.21 11.91 -1.99
CA ASP B 62 33.64 10.54 -2.23
C ASP B 62 34.60 10.07 -1.14
N GLY B 63 35.00 11.00 -0.28
CA GLY B 63 35.99 10.69 0.74
C GLY B 63 35.61 11.09 2.15
N LEU B 64 36.60 11.60 2.89
CA LEU B 64 36.48 11.76 4.32
C LEU B 64 37.10 13.06 4.82
N ALA B 65 36.56 13.61 5.91
CA ALA B 65 37.20 14.71 6.63
C ALA B 65 37.29 14.37 8.12
N SER B 66 38.42 14.73 8.73
CA SER B 66 38.63 14.45 10.14
C SER B 66 39.31 15.62 10.84
N TRP B 67 38.91 15.85 12.09
CA TRP B 67 39.48 16.91 12.92
C TRP B 67 40.52 16.36 13.89
N SER B 68 40.73 15.05 13.82
CA SER B 68 41.71 14.39 14.67
C SER B 68 42.87 13.89 13.80
N PRO B 69 44.07 13.78 14.39
CA PRO B 69 45.24 13.26 13.67
C PRO B 69 45.05 11.82 13.21
N PRO B 70 45.46 11.52 11.97
CA PRO B 70 45.33 10.18 11.39
C PRO B 70 46.03 9.09 12.20
N GLU B 71 46.94 9.48 13.08
CA GLU B 71 47.70 8.54 13.90
C GLU B 71 46.85 7.95 15.04
N VAL B 72 45.61 8.40 15.16
CA VAL B 72 44.67 7.82 16.13
C VAL B 72 43.42 7.30 15.44
N LEU B 73 43.42 7.31 14.11
CA LEU B 73 42.34 6.73 13.33
C LEU B 73 42.71 5.33 12.86
N VAL B 74 41.73 4.43 12.82
CA VAL B 74 41.93 3.10 12.25
C VAL B 74 41.87 3.22 10.72
N LEU B 75 43.02 3.39 10.09
CA LEU B 75 43.09 3.77 8.67
C LEU B 75 42.82 2.61 7.70
N GLU B 76 42.57 1.42 8.23
CA GLU B 76 42.22 0.28 7.38
C GLU B 76 41.51 -0.80 8.21
N GLY B 77 40.71 -1.63 7.53
CA GLY B 77 40.04 -2.71 8.23
C GLY B 77 38.89 -3.35 7.48
N THR B 78 38.21 -4.28 8.14
CA THR B 78 37.07 -4.97 7.54
C THR B 78 35.80 -4.16 7.77
N LEU B 79 34.71 -4.61 7.16
CA LEU B 79 33.46 -3.87 7.17
C LEU B 79 32.34 -4.81 6.74
N ALA B 80 31.23 -4.84 7.45
CA ALA B 80 30.16 -5.80 7.14
C ALA B 80 28.80 -5.13 7.02
N ARG B 81 28.19 -5.22 5.85
CA ARG B 81 26.85 -4.70 5.67
C ARG B 81 25.96 -5.64 4.86
N MET B 82 24.76 -5.89 5.39
CA MET B 82 23.76 -6.75 4.76
C MET B 82 24.34 -8.09 4.32
N GLY B 83 25.32 -8.59 5.05
CA GLY B 83 25.94 -9.85 4.75
C GLY B 83 27.27 -9.73 4.04
N GLN B 84 27.37 -8.76 3.12
CA GLN B 84 28.59 -8.58 2.34
C GLN B 84 29.71 -7.99 3.19
N THR B 85 30.95 -8.32 2.81
CA THR B 85 32.13 -7.87 3.55
C THR B 85 33.07 -7.06 2.67
N TYR B 86 33.24 -5.79 3.03
CA TYR B 86 34.09 -4.87 2.30
C TYR B 86 35.38 -4.60 3.09
N ALA B 87 36.46 -4.38 2.36
CA ALA B 87 37.74 -4.03 2.96
C ALA B 87 38.03 -2.56 2.69
N TYR B 88 38.26 -1.78 3.74
CA TYR B 88 38.52 -0.36 3.56
C TYR B 88 39.96 -0.01 3.88
N ARG B 89 40.51 0.91 3.09
CA ARG B 89 41.80 1.50 3.41
C ARG B 89 41.71 3.02 3.21
N LEU B 90 42.23 3.76 4.20
CA LEU B 90 42.18 5.22 4.19
C LEU B 90 43.54 5.84 3.83
N TYR B 91 43.52 6.66 2.79
CA TYR B 91 44.72 7.35 2.33
C TYR B 91 44.64 8.84 2.65
N PRO B 92 45.27 9.28 3.75
CA PRO B 92 45.33 10.70 4.11
C PRO B 92 46.03 11.51 3.03
N LYS B 93 45.45 12.67 2.68
CA LYS B 93 46.00 13.51 1.63
C LYS B 93 46.26 14.93 2.13
N GLY B 94 46.51 15.05 3.43
CA GLY B 94 46.81 16.34 4.04
C GLY B 94 45.58 17.14 4.45
N ARG B 95 45.80 18.42 4.72
CA ARG B 95 44.73 19.32 5.14
C ARG B 95 43.98 19.92 3.97
N ARG B 96 42.69 20.16 4.17
CA ARG B 96 41.89 20.92 3.20
C ARG B 96 41.16 22.04 3.91
N PRO B 97 41.40 23.29 3.48
CA PRO B 97 40.72 24.45 4.07
C PRO B 97 39.23 24.48 3.70
N LEU B 98 38.38 24.81 4.66
CA LEU B 98 36.94 24.87 4.41
C LEU B 98 36.40 26.27 4.72
N ASP B 99 35.65 26.84 3.77
CA ASP B 99 35.06 28.16 3.94
C ASP B 99 33.63 28.04 4.43
N PRO B 100 33.35 28.58 5.62
CA PRO B 100 32.01 28.58 6.21
C PRO B 100 31.02 29.42 5.41
N LYS B 101 31.53 30.38 4.64
CA LYS B 101 30.69 31.21 3.79
C LYS B 101 30.15 30.40 2.62
N ASP B 102 30.89 29.36 2.23
CA ASP B 102 30.42 28.38 1.25
C ASP B 102 29.55 27.33 1.94
N PRO B 103 28.26 27.28 1.58
CA PRO B 103 27.25 26.42 2.22
C PRO B 103 27.62 24.93 2.29
N GLY B 104 28.23 24.40 1.24
CA GLY B 104 28.60 22.99 1.23
C GLY B 104 29.70 22.69 2.23
N GLU B 105 30.80 23.43 2.12
CA GLU B 105 31.91 23.30 3.04
C GLU B 105 31.45 23.53 4.48
N ARG B 106 30.52 24.47 4.66
CA ARG B 106 29.92 24.72 5.97
C ARG B 106 29.13 23.50 6.44
N SER B 107 28.46 22.82 5.53
CA SER B 107 27.74 21.59 5.87
C SER B 107 28.72 20.55 6.41
N VAL B 108 29.87 20.44 5.75
CA VAL B 108 30.91 19.53 6.21
C VAL B 108 31.40 19.90 7.61
N LEU B 109 31.73 21.17 7.80
CA LEU B 109 32.20 21.67 9.10
C LEU B 109 31.18 21.44 10.20
N SER B 110 29.90 21.54 9.86
CA SER B 110 28.82 21.32 10.81
C SER B 110 28.70 19.85 11.18
N ALA B 111 28.85 18.97 10.19
CA ALA B 111 28.92 17.53 10.47
C ALA B 111 30.06 17.21 11.42
N LEU B 112 31.21 17.83 11.15
CA LEU B 112 32.38 17.69 12.02
C LEU B 112 32.09 18.18 13.44
N ALA B 113 31.43 19.32 13.56
CA ALA B 113 31.08 19.90 14.87
C ALA B 113 30.15 18.98 15.65
N ARG B 114 29.19 18.39 14.94
CA ARG B 114 28.21 17.50 15.55
C ARG B 114 28.87 16.22 16.06
N ARG B 115 29.75 15.65 15.23
CA ARG B 115 30.50 14.47 15.64
C ARG B 115 31.40 14.79 16.83
N LEU B 116 32.00 15.97 16.80
CA LEU B 116 32.83 16.49 17.88
C LEU B 116 32.06 16.49 19.19
N LEU B 117 30.86 17.07 19.13
CA LEU B 117 29.95 17.08 20.28
C LEU B 117 29.68 15.66 20.77
N GLN B 118 29.36 14.76 19.85
CA GLN B 118 29.09 13.36 20.19
C GLN B 118 30.25 12.69 20.93
N GLU B 119 31.45 12.81 20.37
CA GLU B 119 32.64 12.19 20.96
C GLU B 119 33.03 12.79 22.31
N ARG B 120 33.13 14.12 22.37
CA ARG B 120 33.52 14.77 23.61
C ARG B 120 32.47 14.59 24.71
N LEU B 121 31.21 14.40 24.32
CA LEU B 121 30.20 14.09 25.31
C LEU B 121 30.33 12.63 25.77
N ARG B 122 30.62 11.74 24.83
CA ARG B 122 30.78 10.32 25.12
C ARG B 122 31.98 10.08 26.03
N ARG B 123 32.94 11.00 26.01
CA ARG B 123 34.12 10.89 26.86
C ARG B 123 33.85 11.37 28.29
N LEU B 124 32.88 12.26 28.46
CA LEU B 124 32.49 12.72 29.79
C LEU B 124 31.98 11.54 30.63
N GLU B 125 32.31 11.56 31.92
CA GLU B 125 31.95 10.44 32.80
C GLU B 125 30.76 10.79 33.70
N GLY B 126 29.81 9.87 33.80
CA GLY B 126 28.63 10.07 34.61
C GLY B 126 27.48 10.70 33.82
N VAL B 127 27.65 10.77 32.51
CA VAL B 127 26.64 11.37 31.65
C VAL B 127 26.05 10.36 30.68
N TRP B 128 24.76 10.08 30.83
CA TRP B 128 24.04 9.14 29.97
C TRP B 128 23.89 9.68 28.55
N VAL B 129 24.78 9.30 27.64
CA VAL B 129 24.77 9.83 26.29
C VAL B 129 24.22 8.87 25.24
N GLU B 130 23.07 9.22 24.66
CA GLU B 130 22.54 8.49 23.51
C GLU B 130 22.27 9.47 22.37
N GLY B 131 22.76 9.13 21.18
CA GLY B 131 22.65 10.00 20.03
C GLY B 131 23.18 11.41 20.31
N LEU B 132 22.39 12.41 19.98
CA LEU B 132 22.75 13.80 20.25
C LEU B 132 22.07 14.29 21.52
N ALA B 133 21.39 13.38 22.22
CA ALA B 133 20.83 13.67 23.52
C ALA B 133 21.84 13.34 24.60
N VAL B 134 21.59 13.81 25.82
CA VAL B 134 22.45 13.50 26.95
C VAL B 134 21.69 13.81 28.24
N TYR B 135 21.76 12.88 29.19
CA TYR B 135 21.03 13.01 30.43
C TYR B 135 22.00 13.00 31.59
N ARG B 136 21.79 13.90 32.55
CA ARG B 136 22.71 14.02 33.68
C ARG B 136 22.00 13.72 34.98
N ARG B 137 21.01 14.54 35.29
CA ARG B 137 20.28 14.43 36.54
C ARG B 137 19.26 13.31 36.51
N GLU B 138 18.90 12.82 37.70
CA GLU B 138 17.80 11.88 37.86
C GLU B 138 16.57 12.66 38.29
N HIS B 139 15.53 12.66 37.44
CA HIS B 139 14.35 13.48 37.67
C HIS B 139 13.36 12.82 38.63
N ALA B 140 13.05 11.56 38.36
CA ALA B 140 12.13 10.82 39.20
C ALA B 140 12.58 9.37 39.32
N ARG B 141 12.04 8.67 40.31
CA ARG B 141 12.46 7.30 40.59
C ARG B 141 11.33 6.51 41.23
N GLY B 142 11.25 5.22 40.87
CA GLY B 142 10.28 4.33 41.46
C GLY B 142 10.80 2.90 41.48
N PRO B 143 10.05 1.99 42.13
CA PRO B 143 10.32 0.57 42.38
C PRO B 143 11.33 -0.03 41.42
N GLY B 144 10.94 -0.23 40.17
CA GLY B 144 11.86 -0.73 39.16
C GLY B 144 11.95 0.18 37.96
N TRP B 145 12.05 1.49 38.19
CA TRP B 145 12.15 2.45 37.08
C TRP B 145 12.75 3.78 37.50
N ARG B 146 13.24 4.54 36.51
CA ARG B 146 13.72 5.89 36.78
C ARG B 146 13.62 6.80 35.55
N VAL B 147 13.22 8.05 35.80
CA VAL B 147 13.13 9.06 34.76
C VAL B 147 14.33 10.01 34.85
N LEU B 148 15.03 10.16 33.74
CA LEU B 148 16.24 10.98 33.72
C LEU B 148 16.01 12.33 33.04
N GLY B 149 16.70 13.35 33.54
CA GLY B 149 16.63 14.68 32.99
C GLY B 149 17.91 15.05 32.29
N GLY B 150 17.78 15.71 31.14
CA GLY B 150 18.94 16.13 30.36
C GLY B 150 18.52 17.09 29.27
N ALA B 151 19.04 16.88 28.07
CA ALA B 151 18.70 17.73 26.94
C ALA B 151 19.07 17.08 25.61
N VAL B 152 18.40 17.52 24.56
CA VAL B 152 18.77 17.16 23.20
C VAL B 152 19.64 18.27 22.64
N LEU B 153 20.80 17.89 22.11
CA LEU B 153 21.81 18.86 21.70
C LEU B 153 22.07 18.82 20.21
N ASP B 154 22.63 19.92 19.71
CA ASP B 154 23.17 19.93 18.36
C ASP B 154 24.29 20.97 18.26
N LEU B 155 25.26 20.71 17.40
CA LEU B 155 26.38 21.63 17.19
C LEU B 155 26.61 21.83 15.71
N TRP B 156 26.58 23.07 15.24
CA TRP B 156 26.93 23.31 13.84
C TRP B 156 27.77 24.57 13.68
N VAL B 157 27.97 25.01 12.44
CA VAL B 157 28.85 26.13 12.18
C VAL B 157 28.14 27.22 11.39
N SER B 158 28.30 28.47 11.84
CA SER B 158 27.72 29.62 11.15
C SER B 158 28.54 30.03 9.94
N ASP B 159 27.99 30.94 9.14
CA ASP B 159 28.70 31.49 7.99
C ASP B 159 29.90 32.35 8.42
N SER B 160 29.94 32.71 9.70
CA SER B 160 31.06 33.48 10.24
C SER B 160 32.20 32.57 10.67
N GLY B 161 31.89 31.29 10.86
CA GLY B 161 32.90 30.32 11.24
C GLY B 161 32.96 30.08 12.75
N ALA B 162 31.79 30.11 13.39
CA ALA B 162 31.73 29.90 14.84
C ALA B 162 30.72 28.81 15.19
N PHE B 163 30.90 28.19 16.35
CA PHE B 163 30.02 27.12 16.80
C PHE B 163 28.65 27.63 17.24
N LEU B 164 27.60 26.95 16.77
CA LEU B 164 26.24 27.17 17.26
C LEU B 164 25.78 25.94 18.03
N LEU B 165 25.34 26.18 19.26
CA LEU B 165 24.89 25.12 20.16
C LEU B 165 23.39 25.20 20.38
N GLU B 166 22.66 24.19 19.93
CA GLU B 166 21.23 24.12 20.23
C GLU B 166 21.00 23.16 21.40
N VAL B 167 20.19 23.63 22.35
CA VAL B 167 19.90 22.91 23.58
C VAL B 167 18.39 22.83 23.78
N ASP B 168 17.86 21.65 24.10
CA ASP B 168 16.46 21.59 24.51
C ASP B 168 16.23 20.50 25.55
N PRO B 169 15.99 20.90 26.80
CA PRO B 169 15.76 20.01 27.95
C PRO B 169 14.87 18.82 27.60
N ALA B 170 15.27 17.62 28.04
CA ALA B 170 14.53 16.41 27.70
C ALA B 170 14.45 15.43 28.86
N TYR B 171 13.47 14.53 28.80
CA TYR B 171 13.37 13.45 29.78
C TYR B 171 13.45 12.09 29.10
N ARG B 172 13.88 11.08 29.84
CA ARG B 172 13.98 9.72 29.30
C ARG B 172 13.61 8.66 30.34
N ILE B 173 12.70 7.77 29.98
CA ILE B 173 12.19 6.76 30.91
C ILE B 173 12.94 5.42 30.79
N LEU B 174 13.50 4.95 31.91
CA LEU B 174 14.27 3.70 31.92
C LEU B 174 13.73 2.71 32.94
N CYS B 175 13.96 1.41 32.68
CA CYS B 175 13.41 0.37 33.53
C CYS B 175 14.47 -0.35 34.37
N GLU B 176 15.40 -1.03 33.70
CA GLU B 176 16.42 -1.82 34.37
C GLU B 176 15.80 -2.89 35.28
N MET B 177 15.00 -3.77 34.68
CA MET B 177 14.28 -4.82 35.39
C MET B 177 13.75 -5.83 34.39
N SER B 178 13.75 -7.11 34.74
CA SER B 178 13.13 -8.12 33.89
C SER B 178 11.62 -7.99 33.93
N LEU B 179 10.94 -8.56 32.95
CA LEU B 179 9.48 -8.63 32.97
C LEU B 179 9.04 -9.33 34.26
N GLU B 180 9.75 -10.40 34.61
CA GLU B 180 9.50 -11.12 35.86
C GLU B 180 9.64 -10.19 37.06
N ALA B 181 10.81 -9.57 37.18
CA ALA B 181 11.10 -8.64 38.27
C ALA B 181 10.07 -7.51 38.34
N TRP B 182 9.60 -7.07 37.16
CA TRP B 182 8.59 -6.03 37.06
C TRP B 182 7.25 -6.50 37.62
N LEU B 183 6.78 -7.66 37.19
CA LEU B 183 5.52 -8.22 37.66
C LEU B 183 5.60 -8.62 39.14
N ALA B 184 6.82 -8.73 39.65
CA ALA B 184 7.05 -9.12 41.05
C ALA B 184 6.97 -7.93 42.01
N GLN B 185 6.75 -6.74 41.46
CA GLN B 185 6.55 -5.55 42.27
C GLN B 185 5.07 -5.21 42.34
N GLY B 186 4.27 -5.91 41.55
CA GLY B 186 2.83 -5.71 41.55
C GLY B 186 2.35 -4.96 40.32
N HIS B 187 3.29 -4.43 39.54
CA HIS B 187 2.96 -3.68 38.34
C HIS B 187 2.15 -4.50 37.34
N PRO B 188 1.23 -3.84 36.61
CA PRO B 188 0.44 -4.53 35.58
C PRO B 188 1.27 -4.86 34.35
N LEU B 189 0.71 -5.64 33.44
CA LEU B 189 1.40 -5.98 32.19
C LEU B 189 1.66 -4.74 31.37
N PRO B 190 2.93 -4.52 30.99
CA PRO B 190 3.27 -3.45 30.06
C PRO B 190 2.64 -3.73 28.70
N LYS B 191 2.38 -2.70 27.91
CA LYS B 191 1.83 -2.92 26.57
C LYS B 191 2.94 -3.36 25.62
N ARG B 192 4.17 -2.92 25.92
CA ARG B 192 5.31 -3.23 25.06
C ARG B 192 6.50 -3.75 25.85
N VAL B 193 7.15 -4.77 25.32
CA VAL B 193 8.33 -5.36 25.96
C VAL B 193 9.48 -5.43 24.95
N ARG B 194 10.68 -5.71 25.43
CA ARG B 194 11.88 -5.72 24.57
C ARG B 194 12.76 -6.93 24.90
N ASN B 195 13.49 -7.44 23.92
CA ASN B 195 14.45 -8.51 24.19
C ASN B 195 15.54 -8.00 25.13
N ALA B 196 15.98 -8.87 26.02
CA ALA B 196 17.07 -8.54 26.94
C ALA B 196 18.42 -8.68 26.25
N TYR B 197 18.43 -9.37 25.10
CA TYR B 197 19.67 -9.67 24.40
C TYR B 197 19.95 -8.70 23.25
N ASP B 198 18.93 -8.39 22.45
CA ASP B 198 19.07 -7.35 21.43
C ASP B 198 18.07 -6.22 21.69
N ARG B 199 17.80 -5.40 20.67
CA ARG B 199 16.98 -4.22 20.86
C ARG B 199 15.60 -4.32 20.20
N ARG B 200 15.28 -5.50 19.67
CA ARG B 200 13.98 -5.72 19.06
C ARG B 200 12.88 -5.69 20.11
N THR B 201 11.70 -5.19 19.73
CA THR B 201 10.59 -5.06 20.67
C THR B 201 9.36 -5.87 20.23
N TRP B 202 8.53 -6.22 21.20
CA TRP B 202 7.31 -6.97 20.98
C TRP B 202 6.13 -6.32 21.69
N GLU B 203 4.92 -6.62 21.21
CA GLU B 203 3.73 -6.30 21.97
C GLU B 203 3.40 -7.46 22.90
N LEU B 204 3.25 -7.17 24.18
CA LEU B 204 2.95 -8.19 25.17
C LEU B 204 1.44 -8.47 25.22
N LEU B 205 1.08 -9.75 25.25
CA LEU B 205 -0.32 -10.17 25.23
C LEU B 205 -0.76 -10.72 26.58
N ARG B 206 -0.05 -11.74 27.05
CA ARG B 206 -0.39 -12.41 28.30
C ARG B 206 0.72 -13.38 28.72
N LEU B 207 0.73 -13.77 29.99
CA LEU B 207 1.58 -14.86 30.42
C LEU B 207 1.02 -16.18 29.89
N GLY B 208 1.81 -17.24 30.02
CA GLY B 208 1.36 -18.57 29.67
C GLY B 208 1.64 -19.51 30.84
N GLU B 209 0.86 -20.58 30.94
CA GLU B 209 1.04 -21.52 32.04
C GLU B 209 1.89 -22.71 31.61
N GLU B 210 2.09 -22.87 30.31
CA GLU B 210 2.82 -24.02 29.78
C GLU B 210 4.28 -24.03 30.24
N ASP B 211 4.84 -25.24 30.29
CA ASP B 211 6.24 -25.42 30.65
C ASP B 211 7.13 -25.02 29.48
N PRO B 212 8.04 -24.07 29.71
CA PRO B 212 9.01 -23.64 28.69
C PRO B 212 9.88 -24.80 28.22
N LYS B 213 10.16 -25.74 29.13
CA LYS B 213 10.99 -26.90 28.81
C LYS B 213 10.30 -27.84 27.82
N GLU B 214 8.98 -27.74 27.73
CA GLU B 214 8.23 -28.59 26.81
C GLU B 214 7.34 -27.75 25.87
N LEU B 215 7.84 -26.60 25.46
CA LEU B 215 7.11 -25.79 24.48
C LEU B 215 7.79 -25.88 23.12
N PRO B 216 7.13 -26.56 22.16
CA PRO B 216 7.70 -26.82 20.83
C PRO B 216 7.74 -25.58 19.94
N LEU B 217 8.93 -25.15 19.57
CA LEU B 217 9.09 -24.11 18.55
C LEU B 217 9.21 -24.80 17.19
N PRO B 218 8.71 -24.14 16.13
CA PRO B 218 8.86 -24.67 14.76
C PRO B 218 10.33 -24.94 14.43
N GLY B 219 10.65 -26.18 14.08
CA GLY B 219 12.03 -26.59 13.93
C GLY B 219 12.37 -27.68 14.94
N GLY B 220 11.51 -27.84 15.94
CA GLY B 220 11.60 -28.97 16.84
C GLY B 220 12.22 -28.71 18.20
N LEU B 221 12.66 -27.47 18.45
CA LEU B 221 13.31 -27.14 19.71
C LEU B 221 12.34 -26.65 20.77
N SER B 222 12.71 -26.83 22.04
CA SER B 222 11.99 -26.20 23.14
C SER B 222 12.30 -24.71 23.14
N LEU B 223 11.37 -23.91 23.65
CA LEU B 223 11.59 -22.50 23.90
C LEU B 223 12.88 -22.33 24.70
N LEU B 224 12.88 -22.98 25.86
CA LEU B 224 13.99 -22.94 26.81
C LEU B 224 15.28 -23.42 26.16
N ASP B 225 15.18 -24.50 25.39
CA ASP B 225 16.35 -25.06 24.70
C ASP B 225 16.90 -24.09 23.66
N TYR B 226 16.01 -23.46 22.92
CA TYR B 226 16.39 -22.48 21.90
C TYR B 226 17.17 -21.33 22.53
N HIS B 227 16.57 -20.67 23.51
CA HIS B 227 17.24 -19.54 24.13
C HIS B 227 18.53 -19.95 24.86
N ALA B 228 18.52 -21.14 25.46
CA ALA B 228 19.72 -21.66 26.11
C ALA B 228 20.87 -21.83 25.12
N SER B 229 20.57 -22.50 24.01
CA SER B 229 21.54 -22.73 22.95
C SER B 229 22.07 -21.42 22.40
N LYS B 230 21.21 -20.40 22.38
CA LYS B 230 21.64 -19.07 21.96
C LYS B 230 22.57 -18.41 22.98
N GLY B 231 22.66 -18.99 24.18
CA GLY B 231 23.55 -18.48 25.21
C GLY B 231 22.95 -17.34 26.03
N ARG B 232 21.75 -16.90 25.66
CA ARG B 232 21.11 -15.76 26.31
C ARG B 232 20.48 -16.13 27.66
N LEU B 233 20.64 -17.38 28.08
CA LEU B 233 20.18 -17.80 29.40
C LEU B 233 21.34 -17.89 30.38
N GLN B 234 22.56 -17.78 29.87
CA GLN B 234 23.75 -17.72 30.70
C GLN B 234 23.92 -16.32 31.27
N GLY B 235 23.49 -16.14 32.52
CA GLY B 235 23.55 -14.84 33.16
C GLY B 235 22.22 -14.41 33.74
N ARG B 236 21.18 -15.19 33.46
CA ARG B 236 19.85 -14.91 33.99
C ARG B 236 18.98 -16.17 34.09
N GLU B 237 17.75 -15.99 34.54
CA GLU B 237 16.84 -17.12 34.76
C GLU B 237 15.52 -16.89 34.04
N GLY B 238 15.30 -17.62 32.96
CA GLY B 238 14.05 -17.52 32.23
C GLY B 238 12.85 -17.79 33.11
N GLY B 239 11.95 -16.82 33.19
CA GLY B 239 10.81 -16.92 34.08
C GLY B 239 9.75 -17.86 33.57
N ARG B 240 8.60 -17.31 33.20
CA ARG B 240 7.51 -18.10 32.67
C ARG B 240 7.20 -17.71 31.22
N VAL B 241 6.26 -18.41 30.61
CA VAL B 241 5.96 -18.20 29.20
C VAL B 241 5.20 -16.89 29.01
N ALA B 242 5.82 -15.96 28.30
CA ALA B 242 5.13 -14.74 27.88
C ALA B 242 4.70 -14.90 26.44
N TRP B 243 3.45 -14.54 26.15
CA TRP B 243 2.98 -14.58 24.77
C TRP B 243 3.05 -13.18 24.16
N VAL B 244 3.81 -13.06 23.09
CA VAL B 244 4.05 -11.75 22.49
C VAL B 244 3.66 -11.75 21.02
N ALA B 245 3.79 -10.59 20.38
CA ALA B 245 3.58 -10.47 18.93
C ALA B 245 4.52 -9.42 18.35
N ASP B 246 4.77 -9.51 17.04
CA ASP B 246 5.56 -8.51 16.35
C ASP B 246 4.67 -7.73 15.40
N PRO B 247 4.01 -6.68 15.92
CA PRO B 247 2.81 -6.07 15.36
C PRO B 247 2.05 -6.97 14.38
N LYS B 248 1.50 -8.05 14.95
CA LYS B 248 0.69 -9.07 14.27
C LYS B 248 0.93 -9.22 12.76
N LYS B 252 0.39 -13.03 14.56
CA LYS B 252 0.28 -14.27 15.34
C LYS B 252 1.01 -14.16 16.68
N PRO B 253 0.49 -14.85 17.70
CA PRO B 253 1.15 -14.99 19.01
C PRO B 253 2.50 -15.70 18.91
N ILE B 254 3.45 -15.31 19.75
CA ILE B 254 4.79 -15.89 19.72
C ILE B 254 5.30 -16.15 21.13
N PRO B 255 5.80 -17.37 21.39
CA PRO B 255 6.32 -17.73 22.71
C PRO B 255 7.55 -16.91 23.07
N HIS B 256 7.74 -16.66 24.36
CA HIS B 256 8.91 -15.96 24.86
C HIS B 256 9.06 -16.24 26.34
N LEU B 257 10.16 -15.77 26.92
CA LEU B 257 10.41 -15.97 28.34
C LEU B 257 10.43 -14.63 29.08
N THR B 258 9.75 -14.57 30.22
CA THR B 258 9.70 -13.34 31.01
C THR B 258 11.06 -12.99 31.60
N GLY B 259 11.98 -13.94 31.58
CA GLY B 259 13.32 -13.69 32.09
C GLY B 259 14.19 -13.03 31.03
N LEU B 260 13.77 -13.15 29.78
CA LEU B 260 14.53 -12.61 28.66
C LEU B 260 13.89 -11.35 28.10
N LEU B 261 12.96 -10.78 28.86
CA LEU B 261 12.25 -9.60 28.43
C LEU B 261 12.39 -8.46 29.42
N VAL B 262 12.42 -7.24 28.90
CA VAL B 262 12.47 -6.02 29.69
C VAL B 262 11.30 -5.14 29.28
N PRO B 263 10.46 -4.72 30.23
CA PRO B 263 9.32 -3.86 29.85
C PRO B 263 9.78 -2.53 29.26
N VAL B 264 9.16 -2.11 28.16
CA VAL B 264 9.43 -0.78 27.59
C VAL B 264 8.42 0.20 28.15
N LEU B 265 8.85 0.98 29.13
CA LEU B 265 7.95 1.80 29.93
C LEU B 265 7.53 3.08 29.23
N THR B 266 6.22 3.33 29.23
CA THR B 266 5.65 4.59 28.77
C THR B 266 4.97 5.28 29.95
N LEU B 267 4.39 6.45 29.73
CA LEU B 267 3.65 7.15 30.78
C LEU B 267 2.46 6.31 31.26
N GLU B 268 1.93 5.49 30.36
CA GLU B 268 0.81 4.58 30.68
C GLU B 268 1.23 3.53 31.70
N ASP B 269 2.51 3.18 31.72
CA ASP B 269 3.03 2.17 32.63
C ASP B 269 3.39 2.76 33.99
N LEU B 270 3.20 4.06 34.14
CA LEU B 270 3.68 4.75 35.33
C LEU B 270 2.65 5.68 35.97
N HIS B 271 1.41 5.69 35.45
CA HIS B 271 0.39 6.59 35.97
C HIS B 271 0.04 6.25 37.43
N GLU B 272 0.34 5.02 37.84
CA GLU B 272 0.23 4.63 39.23
C GLU B 272 1.44 5.17 40.00
N GLU B 273 1.16 5.79 41.15
CA GLU B 273 2.19 6.45 41.95
C GLU B 273 3.36 5.54 42.28
N GLY B 275 3.82 9.43 43.32
CA GLY B 275 2.83 10.38 42.85
C GLY B 275 2.58 10.29 41.36
N SER B 276 1.98 11.34 40.79
CA SER B 276 1.71 11.39 39.36
C SER B 276 2.36 12.61 38.72
N LEU B 277 3.67 12.53 38.49
CA LEU B 277 4.43 13.65 37.96
C LEU B 277 4.44 13.68 36.43
N ALA B 278 4.11 14.85 35.88
CA ALA B 278 4.14 15.05 34.43
C ALA B 278 5.48 15.65 34.01
N LEU B 279 5.70 15.78 32.71
CA LEU B 279 7.02 16.12 32.20
C LEU B 279 7.09 17.38 31.34
N SER B 280 5.95 18.00 31.06
CA SER B 280 5.96 19.25 30.31
C SER B 280 6.48 20.38 31.19
N LEU B 281 7.24 21.30 30.61
CA LEU B 281 7.84 22.39 31.38
C LEU B 281 7.24 23.75 31.04
N PRO B 282 6.89 24.52 32.08
CA PRO B 282 6.57 25.95 31.90
C PRO B 282 7.77 26.69 31.29
N TRP B 283 7.51 27.68 30.44
CA TRP B 283 8.56 28.21 29.56
C TRP B 283 9.74 28.88 30.28
N GLU B 284 9.48 29.54 31.42
CA GLU B 284 10.56 30.17 32.17
C GLU B 284 11.54 29.10 32.68
N GLU B 285 10.97 28.02 33.19
CA GLU B 285 11.73 26.89 33.71
C GLU B 285 12.60 26.26 32.63
N ARG B 286 11.99 25.95 31.50
CA ARG B 286 12.73 25.34 30.39
C ARG B 286 13.80 26.28 29.86
N ARG B 287 13.50 27.58 29.82
CA ARG B 287 14.50 28.57 29.40
C ARG B 287 15.73 28.57 30.32
N ARG B 288 15.45 28.69 31.63
CA ARG B 288 16.49 28.66 32.64
C ARG B 288 17.36 27.41 32.53
N ARG B 289 16.72 26.24 32.50
CA ARG B 289 17.42 24.99 32.40
C ARG B 289 18.26 24.90 31.10
N THR B 290 17.70 25.45 30.03
CA THR B 290 18.40 25.50 28.75
C THR B 290 19.71 26.26 28.89
N ARG B 291 19.63 27.43 29.53
CA ARG B 291 20.81 28.25 29.76
C ARG B 291 21.84 27.52 30.63
N GLU B 292 21.36 26.89 31.70
CA GLU B 292 22.22 26.11 32.59
C GLU B 292 23.03 25.08 31.80
N ILE B 293 22.32 24.20 31.10
CA ILE B 293 22.94 23.13 30.32
C ILE B 293 23.91 23.68 29.25
N ALA B 294 23.48 24.72 28.54
CA ALA B 294 24.34 25.37 27.55
C ALA B 294 25.66 25.86 28.17
N SER B 295 25.56 26.55 29.30
CA SER B 295 26.75 26.99 30.03
C SER B 295 27.64 25.82 30.42
N TRP B 296 27.02 24.75 30.92
CA TRP B 296 27.76 23.57 31.34
C TRP B 296 28.58 22.98 30.19
N ILE B 297 27.93 22.60 29.09
CA ILE B 297 28.67 22.01 27.97
C ILE B 297 29.62 23.02 27.34
N GLY B 298 29.36 24.30 27.55
CA GLY B 298 30.29 25.33 27.11
C GLY B 298 31.59 25.27 27.90
N ARG B 299 31.47 25.07 29.21
CA ARG B 299 32.64 24.93 30.07
C ARG B 299 33.39 23.61 29.81
N ARG B 300 32.65 22.51 29.84
CA ARG B 300 33.24 21.18 29.74
C ARG B 300 34.03 20.91 28.46
N LEU B 301 33.54 21.41 27.33
CA LEU B 301 34.14 21.11 26.04
C LEU B 301 35.08 22.23 25.56
N GLY B 302 35.22 23.26 26.39
CA GLY B 302 36.07 24.39 26.04
C GLY B 302 35.57 25.08 24.79
N LEU B 303 34.27 25.34 24.75
CA LEU B 303 33.66 25.97 23.59
C LEU B 303 33.34 27.43 23.89
N GLY B 304 33.67 27.85 25.10
CA GLY B 304 33.55 29.25 25.50
C GLY B 304 32.29 29.52 26.29
N THR B 305 32.00 30.79 26.52
CA THR B 305 30.79 31.18 27.22
C THR B 305 29.68 31.39 26.21
N PRO B 306 28.57 30.65 26.38
CA PRO B 306 27.44 30.72 25.44
C PRO B 306 26.70 32.05 25.46
N GLU B 307 26.53 32.65 24.30
CA GLU B 307 25.68 33.83 24.17
C GLU B 307 24.41 33.44 23.43
N ALA B 308 23.28 33.47 24.14
CA ALA B 308 21.99 33.11 23.53
C ALA B 308 21.68 34.02 22.35
N VAL B 309 21.29 33.42 21.22
CA VAL B 309 21.09 34.22 20.01
C VAL B 309 19.75 34.95 20.07
N ARG B 310 19.75 36.16 19.54
CA ARG B 310 18.55 36.98 19.53
C ARG B 310 18.04 37.07 18.10
N ALA B 311 16.74 36.91 17.92
CA ALA B 311 16.14 37.06 16.62
C ALA B 311 15.08 38.16 16.66
N GLN B 312 15.01 38.91 15.56
CA GLN B 312 13.97 39.90 15.36
C GLN B 312 12.64 39.18 15.11
N ALA B 313 11.65 39.45 15.96
CA ALA B 313 10.35 38.81 15.87
C ALA B 313 9.25 39.84 15.70
N TYR B 314 8.17 39.43 15.05
CA TYR B 314 7.08 40.35 14.72
C TYR B 314 5.74 39.83 15.22
N ARG B 315 5.01 40.68 15.94
CA ARG B 315 3.70 40.32 16.45
C ARG B 315 2.65 40.37 15.34
N LEU B 316 1.80 39.36 15.28
CA LEU B 316 0.74 39.33 14.27
C LEU B 316 -0.56 39.87 14.85
N SER B 317 -1.44 40.37 13.99
CA SER B 317 -2.71 40.92 14.47
C SER B 317 -3.60 39.81 15.03
N ILE B 318 -4.46 40.19 15.96
CA ILE B 318 -5.40 39.28 16.59
C ILE B 318 -6.47 38.85 15.60
N PRO B 319 -6.61 37.52 15.39
CA PRO B 319 -7.62 36.98 14.47
C PRO B 319 -9.03 37.34 14.91
N LYS B 320 -9.92 37.57 13.94
CA LYS B 320 -11.27 37.99 14.25
C LYS B 320 -12.24 36.86 13.93
N LEU B 321 -12.61 36.09 14.95
CA LEU B 321 -13.49 34.93 14.78
C LEU B 321 -14.96 35.33 14.72
N MET B 322 -15.65 34.86 13.69
CA MET B 322 -17.06 35.20 13.48
C MET B 322 -17.99 34.00 13.57
N GLY B 323 -18.88 34.03 14.56
CA GLY B 323 -20.02 33.14 14.56
C GLY B 323 -21.13 33.89 13.84
N ARG B 324 -22.34 33.86 14.39
CA ARG B 324 -23.37 34.80 13.94
C ARG B 324 -22.81 36.20 14.19
N ARG B 325 -22.34 36.42 15.41
CA ARG B 325 -21.61 37.64 15.76
C ARG B 325 -20.20 37.26 16.18
N ALA B 326 -19.35 38.26 16.40
CA ALA B 326 -17.95 38.02 16.76
C ALA B 326 -17.85 37.14 18.02
N VAL B 327 -16.89 36.22 18.02
CA VAL B 327 -16.71 35.31 19.15
C VAL B 327 -15.23 35.20 19.51
N SER B 328 -14.94 34.79 20.75
CA SER B 328 -13.57 34.54 21.16
C SER B 328 -13.18 33.08 20.96
N LYS B 329 -14.17 32.20 20.96
CA LYS B 329 -13.95 30.76 20.77
C LYS B 329 -15.17 30.15 20.07
N PRO B 330 -14.96 29.02 19.36
CA PRO B 330 -16.06 28.40 18.60
C PRO B 330 -17.24 27.98 19.48
N ALA B 331 -16.97 27.62 20.73
CA ALA B 331 -18.03 27.21 21.64
C ALA B 331 -19.11 28.30 21.80
N ASP B 332 -18.68 29.57 21.77
CA ASP B 332 -19.60 30.70 21.87
C ASP B 332 -20.66 30.72 20.76
N ALA B 333 -20.35 30.06 19.64
CA ALA B 333 -21.31 29.99 18.53
C ALA B 333 -22.57 29.25 18.95
N LEU B 334 -22.47 28.47 20.02
CA LEU B 334 -23.61 27.73 20.54
C LEU B 334 -24.64 28.65 21.21
N ARG B 335 -24.19 29.82 21.64
CA ARG B 335 -25.08 30.76 22.32
C ARG B 335 -25.35 32.00 21.46
N VAL B 336 -24.47 32.25 20.51
CA VAL B 336 -24.55 33.44 19.66
C VAL B 336 -25.14 33.13 18.30
N GLY B 337 -24.87 31.92 17.80
CA GLY B 337 -25.32 31.53 16.48
C GLY B 337 -24.15 31.22 15.55
N PHE B 338 -24.44 30.55 14.44
CA PHE B 338 -23.40 30.13 13.51
C PHE B 338 -23.18 31.15 12.39
N TYR B 339 -21.98 31.09 11.80
CA TYR B 339 -21.64 31.93 10.65
C TYR B 339 -22.56 31.65 9.47
N ARG B 340 -22.99 30.41 9.34
CA ARG B 340 -23.96 30.03 8.31
C ARG B 340 -24.74 28.80 8.75
N ALA B 341 -26.04 28.95 8.92
CA ALA B 341 -26.89 27.86 9.37
C ALA B 341 -28.01 27.57 8.38
N GLN B 342 -28.02 26.34 7.84
CA GLN B 342 -29.11 25.90 7.00
C GLN B 342 -30.12 25.13 7.85
N GLU B 343 -31.26 24.81 7.27
CA GLU B 343 -32.20 23.91 7.93
C GLU B 343 -31.53 22.54 8.05
N THR B 344 -31.44 22.01 9.27
CA THR B 344 -30.77 20.73 9.47
C THR B 344 -31.60 19.73 10.26
N ALA B 345 -31.29 18.46 10.03
CA ALA B 345 -31.86 17.35 10.81
C ALA B 345 -30.74 16.53 11.43
N LEU B 346 -30.80 16.35 12.75
CA LEU B 346 -29.86 15.50 13.47
C LEU B 346 -30.60 14.26 14.00
N ALA B 347 -29.92 13.13 14.12
CA ALA B 347 -30.56 11.96 14.72
C ALA B 347 -29.83 11.48 15.98
N LEU B 348 -30.55 10.80 16.87
CA LEU B 348 -29.94 10.28 18.09
C LEU B 348 -29.89 8.75 18.08
N LEU B 349 -28.72 8.21 18.42
CA LEU B 349 -28.52 6.77 18.56
C LEU B 349 -28.08 6.43 19.98
N ARG B 350 -28.96 5.75 20.70
CA ARG B 350 -28.68 5.37 22.08
C ARG B 350 -28.22 3.91 22.17
N LEU B 351 -27.04 3.71 22.78
CA LEU B 351 -26.50 2.37 22.94
C LEU B 351 -26.43 1.98 24.42
N ASP B 352 -27.01 2.82 25.28
CA ASP B 352 -26.97 2.58 26.72
C ASP B 352 -28.31 2.10 27.27
N GLY B 353 -29.28 1.88 26.39
CA GLY B 353 -30.56 1.34 26.80
C GLY B 353 -31.59 2.38 27.19
N ALA B 354 -31.14 3.60 27.46
CA ALA B 354 -32.04 4.70 27.75
C ALA B 354 -32.65 5.22 26.45
N GLN B 355 -33.62 6.13 26.54
CA GLN B 355 -34.29 6.65 25.34
C GLN B 355 -34.54 8.14 25.40
N GLY B 356 -34.58 8.77 24.23
CA GLY B 356 -34.85 10.18 24.11
C GLY B 356 -33.65 11.08 24.28
N TRP B 357 -33.71 12.27 23.67
CA TRP B 357 -32.68 13.27 23.83
C TRP B 357 -32.61 13.74 25.26
N PRO B 358 -31.40 13.75 25.84
CA PRO B 358 -31.23 14.40 27.15
C PRO B 358 -31.66 15.87 27.05
N GLU B 359 -32.36 16.38 28.06
CA GLU B 359 -33.03 17.68 27.95
C GLU B 359 -32.07 18.83 27.66
N PHE B 360 -30.88 18.81 28.24
CA PHE B 360 -29.97 19.95 28.11
C PHE B 360 -29.29 19.98 26.76
N LEU B 361 -29.15 18.82 26.13
CA LEU B 361 -28.61 18.77 24.77
C LEU B 361 -29.62 19.35 23.80
N ARG B 362 -30.86 18.89 23.94
CA ARG B 362 -31.96 19.40 23.13
C ARG B 362 -32.06 20.91 23.28
N ARG B 363 -32.01 21.37 24.52
CA ARG B 363 -32.11 22.79 24.82
C ARG B 363 -30.97 23.56 24.17
N ALA B 364 -29.74 23.10 24.38
CA ALA B 364 -28.57 23.75 23.79
C ALA B 364 -28.68 23.87 22.26
N LEU B 365 -29.09 22.78 21.61
CA LEU B 365 -29.23 22.79 20.15
C LEU B 365 -30.32 23.76 19.71
N LEU B 366 -31.43 23.75 20.43
CA LEU B 366 -32.53 24.71 20.21
C LEU B 366 -32.07 26.16 20.35
N ARG B 367 -31.25 26.44 21.37
CA ARG B 367 -30.73 27.78 21.59
C ARG B 367 -29.81 28.20 20.45
N ALA B 368 -28.93 27.29 20.04
CA ALA B 368 -27.97 27.60 18.97
C ALA B 368 -28.69 27.89 17.66
N PHE B 369 -29.60 26.99 17.29
CA PHE B 369 -30.30 27.13 16.02
C PHE B 369 -31.31 28.28 16.05
N GLY B 370 -31.82 28.60 17.23
CA GLY B 370 -32.70 29.74 17.40
C GLY B 370 -31.93 31.04 17.21
N ALA B 371 -30.74 31.09 17.81
CA ALA B 371 -29.86 32.25 17.66
C ALA B 371 -29.39 32.41 16.22
N SER B 372 -29.33 31.30 15.50
CA SER B 372 -28.90 31.33 14.10
C SER B 372 -30.06 31.63 13.16
N GLY B 373 -31.28 31.50 13.67
CA GLY B 373 -32.46 31.70 12.85
C GLY B 373 -32.61 30.62 11.79
N ALA B 374 -32.33 29.38 12.17
CA ALA B 374 -32.45 28.25 11.26
C ALA B 374 -33.23 27.12 11.91
N SER B 375 -34.05 26.45 11.10
CA SER B 375 -34.85 25.33 11.60
C SER B 375 -33.98 24.16 12.04
N LEU B 376 -34.39 23.52 13.13
CA LEU B 376 -33.73 22.31 13.62
C LEU B 376 -34.74 21.18 13.70
N ARG B 377 -34.33 19.98 13.31
CA ARG B 377 -35.21 18.82 13.41
C ARG B 377 -34.49 17.66 14.09
N LEU B 378 -35.01 17.20 15.22
CA LEU B 378 -34.35 16.15 16.00
C LEU B 378 -35.05 14.79 15.92
N HIS B 379 -34.44 13.86 15.18
CA HIS B 379 -34.92 12.49 15.07
C HIS B 379 -34.32 11.59 16.15
N THR B 380 -34.98 10.47 16.40
CA THR B 380 -34.43 9.43 17.23
C THR B 380 -34.40 8.14 16.44
N LEU B 381 -33.22 7.52 16.36
CA LEU B 381 -33.11 6.20 15.73
C LEU B 381 -33.60 5.13 16.70
N HIS B 382 -34.75 4.55 16.41
CA HIS B 382 -35.26 3.43 17.20
C HIS B 382 -34.79 2.15 16.55
N ALA B 383 -33.50 1.89 16.71
CA ALA B 383 -32.85 0.71 16.15
C ALA B 383 -31.50 0.54 16.82
N HIS B 384 -30.93 -0.66 16.67
CA HIS B 384 -29.71 -1.02 17.36
C HIS B 384 -28.87 -1.89 16.43
N PRO B 385 -27.54 -1.69 16.43
CA PRO B 385 -26.61 -2.43 15.56
C PRO B 385 -26.74 -3.95 15.64
N SER B 386 -27.23 -4.46 16.76
CA SER B 386 -27.38 -5.91 16.94
C SER B 386 -28.52 -6.49 16.11
N GLN B 387 -29.32 -5.61 15.48
CA GLN B 387 -30.34 -6.07 14.55
C GLN B 387 -29.71 -6.54 13.24
N GLY B 388 -28.47 -6.12 12.99
CA GLY B 388 -27.79 -6.46 11.76
C GLY B 388 -28.23 -5.56 10.63
N LEU B 389 -28.58 -6.15 9.49
CA LEU B 389 -28.93 -5.35 8.30
C LEU B 389 -30.17 -4.47 8.51
N ALA B 390 -31.08 -4.89 9.39
CA ALA B 390 -32.25 -4.05 9.69
C ALA B 390 -31.79 -2.69 10.25
N PHE B 391 -30.67 -2.69 10.98
CA PHE B 391 -30.09 -1.46 11.50
C PHE B 391 -29.67 -0.54 10.35
N ARG B 392 -29.02 -1.13 9.34
CA ARG B 392 -28.59 -0.38 8.16
C ARG B 392 -29.80 0.20 7.45
N GLU B 393 -30.87 -0.59 7.37
CA GLU B 393 -32.12 -0.12 6.78
C GLU B 393 -32.70 1.09 7.54
N ALA B 394 -32.70 1.01 8.87
CA ALA B 394 -33.15 2.14 9.67
C ALA B 394 -32.29 3.38 9.38
N LEU B 395 -30.99 3.16 9.24
CA LEU B 395 -30.09 4.25 8.88
C LEU B 395 -30.46 4.88 7.54
N ARG B 396 -30.63 4.03 6.53
CA ARG B 396 -31.00 4.46 5.18
C ARG B 396 -32.29 5.27 5.21
N LYS B 397 -33.28 4.77 5.94
CA LYS B 397 -34.55 5.45 6.12
C LYS B 397 -34.33 6.84 6.74
N ALA B 398 -33.47 6.90 7.74
CA ALA B 398 -33.16 8.18 8.39
C ALA B 398 -32.53 9.16 7.41
N LYS B 399 -31.58 8.69 6.61
CA LYS B 399 -30.93 9.54 5.61
C LYS B 399 -31.95 10.06 4.63
N GLU B 400 -32.82 9.16 4.16
CA GLU B 400 -33.88 9.51 3.22
C GLU B 400 -34.82 10.55 3.81
N GLU B 401 -35.04 10.47 5.12
CA GLU B 401 -35.92 11.42 5.79
C GLU B 401 -35.22 12.78 5.98
N GLY B 402 -33.92 12.82 5.75
CA GLY B 402 -33.19 14.08 5.75
C GLY B 402 -32.16 14.28 6.84
N VAL B 403 -31.96 13.28 7.68
CA VAL B 403 -30.93 13.35 8.72
C VAL B 403 -29.55 13.50 8.08
N GLN B 404 -28.74 14.43 8.62
CA GLN B 404 -27.43 14.71 8.05
C GLN B 404 -26.28 14.16 8.90
N ALA B 405 -26.54 13.99 10.19
CA ALA B 405 -25.54 13.44 11.10
C ALA B 405 -26.22 12.80 12.32
N VAL B 406 -25.53 11.85 12.95
CA VAL B 406 -26.11 11.23 14.13
C VAL B 406 -25.19 11.28 15.33
N LEU B 407 -25.78 11.62 16.47
CA LEU B 407 -25.10 11.66 17.76
C LEU B 407 -25.28 10.32 18.45
N VAL B 408 -24.17 9.67 18.79
CA VAL B 408 -24.22 8.36 19.43
C VAL B 408 -23.90 8.48 20.91
N LEU B 409 -24.92 8.32 21.75
CA LEU B 409 -24.71 8.26 23.20
C LEU B 409 -24.36 6.84 23.60
N THR B 410 -23.17 6.63 24.13
CA THR B 410 -22.74 5.26 24.41
C THR B 410 -21.70 5.15 25.52
N PRO B 411 -21.69 4.03 26.25
CA PRO B 411 -20.55 3.74 27.12
C PRO B 411 -19.30 3.67 26.28
N PRO B 412 -18.12 3.97 26.87
CA PRO B 412 -16.85 3.90 26.14
C PRO B 412 -16.77 2.65 25.28
N MET B 413 -16.49 2.81 23.99
CA MET B 413 -16.42 1.66 23.08
C MET B 413 -14.98 1.24 22.88
N ALA B 414 -14.77 -0.05 22.61
CA ALA B 414 -13.45 -0.53 22.20
C ALA B 414 -13.14 0.03 20.81
N TRP B 415 -11.86 0.28 20.53
CA TRP B 415 -11.44 0.82 19.24
C TRP B 415 -12.13 0.17 18.05
N GLU B 416 -12.14 -1.17 18.04
CA GLU B 416 -12.74 -1.94 16.96
C GLU B 416 -14.23 -1.67 16.79
N ASP B 417 -14.95 -1.62 17.89
CA ASP B 417 -16.39 -1.39 17.85
C ASP B 417 -16.70 0.03 17.37
N ARG B 418 -15.99 1.01 17.94
CA ARG B 418 -16.09 2.40 17.47
C ARG B 418 -15.91 2.46 15.96
N ASN B 419 -14.81 1.88 15.49
CA ASN B 419 -14.48 1.88 14.08
C ASN B 419 -15.56 1.24 13.22
N ARG B 420 -16.04 0.06 13.62
CA ARG B 420 -17.05 -0.63 12.85
C ARG B 420 -18.34 0.17 12.78
N LEU B 421 -18.76 0.72 13.93
CA LEU B 421 -19.99 1.53 13.98
C LEU B 421 -19.89 2.76 13.07
N LYS B 422 -18.82 3.53 13.23
CA LYS B 422 -18.67 4.75 12.45
C LYS B 422 -18.55 4.45 10.95
N ALA B 423 -17.85 3.37 10.62
CA ALA B 423 -17.73 2.94 9.23
C ALA B 423 -19.09 2.55 8.65
N LEU B 424 -19.89 1.84 9.44
CA LEU B 424 -21.21 1.42 9.00
C LEU B 424 -22.11 2.62 8.77
N LEU B 425 -22.09 3.58 9.69
CA LEU B 425 -22.92 4.78 9.51
C LEU B 425 -22.44 5.54 8.28
N LEU B 426 -21.12 5.54 8.07
CA LEU B 426 -20.52 6.19 6.91
C LEU B 426 -21.02 5.59 5.61
N ARG B 427 -21.20 4.26 5.59
CA ARG B 427 -21.67 3.61 4.37
C ARG B 427 -23.09 4.04 3.97
N GLU B 428 -23.82 4.65 4.89
CA GLU B 428 -25.14 5.19 4.54
C GLU B 428 -25.11 6.72 4.42
N GLY B 429 -23.91 7.28 4.39
CA GLY B 429 -23.75 8.72 4.19
C GLY B 429 -23.91 9.52 5.46
N LEU B 430 -23.84 8.84 6.61
CA LEU B 430 -24.11 9.47 7.89
C LEU B 430 -22.88 9.57 8.78
N PRO B 431 -22.29 10.77 8.86
CA PRO B 431 -21.28 11.06 9.88
C PRO B 431 -21.83 10.87 11.29
N SER B 432 -20.96 10.47 12.20
CA SER B 432 -21.35 10.19 13.58
C SER B 432 -20.49 10.96 14.57
N GLN B 433 -21.11 11.43 15.64
CA GLN B 433 -20.35 12.01 16.76
C GLN B 433 -20.60 11.20 18.01
N ILE B 434 -19.55 10.59 18.56
CA ILE B 434 -19.75 9.83 19.78
C ILE B 434 -19.67 10.76 21.01
N LEU B 435 -20.63 10.57 21.93
CA LEU B 435 -20.63 11.20 23.24
C LEU B 435 -20.79 10.10 24.30
N ASN B 436 -19.80 10.01 25.19
CA ASN B 436 -19.75 8.92 26.15
C ASN B 436 -20.64 9.14 27.36
N VAL B 437 -21.31 8.06 27.75
CA VAL B 437 -22.23 8.08 28.88
C VAL B 437 -21.60 7.19 29.98
N PRO B 438 -21.78 7.55 31.27
CA PRO B 438 -22.58 8.62 31.89
C PRO B 438 -22.10 10.02 31.55
N LEU B 439 -23.06 10.91 31.34
CA LEU B 439 -22.76 12.30 31.03
C LEU B 439 -23.55 13.26 31.93
N ARG B 440 -22.83 13.99 32.76
CA ARG B 440 -23.47 15.02 33.60
C ARG B 440 -23.56 16.34 32.85
N GLU B 441 -24.63 17.09 33.12
CA GLU B 441 -24.82 18.39 32.48
C GLU B 441 -23.70 19.36 32.85
N GLU B 442 -23.10 19.18 34.02
CA GLU B 442 -22.02 20.06 34.47
C GLU B 442 -20.74 19.84 33.67
N GLU B 443 -20.71 18.78 32.88
CA GLU B 443 -19.54 18.49 32.04
C GLU B 443 -19.65 19.23 30.70
N ARG B 444 -19.78 20.56 30.81
CA ARG B 444 -20.08 21.42 29.67
C ARG B 444 -19.10 21.35 28.50
N HIS B 445 -17.80 21.28 28.80
CA HIS B 445 -16.79 21.30 27.73
C HIS B 445 -16.88 20.05 26.85
N ARG B 446 -17.05 18.89 27.48
CA ARG B 446 -17.16 17.64 26.75
C ARG B 446 -18.34 17.61 25.79
N TRP B 447 -19.55 17.89 26.29
CA TRP B 447 -20.73 17.74 25.42
C TRP B 447 -20.90 18.95 24.50
N GLU B 448 -20.29 20.08 24.84
CA GLU B 448 -20.33 21.20 23.91
C GLU B 448 -19.40 20.90 22.74
N ASN B 449 -18.23 20.32 23.03
CA ASN B 449 -17.35 19.92 21.94
C ASN B 449 -17.97 18.82 21.09
N ALA B 450 -18.62 17.87 21.77
CA ALA B 450 -19.37 16.82 21.07
C ALA B 450 -20.38 17.45 20.13
N LEU B 451 -21.08 18.46 20.62
CA LEU B 451 -22.07 19.18 19.81
C LEU B 451 -21.45 19.89 18.61
N LEU B 452 -20.36 20.63 18.83
CA LEU B 452 -19.66 21.32 17.73
C LEU B 452 -19.20 20.33 16.66
N GLY B 453 -18.64 19.21 17.09
CA GLY B 453 -18.26 18.15 16.17
C GLY B 453 -19.47 17.63 15.40
N LEU B 454 -20.56 17.38 16.11
CA LEU B 454 -21.81 16.94 15.50
C LEU B 454 -22.25 17.88 14.39
N LEU B 455 -22.18 19.19 14.66
CA LEU B 455 -22.63 20.18 13.69
C LEU B 455 -21.70 20.26 12.47
N ALA B 456 -20.39 20.29 12.71
CA ALA B 456 -19.43 20.25 11.61
C ALA B 456 -19.66 19.00 10.76
N LYS B 457 -20.01 17.90 11.42
CA LYS B 457 -20.30 16.65 10.74
C LYS B 457 -21.61 16.72 9.97
N ALA B 458 -22.53 17.58 10.40
CA ALA B 458 -23.79 17.74 9.68
C ALA B 458 -23.63 18.70 8.51
N GLY B 459 -22.48 19.39 8.47
CA GLY B 459 -22.15 20.23 7.33
C GLY B 459 -22.34 21.72 7.57
N LEU B 460 -22.45 22.11 8.84
CA LEU B 460 -22.60 23.51 9.18
C LEU B 460 -21.27 24.25 9.23
N GLN B 461 -21.31 25.55 8.98
CA GLN B 461 -20.16 26.41 9.27
C GLN B 461 -20.43 27.17 10.57
N VAL B 462 -19.77 26.75 11.64
CA VAL B 462 -20.06 27.31 12.95
C VAL B 462 -19.31 28.63 13.13
N VAL B 463 -18.08 28.70 12.61
CA VAL B 463 -17.33 29.97 12.66
C VAL B 463 -16.59 30.24 11.36
N ALA B 464 -16.16 31.49 11.18
CA ALA B 464 -15.33 31.89 10.05
C ALA B 464 -14.43 33.06 10.42
N LEU B 465 -13.52 33.41 9.50
CA LEU B 465 -12.59 34.51 9.72
C LEU B 465 -13.10 35.82 9.12
N SER B 466 -13.01 36.89 9.90
CA SER B 466 -13.23 38.23 9.37
C SER B 466 -11.87 38.88 9.17
N GLY B 467 -11.50 39.13 7.91
CA GLY B 467 -10.19 39.65 7.62
C GLY B 467 -9.84 39.61 6.14
N ALA B 468 -8.68 40.13 5.79
CA ALA B 468 -8.23 40.17 4.39
C ALA B 468 -7.00 39.30 4.22
N TYR B 469 -7.01 38.45 3.20
CA TYR B 469 -5.92 37.49 3.01
C TYR B 469 -5.54 37.41 1.54
N PRO B 470 -4.26 37.12 1.27
CA PRO B 470 -3.73 36.97 -0.10
C PRO B 470 -4.51 35.92 -0.90
N ALA B 471 -4.73 34.75 -0.30
CA ALA B 471 -5.39 33.64 -1.00
C ALA B 471 -6.81 33.39 -0.50
N GLU B 472 -7.74 33.20 -1.43
CA GLU B 472 -9.14 32.97 -1.08
C GLU B 472 -9.48 31.49 -1.08
N LEU B 473 -8.47 30.66 -1.30
CA LEU B 473 -8.60 29.21 -1.20
C LEU B 473 -7.36 28.67 -0.49
N ALA B 474 -7.54 28.01 0.63
CA ALA B 474 -6.40 27.44 1.36
C ALA B 474 -6.54 25.93 1.43
N VAL B 475 -5.57 25.20 0.88
CA VAL B 475 -5.70 23.75 0.90
C VAL B 475 -4.45 23.06 1.47
N GLY B 476 -4.67 22.17 2.44
CA GLY B 476 -3.61 21.44 3.09
C GLY B 476 -3.53 19.97 2.68
N PHE B 477 -2.30 19.48 2.60
CA PHE B 477 -1.99 18.12 2.15
C PHE B 477 -1.26 17.35 3.23
N ASP B 478 -1.67 16.11 3.47
CA ASP B 478 -0.98 15.28 4.45
C ASP B 478 -1.02 13.81 4.03
N ALA B 479 -0.18 12.98 4.64
CA ALA B 479 -0.27 11.55 4.42
C ALA B 479 -0.44 10.85 5.75
N GLY B 480 -1.24 9.78 5.78
CA GLY B 480 -1.51 9.09 7.03
C GLY B 480 -1.80 7.62 6.84
N GLY B 481 -1.87 6.87 7.93
CA GLY B 481 -2.10 5.44 7.86
C GLY B 481 -0.98 4.62 8.46
N ARG B 482 -1.35 3.56 9.18
CA ARG B 482 -0.37 2.75 9.90
C ARG B 482 -0.15 1.37 9.27
N GLU B 483 -0.01 1.33 7.95
CA GLU B 483 0.27 0.09 7.24
C GLU B 483 1.54 0.20 6.40
N SER B 484 1.71 -0.70 5.43
CA SER B 484 2.85 -0.64 4.50
C SER B 484 2.57 0.39 3.42
N PHE B 485 1.37 0.96 3.46
CA PHE B 485 0.91 1.94 2.50
C PHE B 485 0.19 3.07 3.25
N ARG B 486 0.21 4.27 2.68
CA ARG B 486 -0.48 5.40 3.29
C ARG B 486 -1.61 5.90 2.40
N PHE B 487 -2.35 6.87 2.90
CA PHE B 487 -3.28 7.65 2.11
C PHE B 487 -2.79 9.10 2.07
N GLY B 488 -2.59 9.60 0.86
CA GLY B 488 -2.30 11.01 0.65
C GLY B 488 -3.61 11.73 0.45
N GLY B 489 -3.85 12.77 1.25
CA GLY B 489 -5.12 13.45 1.23
C GLY B 489 -5.03 14.96 1.36
N ALA B 490 -6.16 15.61 1.05
CA ALA B 490 -6.23 17.07 1.05
C ALA B 490 -7.54 17.57 1.63
N ALA B 491 -7.46 18.65 2.40
CA ALA B 491 -8.65 19.35 2.90
C ALA B 491 -8.52 20.84 2.62
N CYS B 492 -9.63 21.53 2.45
CA CYS B 492 -9.56 22.94 2.07
C CYS B 492 -10.58 23.83 2.78
N ALA B 493 -10.16 25.08 2.97
CA ALA B 493 -11.02 26.17 3.40
C ALA B 493 -11.21 27.09 2.20
N VAL B 494 -12.45 27.19 1.73
CA VAL B 494 -12.70 28.01 0.54
C VAL B 494 -13.35 29.34 0.95
N GLY B 495 -13.06 30.38 0.18
CA GLY B 495 -13.50 31.72 0.48
C GLY B 495 -12.50 32.43 1.37
N GLY B 496 -12.42 33.76 1.23
CA GLY B 496 -11.52 34.55 2.05
C GLY B 496 -11.85 34.45 3.52
N ASP B 497 -13.13 34.23 3.82
CA ASP B 497 -13.59 34.05 5.20
C ASP B 497 -13.20 32.68 5.73
N GLY B 498 -12.90 31.76 4.82
CA GLY B 498 -12.73 30.37 5.16
C GLY B 498 -14.08 29.81 5.55
N GLY B 499 -15.14 30.40 5.02
CA GLY B 499 -16.50 30.05 5.38
C GLY B 499 -17.03 28.78 4.73
N HIS B 500 -16.13 27.94 4.23
CA HIS B 500 -16.51 26.62 3.75
C HIS B 500 -15.34 25.66 3.96
N LEU B 501 -15.56 24.65 4.80
CA LEU B 501 -14.55 23.62 5.05
C LEU B 501 -14.94 22.34 4.33
N LEU B 502 -13.98 21.67 3.71
CA LEU B 502 -14.33 20.58 2.81
C LEU B 502 -13.19 19.57 2.62
N TRP B 503 -13.52 18.29 2.52
CA TRP B 503 -12.50 17.27 2.31
C TRP B 503 -12.58 16.70 0.90
N THR B 504 -11.54 15.97 0.51
CA THR B 504 -11.51 15.29 -0.78
C THR B 504 -11.22 13.81 -0.57
N LEU B 505 -11.61 12.97 -1.52
CA LEU B 505 -11.31 11.54 -1.45
C LEU B 505 -9.81 11.31 -1.54
N PRO B 506 -9.21 10.68 -0.51
CA PRO B 506 -7.78 10.38 -0.51
C PRO B 506 -7.38 9.34 -1.55
N GLU B 507 -6.08 9.19 -1.76
CA GLU B 507 -5.54 8.15 -2.62
C GLU B 507 -4.52 7.31 -1.86
N ALA B 508 -4.51 6.01 -2.10
CA ALA B 508 -3.49 5.15 -1.50
C ALA B 508 -2.14 5.37 -2.22
N GLN B 509 -1.05 5.20 -1.48
CA GLN B 509 0.30 5.45 -2.00
C GLN B 509 1.33 4.66 -1.18
N ALA B 510 2.52 4.45 -1.71
CA ALA B 510 3.50 3.59 -1.05
C ALA B 510 4.04 4.19 0.25
N GLY B 511 4.27 5.51 0.25
CA GLY B 511 4.88 6.16 1.41
C GLY B 511 4.47 7.59 1.69
N GLU B 512 5.46 8.42 2.02
CA GLU B 512 5.20 9.81 2.39
C GLU B 512 4.97 10.71 1.19
N ARG B 513 5.62 10.38 0.08
CA ARG B 513 5.46 11.17 -1.14
C ARG B 513 4.06 10.98 -1.73
N ILE B 514 3.40 12.11 -2.00
CA ILE B 514 2.16 12.09 -2.76
C ILE B 514 2.53 12.20 -4.25
N PRO B 515 2.02 11.28 -5.08
CA PRO B 515 2.30 11.38 -6.53
C PRO B 515 1.79 12.69 -7.12
N GLN B 516 2.51 13.24 -8.09
CA GLN B 516 2.19 14.56 -8.64
C GLN B 516 0.79 14.64 -9.23
N GLU B 517 0.39 13.56 -9.90
CA GLU B 517 -0.96 13.42 -10.44
C GLU B 517 -1.99 13.56 -9.33
N VAL B 518 -1.76 12.88 -8.22
CA VAL B 518 -2.67 12.93 -7.08
C VAL B 518 -2.75 14.34 -6.50
N VAL B 519 -1.58 14.96 -6.32
CA VAL B 519 -1.51 16.32 -5.82
C VAL B 519 -2.36 17.24 -6.66
N TRP B 520 -2.15 17.20 -7.97
CA TRP B 520 -2.91 18.07 -8.85
C TRP B 520 -4.40 17.73 -8.87
N ASP B 521 -4.75 16.45 -8.89
CA ASP B 521 -6.17 16.06 -8.95
C ASP B 521 -6.93 16.52 -7.71
N LEU B 522 -6.36 16.27 -6.53
CA LEU B 522 -6.97 16.74 -5.29
C LEU B 522 -7.09 18.28 -5.28
N LEU B 523 -6.02 18.93 -5.70
CA LEU B 523 -6.03 20.39 -5.80
C LEU B 523 -7.17 20.85 -6.73
N GLU B 524 -7.35 20.16 -7.85
CA GLU B 524 -8.39 20.49 -8.81
C GLU B 524 -9.77 20.30 -8.19
N GLU B 525 -9.90 19.27 -7.37
CA GLU B 525 -11.15 19.07 -6.63
C GLU B 525 -11.44 20.27 -5.75
N THR B 526 -10.42 20.78 -5.07
CA THR B 526 -10.63 21.98 -4.23
C THR B 526 -10.99 23.22 -5.08
N LEU B 527 -10.31 23.38 -6.21
CA LEU B 527 -10.63 24.47 -7.15
C LEU B 527 -12.09 24.41 -7.57
N TRP B 528 -12.54 23.21 -7.93
CA TRP B 528 -13.89 23.00 -8.42
C TRP B 528 -14.91 23.25 -7.32
N ALA B 529 -14.57 22.87 -6.10
CA ALA B 529 -15.42 23.18 -4.95
C ALA B 529 -15.59 24.69 -4.79
N PHE B 530 -14.46 25.40 -4.89
CA PHE B 530 -14.49 26.87 -4.84
C PHE B 530 -15.41 27.42 -5.92
N ARG B 531 -15.26 26.89 -7.13
CA ARG B 531 -16.07 27.34 -8.27
C ARG B 531 -17.55 27.13 -8.04
N ARG B 532 -17.93 25.94 -7.58
CA ARG B 532 -19.32 25.63 -7.29
C ARG B 532 -19.87 26.58 -6.23
N LYS B 533 -19.04 26.91 -5.25
CA LYS B 533 -19.48 27.76 -4.15
C LYS B 533 -19.52 29.25 -4.51
N ALA B 534 -18.62 29.68 -5.40
CA ALA B 534 -18.42 31.10 -5.67
C ALA B 534 -18.73 31.51 -7.10
N GLY B 535 -19.01 30.54 -7.96
CA GLY B 535 -19.35 30.84 -9.34
C GLY B 535 -18.18 31.36 -10.16
N ARG B 536 -16.97 31.13 -9.67
CA ARG B 536 -15.76 31.58 -10.36
C ARG B 536 -14.53 30.84 -9.86
N LEU B 537 -13.42 30.99 -10.56
CA LEU B 537 -12.16 30.41 -10.13
C LEU B 537 -11.45 31.35 -9.17
N PRO B 538 -10.66 30.79 -8.23
CA PRO B 538 -9.95 31.64 -7.27
C PRO B 538 -8.81 32.43 -7.92
N SER B 539 -8.51 33.61 -7.37
CA SER B 539 -7.42 34.42 -7.89
C SER B 539 -6.07 33.93 -7.38
N ARG B 540 -6.06 33.34 -6.19
CA ARG B 540 -4.83 32.88 -5.56
C ARG B 540 -5.11 31.78 -4.53
N VAL B 541 -4.33 30.70 -4.59
CA VAL B 541 -4.47 29.62 -3.62
C VAL B 541 -3.23 29.48 -2.75
N LEU B 542 -3.45 29.15 -1.47
CA LEU B 542 -2.38 28.87 -0.53
C LEU B 542 -2.28 27.36 -0.35
N LEU B 543 -1.19 26.80 -0.85
CA LEU B 543 -0.93 25.37 -0.76
C LEU B 543 -0.07 25.06 0.45
N LEU B 544 -0.63 24.34 1.42
CA LEU B 544 0.12 23.97 2.61
C LEU B 544 0.45 22.48 2.61
N ARG B 545 1.72 22.15 2.85
CA ARG B 545 2.15 20.77 2.94
C ARG B 545 2.53 20.43 4.39
N ASP B 546 2.05 19.30 4.89
CA ASP B 546 2.45 18.85 6.22
C ASP B 546 3.87 18.27 6.14
N GLY B 547 4.81 18.88 6.85
CA GLY B 547 6.21 18.50 6.74
C GLY B 547 6.81 19.16 5.52
N ARG B 548 7.95 18.65 5.07
CA ARG B 548 8.59 19.23 3.90
C ARG B 548 8.05 18.66 2.60
N VAL B 549 8.19 19.43 1.52
CA VAL B 549 7.74 19.01 0.20
C VAL B 549 8.83 18.20 -0.48
N PRO B 550 8.56 16.91 -0.74
CA PRO B 550 9.51 16.11 -1.52
C PRO B 550 9.77 16.75 -2.88
N GLN B 551 10.97 16.57 -3.42
CA GLN B 551 11.36 17.23 -4.67
C GLN B 551 10.35 17.01 -5.80
N ASP B 552 9.88 18.12 -6.36
CA ASP B 552 8.97 18.14 -7.50
C ASP B 552 7.64 17.44 -7.26
N GLU B 553 7.25 17.31 -6.00
CA GLU B 553 5.95 16.74 -5.67
C GLU B 553 4.80 17.61 -6.17
N PHE B 554 5.01 18.93 -6.15
CA PHE B 554 3.99 19.87 -6.58
C PHE B 554 4.21 20.42 -8.00
N ALA B 555 5.21 19.86 -8.69
CA ALA B 555 5.60 20.36 -10.01
C ALA B 555 4.43 20.40 -11.00
N LEU B 556 3.81 19.24 -11.22
CA LEU B 556 2.69 19.15 -12.15
C LEU B 556 1.57 20.11 -11.75
N ALA B 557 1.25 20.12 -10.46
CA ALA B 557 0.18 20.96 -9.95
C ALA B 557 0.47 22.44 -10.13
N LEU B 558 1.70 22.84 -9.81
CA LEU B 558 2.11 24.23 -9.94
C LEU B 558 2.06 24.69 -11.40
N GLU B 559 2.56 23.82 -12.29
CA GLU B 559 2.50 24.09 -13.73
C GLU B 559 1.06 24.26 -14.21
N ALA B 560 0.19 23.36 -13.75
CA ALA B 560 -1.22 23.40 -14.12
C ALA B 560 -1.87 24.70 -13.66
N LEU B 561 -1.59 25.09 -12.42
CA LEU B 561 -2.08 26.35 -11.89
C LEU B 561 -1.64 27.52 -12.74
N ALA B 562 -0.36 27.54 -13.11
CA ALA B 562 0.18 28.58 -13.98
C ALA B 562 -0.59 28.63 -15.29
N ARG B 563 -0.78 27.47 -15.92
CA ARG B 563 -1.50 27.40 -17.19
C ARG B 563 -2.90 27.99 -17.15
N GLU B 564 -3.57 27.87 -16.02
CA GLU B 564 -4.91 28.41 -15.89
C GLU B 564 -4.91 29.84 -15.35
N GLY B 565 -3.71 30.40 -15.19
CA GLY B 565 -3.56 31.75 -14.71
C GLY B 565 -4.02 31.95 -13.28
N ILE B 566 -3.72 30.98 -12.43
CA ILE B 566 -4.07 31.05 -11.03
C ILE B 566 -2.81 31.16 -10.18
N ALA B 567 -2.71 32.25 -9.43
CA ALA B 567 -1.54 32.52 -8.58
C ALA B 567 -1.48 31.56 -7.41
N TYR B 568 -0.29 31.34 -6.86
CA TYR B 568 -0.14 30.38 -5.78
C TYR B 568 1.00 30.69 -4.81
N ASP B 569 0.94 30.04 -3.65
CA ASP B 569 2.08 29.98 -2.75
C ASP B 569 2.17 28.59 -2.14
N LEU B 570 3.30 27.92 -2.34
CA LEU B 570 3.57 26.64 -1.69
C LEU B 570 4.34 26.88 -0.40
N VAL B 571 3.79 26.45 0.73
CA VAL B 571 4.48 26.60 2.01
C VAL B 571 4.61 25.26 2.73
N SER B 572 5.85 24.91 3.07
CA SER B 572 6.14 23.71 3.85
C SER B 572 5.98 23.99 5.34
N VAL B 573 5.13 23.22 5.99
CA VAL B 573 4.83 23.40 7.41
C VAL B 573 5.42 22.26 8.24
N ARG B 574 6.39 22.58 9.08
CA ARG B 574 7.10 21.56 9.84
C ARG B 574 6.84 21.67 11.33
N LYS B 575 6.32 20.59 11.90
CA LYS B 575 5.90 20.55 13.30
C LYS B 575 7.09 20.33 14.21
N SER B 576 8.26 20.07 13.62
CA SER B 576 9.49 19.91 14.40
C SER B 576 10.65 20.60 13.71
N GLY B 577 11.70 20.92 14.46
CA GLY B 577 12.90 21.52 13.87
C GLY B 577 12.91 23.03 13.98
N GLY B 578 11.86 23.59 14.57
CA GLY B 578 11.76 25.03 14.73
C GLY B 578 12.43 25.51 16.00
N GLY B 579 12.81 24.58 16.86
CA GLY B 579 13.45 24.93 18.11
C GLY B 579 12.46 25.61 19.05
N ARG B 580 12.99 26.42 19.98
CA ARG B 580 12.12 27.13 20.91
C ARG B 580 12.28 28.65 20.78
N VAL B 581 11.25 29.38 21.17
CA VAL B 581 11.27 30.83 21.15
C VAL B 581 10.90 31.38 22.54
N TYR B 582 11.71 32.29 23.05
CA TYR B 582 11.50 32.84 24.39
C TYR B 582 11.47 34.37 24.37
N PRO B 583 10.62 34.97 25.20
CA PRO B 583 10.59 36.44 25.27
C PRO B 583 11.86 37.00 25.89
N VAL B 584 12.40 38.05 25.27
CA VAL B 584 13.50 38.82 25.84
C VAL B 584 13.01 39.55 27.08
N GLN B 585 11.81 40.12 26.98
CA GLN B 585 11.16 40.77 28.11
C GLN B 585 9.66 40.45 28.13
N GLY B 586 9.08 40.41 29.32
CA GLY B 586 7.65 40.24 29.45
C GLY B 586 7.15 38.82 29.29
N ARG B 587 5.83 38.66 29.25
CA ARG B 587 5.20 37.35 29.14
C ARG B 587 5.29 36.82 27.72
N LEU B 588 5.16 35.50 27.58
CA LEU B 588 5.17 34.84 26.27
C LEU B 588 3.76 34.74 25.70
N ALA B 589 3.59 35.15 24.45
CA ALA B 589 2.27 35.12 23.81
C ALA B 589 2.38 34.66 22.35
N ASP B 590 1.37 33.94 21.86
CA ASP B 590 1.43 33.43 20.49
C ASP B 590 1.10 34.52 19.48
N GLY B 591 1.18 34.18 18.19
CA GLY B 591 1.08 35.17 17.14
C GLY B 591 2.46 35.73 16.83
N LEU B 592 3.47 34.88 16.94
CA LEU B 592 4.84 35.36 16.78
C LEU B 592 5.44 34.92 15.45
N TYR B 593 5.98 35.88 14.72
CA TYR B 593 6.57 35.65 13.40
C TYR B 593 8.06 35.96 13.44
N VAL B 594 8.89 34.95 13.21
CA VAL B 594 10.33 35.10 13.36
C VAL B 594 11.08 34.75 12.09
N PRO B 595 11.35 35.73 11.23
CA PRO B 595 12.11 35.48 9.99
C PRO B 595 13.51 34.97 10.30
N LEU B 596 13.90 33.84 9.72
CA LEU B 596 15.23 33.30 9.98
C LEU B 596 16.15 33.53 8.80
N GLU B 597 15.60 33.42 7.60
CA GLU B 597 16.35 33.57 6.37
C GLU B 597 15.44 33.95 5.21
N ASP B 598 15.90 33.69 4.01
CA ASP B 598 15.05 33.83 2.84
C ASP B 598 14.09 32.66 2.79
N LYS B 599 12.81 32.96 2.74
CA LYS B 599 11.75 31.96 2.61
C LYS B 599 11.69 30.98 3.79
N THR B 600 12.30 31.32 4.92
CA THR B 600 12.24 30.45 6.09
C THR B 600 11.96 31.23 7.37
N PHE B 601 10.89 30.88 8.06
CA PHE B 601 10.55 31.60 9.29
C PHE B 601 9.90 30.71 10.34
N LEU B 602 9.84 31.22 11.57
CA LEU B 602 9.17 30.54 12.67
C LEU B 602 7.80 31.16 12.89
N LEU B 603 6.85 30.34 13.33
CA LEU B 603 5.52 30.83 13.64
C LEU B 603 4.99 30.23 14.93
N LEU B 604 5.02 31.01 16.00
CA LEU B 604 4.38 30.64 17.25
C LEU B 604 2.89 30.91 17.12
N THR B 605 2.12 29.84 16.89
CA THR B 605 0.70 29.92 16.59
C THR B 605 -0.18 29.81 17.82
N VAL B 606 0.17 28.89 18.72
CA VAL B 606 -0.61 28.67 19.93
C VAL B 606 0.27 28.61 21.18
N HIS B 607 -0.26 29.07 22.30
CA HIS B 607 0.41 28.90 23.59
C HIS B 607 -0.56 29.13 24.76
N ARG B 608 -0.52 28.21 25.71
CA ARG B 608 -1.19 28.37 26.98
C ARG B 608 -0.15 28.09 28.07
N ASP B 609 -0.17 28.87 29.15
CA ASP B 609 0.86 28.75 30.18
C ASP B 609 0.88 27.36 30.83
N PHE B 610 -0.30 26.84 31.17
CA PHE B 610 -0.40 25.52 31.79
C PHE B 610 0.04 24.41 30.84
N ARG B 611 -0.13 24.66 29.55
CA ARG B 611 0.10 23.65 28.52
C ARG B 611 1.57 23.23 28.42
N GLY B 612 2.47 24.07 28.91
CA GLY B 612 3.89 23.78 28.87
C GLY B 612 4.63 24.79 28.02
N THR B 613 5.78 24.40 27.49
CA THR B 613 6.53 25.27 26.61
C THR B 613 6.12 25.01 25.16
N PRO B 614 5.70 26.07 24.45
CA PRO B 614 5.18 25.95 23.09
C PRO B 614 6.27 25.53 22.09
N ARG B 615 5.86 24.80 21.05
CA ARG B 615 6.78 24.40 19.99
C ARG B 615 6.40 25.09 18.69
N PRO B 616 7.10 26.21 18.38
CA PRO B 616 6.80 26.98 17.17
C PRO B 616 7.00 26.15 15.91
N LEU B 617 6.18 26.43 14.89
CA LEU B 617 6.29 25.74 13.61
C LEU B 617 7.45 26.31 12.81
N LYS B 618 8.07 25.47 12.00
CA LYS B 618 9.08 25.96 11.07
C LYS B 618 8.52 25.92 9.66
N LEU B 619 8.40 27.09 9.05
CA LEU B 619 7.77 27.20 7.74
C LEU B 619 8.77 27.63 6.67
N VAL B 620 8.67 27.00 5.50
CA VAL B 620 9.55 27.33 4.38
C VAL B 620 8.71 27.68 3.16
N HIS B 621 8.94 28.86 2.58
CA HIS B 621 8.21 29.31 1.39
C HIS B 621 8.83 28.70 0.14
N GLU B 622 8.29 27.57 -0.29
CA GLU B 622 8.84 26.78 -1.39
C GLU B 622 8.63 27.38 -2.78
N ALA B 623 7.54 28.12 -2.97
CA ALA B 623 7.22 28.74 -4.24
C ALA B 623 6.12 29.80 -4.09
N GLY B 624 6.12 30.78 -4.99
CA GLY B 624 5.17 31.88 -4.92
C GLY B 624 5.90 33.18 -4.64
N ASP B 625 5.21 34.31 -4.83
CA ASP B 625 5.84 35.61 -4.65
C ASP B 625 5.14 36.46 -3.59
N THR B 626 4.26 35.84 -2.81
CA THR B 626 3.63 36.53 -1.68
C THR B 626 4.65 36.71 -0.57
N PRO B 627 4.73 37.93 -0.02
CA PRO B 627 5.68 38.23 1.06
C PRO B 627 5.48 37.32 2.27
N LEU B 628 6.56 37.01 2.97
CA LEU B 628 6.53 36.10 4.12
C LEU B 628 5.55 36.54 5.20
N GLU B 629 5.52 37.84 5.46
CA GLU B 629 4.67 38.41 6.51
C GLU B 629 3.20 38.10 6.24
N ALA B 630 2.79 38.22 4.98
CA ALA B 630 1.41 37.94 4.61
C ALA B 630 1.06 36.47 4.79
N LEU B 631 1.95 35.58 4.32
CA LEU B 631 1.78 34.14 4.50
C LEU B 631 1.62 33.79 5.97
N ALA B 632 2.52 34.31 6.79
CA ALA B 632 2.50 34.05 8.23
C ALA B 632 1.20 34.56 8.85
N HIS B 633 0.76 35.72 8.38
CA HIS B 633 -0.52 36.29 8.78
C HIS B 633 -1.68 35.31 8.52
N GLN B 634 -1.78 34.86 7.27
CA GLN B 634 -2.89 34.00 6.89
C GLN B 634 -2.85 32.63 7.58
N ILE B 635 -1.68 32.02 7.65
CA ILE B 635 -1.54 30.71 8.31
C ILE B 635 -1.87 30.80 9.80
N PHE B 636 -1.32 31.81 10.46
CA PHE B 636 -1.61 32.06 11.86
C PHE B 636 -3.11 32.23 12.07
N HIS B 637 -3.76 33.05 11.23
CA HIS B 637 -5.20 33.26 11.38
C HIS B 637 -5.99 31.98 11.08
N LEU B 638 -5.48 31.17 10.17
CA LEU B 638 -6.14 29.92 9.77
C LEU B 638 -6.11 28.88 10.89
N THR B 639 -5.15 28.98 11.81
CA THR B 639 -5.18 28.09 12.99
C THR B 639 -6.47 28.20 13.81
N ARG B 640 -7.17 29.33 13.68
CA ARG B 640 -8.33 29.64 14.52
C ARG B 640 -9.67 29.26 13.88
N LEU B 641 -9.62 28.82 12.62
CA LEU B 641 -10.82 28.48 11.85
C LEU B 641 -11.39 27.11 12.21
N TYR B 642 -10.65 26.31 12.96
CA TYR B 642 -11.09 24.95 13.27
C TYR B 642 -12.34 24.93 14.16
N PRO B 643 -13.42 24.29 13.67
CA PRO B 643 -14.73 24.37 14.32
C PRO B 643 -15.00 23.28 15.36
N ALA B 644 -14.18 22.24 15.43
CA ALA B 644 -14.47 21.09 16.30
C ALA B 644 -13.78 21.18 17.66
N SER B 645 -12.93 22.19 17.83
CA SER B 645 -12.31 22.45 19.12
C SER B 645 -12.86 23.75 19.69
N GLY B 646 -13.77 23.64 20.65
CA GLY B 646 -14.48 24.80 21.15
C GLY B 646 -13.73 25.73 22.09
N PHE B 647 -12.60 25.27 22.63
CA PHE B 647 -11.93 26.01 23.70
C PHE B 647 -10.42 26.13 23.52
N ALA B 648 -9.88 25.47 22.49
CA ALA B 648 -8.44 25.52 22.24
C ALA B 648 -8.16 25.40 20.76
N PHE B 649 -7.49 26.41 20.21
CA PHE B 649 -7.13 26.40 18.80
C PHE B 649 -6.01 25.41 18.55
N PRO B 650 -6.04 24.74 17.38
CA PRO B 650 -4.96 23.82 17.00
C PRO B 650 -3.71 24.56 16.60
N ARG B 651 -2.56 23.93 16.78
CA ARG B 651 -1.27 24.47 16.37
C ARG B 651 -1.20 24.69 14.85
N LEU B 652 -1.71 23.71 14.09
CA LEU B 652 -1.68 23.76 12.65
C LEU B 652 -2.85 24.58 12.10
N PRO B 653 -2.64 25.27 10.96
CA PRO B 653 -3.74 25.95 10.29
C PRO B 653 -4.85 24.97 9.91
N ALA B 654 -6.11 25.40 9.95
CA ALA B 654 -7.24 24.49 9.78
C ALA B 654 -7.12 23.48 8.62
N PRO B 655 -6.73 23.93 7.41
CA PRO B 655 -6.66 22.93 6.32
C PRO B 655 -5.74 21.74 6.60
N LEU B 656 -4.62 21.98 7.29
CA LEU B 656 -3.70 20.90 7.62
C LEU B 656 -4.21 20.03 8.77
N HIS B 657 -4.76 20.66 9.80
CA HIS B 657 -5.37 19.94 10.90
C HIS B 657 -6.47 19.01 10.39
N LEU B 658 -7.33 19.56 9.54
CA LEU B 658 -8.39 18.79 8.87
C LEU B 658 -7.83 17.67 8.01
N ALA B 659 -6.83 17.98 7.17
CA ALA B 659 -6.23 16.97 6.30
C ALA B 659 -5.63 15.80 7.09
N ASP B 660 -4.89 16.14 8.13
CA ASP B 660 -4.35 15.16 9.06
C ASP B 660 -5.44 14.27 9.66
N ARG B 661 -6.48 14.89 10.23
CA ARG B 661 -7.60 14.11 10.75
C ARG B 661 -8.22 13.19 9.69
N LEU B 662 -8.38 13.73 8.48
CA LEU B 662 -8.94 13.00 7.36
C LEU B 662 -8.16 11.73 7.05
N VAL B 663 -6.86 11.90 6.74
CA VAL B 663 -6.08 10.72 6.34
C VAL B 663 -5.90 9.76 7.51
N LYS B 664 -5.89 10.28 8.73
CA LYS B 664 -5.86 9.44 9.92
C LYS B 664 -7.09 8.53 9.97
N GLU B 665 -8.27 9.13 9.77
CA GLU B 665 -9.49 8.36 9.91
C GLU B 665 -9.68 7.40 8.74
N VAL B 666 -9.27 7.80 7.55
CA VAL B 666 -9.36 6.90 6.40
C VAL B 666 -8.42 5.73 6.58
N GLY B 667 -7.22 6.01 7.08
CA GLY B 667 -6.27 4.96 7.41
C GLY B 667 -6.84 4.01 8.45
N ARG B 668 -7.62 4.56 9.37
CA ARG B 668 -8.20 3.81 10.47
C ARG B 668 -9.39 2.94 10.05
N LEU B 669 -10.27 3.48 9.20
CA LEU B 669 -11.52 2.82 8.86
C LEU B 669 -11.47 2.18 7.47
N GLY B 670 -10.66 2.74 6.59
CA GLY B 670 -10.63 2.31 5.20
C GLY B 670 -11.42 3.29 4.34
N ILE B 671 -11.04 3.37 3.07
CA ILE B 671 -11.64 4.36 2.17
C ILE B 671 -12.97 3.90 1.56
N ARG B 672 -13.26 2.60 1.66
CA ARG B 672 -14.42 2.01 0.98
C ARG B 672 -15.78 2.55 1.47
N HIS B 673 -15.78 3.24 2.61
CA HIS B 673 -17.02 3.68 3.23
C HIS B 673 -17.45 5.10 2.84
N LEU B 674 -16.63 5.78 2.05
CA LEU B 674 -16.77 7.23 1.89
C LEU B 674 -17.58 7.71 0.68
N LYS B 675 -18.17 6.77 -0.06
CA LYS B 675 -18.76 7.13 -1.35
C LYS B 675 -19.97 8.06 -1.24
N GLU B 676 -20.82 7.81 -0.25
CA GLU B 676 -22.06 8.59 -0.11
C GLU B 676 -21.93 9.72 0.91
N VAL B 677 -20.73 9.93 1.43
CA VAL B 677 -20.51 10.98 2.42
C VAL B 677 -20.23 12.32 1.74
N ASP B 678 -20.98 13.35 2.11
CA ASP B 678 -20.79 14.69 1.52
C ASP B 678 -19.44 15.31 1.92
N ARG B 679 -18.82 16.00 0.99
CA ARG B 679 -17.51 16.60 1.21
C ARG B 679 -17.56 17.78 2.19
N GLU B 680 -18.72 18.41 2.33
CA GLU B 680 -18.85 19.53 3.27
C GLU B 680 -19.03 19.01 4.69
N LYS B 681 -19.24 17.71 4.84
CA LYS B 681 -19.45 17.10 6.14
C LYS B 681 -18.15 16.58 6.72
N LEU B 682 -17.67 17.21 7.78
CA LEU B 682 -16.36 16.88 8.36
C LEU B 682 -16.42 15.63 9.26
N PHE B 683 -16.62 14.47 8.63
CA PHE B 683 -16.89 13.22 9.35
C PHE B 683 -15.77 12.75 10.27
N PHE B 684 -14.57 13.24 10.01
CA PHE B 684 -13.37 12.77 10.71
C PHE B 684 -12.95 13.63 11.92
N VAL B 685 -13.73 14.62 12.30
CA VAL B 685 -13.33 15.45 13.45
C VAL B 685 -13.70 14.82 14.79
#